data_7LFS
#
_entry.id   7LFS
#
_cell.length_a   77.974
_cell.length_b   201.331
_cell.length_c   92.148
_cell.angle_alpha   90.000
_cell.angle_beta   99.040
_cell.angle_gamma   90.000
#
_symmetry.space_group_name_H-M   'P 1 21 1'
#
loop_
_entity.id
_entity.type
_entity.pdbx_description
1 polymer 'Isoform 4 of Epidermal growth factor receptor'
2 polymer Proepiregulin
3 branched alpha-D-mannopyranose-(1-3)-beta-D-mannopyranose-(1-4)-2-acetamido-2-deoxy-beta-D-glucopyranose-(1-4)-2-acetamido-2-deoxy-beta-D-glucopyranose
4 branched alpha-D-mannopyranose-(1-3)-[alpha-D-mannopyranose-(1-6)]beta-D-mannopyranose-(1-4)-2-acetamido-2-deoxy-beta-D-glucopyranose-(1-4)-2-acetamido-2-deoxy-beta-D-glucopyranose
5 branched 2-acetamido-2-deoxy-beta-D-glucopyranose-(1-4)-2-acetamido-2-deoxy-beta-D-glucopyranose
6 non-polymer 2-acetamido-2-deoxy-beta-D-glucopyranose
#
loop_
_entity_poly.entity_id
_entity_poly.type
_entity_poly.pdbx_seq_one_letter_code
_entity_poly.pdbx_strand_id
1 'polypeptide(L)'
;LEEKKVCQGTSNKLTQLGTFEDHFLSLQRMFNNCEVVLGNLEITYVQRNYDLSFLKTIQEVAGYVLIALNTVERIPLENL
QIIRGNMYYENSYALAVLSNYDANKTGLKELPMRNLQEILHGAVRFSNNPALCNVESIQWRDIVSSDFLSNMSMDFQNHL
GSCQKCDPSCPNGSCWGAGEENCQKLTKIICAQQCSGRCRGKSPSDCCHNQCAAGCTGPRESDCLVCRKFRDEATCKDTC
PPLMLYNPTTYQMDVNPEGKYSFGVTCVKKCPRNYVVTDHGSCVRACGADSYEMEEDGVRKCKKCEGPCRKVCNGIGIGE
FKDSLSINATNIKHFKNCTSISGDLHILPVAFRGDSFTHTPPLDPQELDILKTVKEITGFLLIQAWPENRTDLHAFENLE
IIRGRTKQHGQFSLAVVSLNITSLGLRSLKEISDGDVIISGNKNLCYANTINWKKLFGTSGQKTKIISNRGENSCKATGQ
VCHALCSPEGCWGPEPRDCVSHHHHHH
;
A,B,C,D
2 'polypeptide(L)' VSITKCSSDMNGYCLHGQCIYLVDMSQNYCRCEVGYTGVRCEHFFLTV E,F,G,H
#
loop_
_chem_comp.id
_chem_comp.type
_chem_comp.name
_chem_comp.formula
BMA D-saccharide, beta linking beta-D-mannopyranose 'C6 H12 O6'
MAN D-saccharide, alpha linking alpha-D-mannopyranose 'C6 H12 O6'
NAG D-saccharide, beta linking 2-acetamido-2-deoxy-beta-D-glucopyranose 'C8 H15 N O6'
#
# COMPACT_ATOMS: atom_id res chain seq x y z
N GLU A 2 -25.69 -22.60 23.81
CA GLU A 2 -25.18 -21.27 23.52
C GLU A 2 -24.33 -21.26 22.26
N GLU A 3 -23.20 -21.98 22.31
CA GLU A 3 -22.25 -22.08 21.20
C GLU A 3 -21.81 -20.66 20.85
N LYS A 4 -21.91 -20.22 19.59
CA LYS A 4 -21.58 -18.86 19.19
C LYS A 4 -22.70 -18.32 18.32
N LYS A 5 -23.34 -17.25 18.78
CA LYS A 5 -24.40 -16.62 18.02
C LYS A 5 -23.80 -15.73 16.94
N VAL A 6 -24.28 -15.88 15.70
CA VAL A 6 -23.63 -15.32 14.53
C VAL A 6 -24.64 -14.52 13.72
N CYS A 7 -24.20 -13.38 13.18
CA CYS A 7 -24.98 -12.59 12.26
C CYS A 7 -24.16 -12.29 11.01
N GLN A 8 -24.84 -12.21 9.87
CA GLN A 8 -24.14 -12.05 8.60
C GLN A 8 -23.52 -10.67 8.43
N GLY A 9 -24.07 -9.66 9.11
CA GLY A 9 -23.59 -8.30 8.94
C GLY A 9 -24.25 -7.61 7.76
N THR A 10 -23.81 -6.38 7.52
CA THR A 10 -24.37 -5.54 6.47
C THR A 10 -23.26 -4.87 5.68
N SER A 11 -23.46 -4.76 4.37
CA SER A 11 -22.49 -4.15 3.47
C SER A 11 -23.11 -2.99 2.68
N ASN A 12 -24.10 -2.33 3.28
CA ASN A 12 -24.80 -1.23 2.59
C ASN A 12 -24.00 0.06 2.55
N LYS A 13 -22.75 0.06 3.02
CA LYS A 13 -21.87 1.23 3.03
C LYS A 13 -22.57 2.32 3.84
N LEU A 14 -22.75 3.54 3.30
CA LEU A 14 -23.45 4.59 4.01
C LEU A 14 -24.75 4.94 3.30
N THR A 15 -25.67 3.97 3.24
CA THR A 15 -26.93 4.11 2.53
C THR A 15 -28.08 4.02 3.52
N GLN A 16 -29.00 4.97 3.44
CA GLN A 16 -30.15 5.00 4.33
C GLN A 16 -31.20 3.98 3.88
N LEU A 17 -31.87 3.39 4.87
CA LEU A 17 -32.90 2.38 4.63
C LEU A 17 -34.27 3.00 4.95
N GLY A 18 -34.70 3.93 4.12
CA GLY A 18 -35.97 4.59 4.34
C GLY A 18 -35.86 5.61 5.44
N THR A 19 -36.82 5.60 6.36
CA THR A 19 -36.78 6.52 7.49
C THR A 19 -35.69 6.10 8.47
N PHE A 20 -35.39 6.99 9.42
CA PHE A 20 -34.40 6.70 10.44
C PHE A 20 -34.84 5.53 11.31
N GLU A 21 -36.13 5.49 11.66
CA GLU A 21 -36.64 4.43 12.52
C GLU A 21 -36.61 3.08 11.80
N ASP A 22 -36.95 3.05 10.52
CA ASP A 22 -36.87 1.80 9.75
C ASP A 22 -35.43 1.30 9.70
N HIS A 23 -34.48 2.21 9.50
CA HIS A 23 -33.07 1.85 9.47
C HIS A 23 -32.62 1.25 10.80
N PHE A 24 -32.99 1.91 11.90
CA PHE A 24 -32.63 1.38 13.22
C PHE A 24 -33.29 0.03 13.48
N LEU A 25 -34.54 -0.13 13.03
CA LEU A 25 -35.20 -1.43 13.14
C LEU A 25 -34.40 -2.51 12.45
N SER A 26 -34.09 -2.31 11.17
CA SER A 26 -33.31 -3.30 10.42
C SER A 26 -32.00 -3.61 11.12
N LEU A 27 -31.33 -2.58 11.65
CA LEU A 27 -30.09 -2.80 12.37
C LEU A 27 -30.29 -3.73 13.57
N GLN A 28 -31.33 -3.46 14.37
CA GLN A 28 -31.50 -4.28 15.57
C GLN A 28 -31.92 -5.70 15.23
N ARG A 29 -32.68 -5.90 14.14
CA ARG A 29 -32.94 -7.27 13.69
C ARG A 29 -31.63 -7.97 13.35
N MET A 30 -30.76 -7.31 12.60
CA MET A 30 -29.54 -7.99 12.15
C MET A 30 -28.61 -8.31 13.32
N PHE A 31 -28.46 -7.38 14.27
CA PHE A 31 -27.43 -7.54 15.30
C PHE A 31 -27.98 -7.83 16.70
N ASN A 32 -29.22 -8.30 16.82
CA ASN A 32 -29.70 -8.73 18.13
C ASN A 32 -29.03 -10.04 18.52
N ASN A 33 -28.45 -10.07 19.71
CA ASN A 33 -27.84 -11.26 20.32
C ASN A 33 -26.63 -11.76 19.55
N CYS A 34 -26.11 -10.99 18.59
CA CYS A 34 -25.05 -11.48 17.71
C CYS A 34 -23.71 -11.39 18.45
N GLU A 35 -23.15 -12.55 18.79
CA GLU A 35 -21.86 -12.58 19.47
C GLU A 35 -20.69 -12.41 18.50
N VAL A 36 -20.82 -12.93 17.28
CA VAL A 36 -19.77 -12.85 16.27
C VAL A 36 -20.38 -12.42 14.96
N VAL A 37 -19.83 -11.37 14.36
CA VAL A 37 -20.30 -10.83 13.09
C VAL A 37 -19.40 -11.37 11.99
N LEU A 38 -19.95 -12.22 11.12
CA LEU A 38 -19.16 -12.72 9.99
C LEU A 38 -18.83 -11.61 9.00
N GLY A 39 -19.72 -10.64 8.82
CA GLY A 39 -19.54 -9.61 7.83
C GLY A 39 -19.12 -8.28 8.44
N ASN A 40 -19.73 -7.22 7.95
CA ASN A 40 -19.35 -5.85 8.33
C ASN A 40 -20.39 -5.28 9.29
N LEU A 41 -19.90 -4.69 10.38
CA LEU A 41 -20.78 -4.05 11.37
C LEU A 41 -20.87 -2.57 11.04
N GLU A 42 -22.02 -2.14 10.55
CA GLU A 42 -22.26 -0.75 10.18
C GLU A 42 -23.30 -0.15 11.11
N ILE A 43 -22.89 0.90 11.82
CA ILE A 43 -23.77 1.67 12.70
C ILE A 43 -23.87 3.06 12.09
N THR A 44 -24.94 3.30 11.35
CA THR A 44 -25.10 4.52 10.57
C THR A 44 -26.52 5.04 10.72
N TYR A 45 -26.64 6.37 10.64
CA TYR A 45 -27.95 7.05 10.63
C TYR A 45 -28.75 6.74 11.89
N VAL A 46 -28.07 6.62 13.03
CA VAL A 46 -28.72 6.31 14.29
C VAL A 46 -28.94 7.61 15.05
N GLN A 47 -30.01 7.69 15.82
CA GLN A 47 -30.47 8.93 16.41
C GLN A 47 -30.31 8.94 17.92
N ARG A 48 -30.27 10.15 18.48
CA ARG A 48 -30.07 10.34 19.90
C ARG A 48 -31.22 9.73 20.71
N ASN A 49 -30.88 9.22 21.89
CA ASN A 49 -31.84 8.59 22.80
C ASN A 49 -32.46 7.33 22.20
N TYR A 50 -31.73 6.65 21.33
CA TYR A 50 -32.14 5.37 20.77
C TYR A 50 -31.31 4.27 21.40
N ASP A 51 -31.98 3.25 21.94
CA ASP A 51 -31.28 2.19 22.64
C ASP A 51 -30.37 1.42 21.69
N LEU A 52 -29.11 1.24 22.09
CA LEU A 52 -28.12 0.53 21.30
C LEU A 52 -27.41 -0.54 22.14
N SER A 53 -28.02 -0.98 23.24
CA SER A 53 -27.36 -1.85 24.20
C SER A 53 -27.08 -3.24 23.64
N PHE A 54 -27.83 -3.67 22.62
CA PHE A 54 -27.59 -5.00 22.04
C PHE A 54 -26.16 -5.15 21.57
N LEU A 55 -25.54 -4.05 21.15
CA LEU A 55 -24.15 -4.08 20.68
C LEU A 55 -23.19 -4.58 21.75
N LYS A 56 -23.61 -4.59 23.01
CA LYS A 56 -22.76 -5.14 24.07
C LYS A 56 -22.48 -6.62 23.84
N THR A 57 -23.40 -7.33 23.19
CA THR A 57 -23.22 -8.77 23.00
C THR A 57 -22.14 -9.08 21.97
N ILE A 58 -21.88 -8.15 21.05
CA ILE A 58 -20.94 -8.41 19.96
C ILE A 58 -19.52 -8.53 20.52
N GLN A 59 -18.91 -9.69 20.30
CA GLN A 59 -17.52 -9.93 20.69
C GLN A 59 -16.57 -9.81 19.51
N GLU A 60 -16.98 -10.25 18.32
CA GLU A 60 -16.10 -10.30 17.17
C GLU A 60 -16.77 -9.64 15.97
N VAL A 61 -15.93 -9.07 15.10
CA VAL A 61 -16.36 -8.56 13.79
C VAL A 61 -15.27 -8.97 12.80
N ALA A 62 -15.62 -9.86 11.86
CA ALA A 62 -14.63 -10.38 10.93
C ALA A 62 -14.27 -9.35 9.86
N GLY A 63 -15.25 -8.56 9.42
CA GLY A 63 -15.00 -7.57 8.39
C GLY A 63 -14.49 -6.25 8.93
N TYR A 64 -15.22 -5.17 8.67
CA TYR A 64 -14.86 -3.84 9.15
C TYR A 64 -15.97 -3.28 10.02
N VAL A 65 -15.61 -2.33 10.87
CA VAL A 65 -16.55 -1.62 11.72
C VAL A 65 -16.64 -0.18 11.21
N LEU A 66 -17.85 0.21 10.79
CA LEU A 66 -18.13 1.56 10.33
C LEU A 66 -19.11 2.20 11.30
N ILE A 67 -18.80 3.42 11.75
CA ILE A 67 -19.65 4.17 12.67
C ILE A 67 -19.73 5.59 12.12
N ALA A 68 -20.91 5.96 11.61
CA ALA A 68 -21.01 7.23 10.90
C ALA A 68 -22.42 7.77 10.97
N LEU A 69 -22.53 9.09 10.78
CA LEU A 69 -23.81 9.79 10.71
C LEU A 69 -24.69 9.50 11.92
N ASN A 70 -24.06 9.48 13.10
CA ASN A 70 -24.73 9.15 14.34
C ASN A 70 -24.83 10.39 15.22
N THR A 71 -26.05 10.76 15.57
CA THR A 71 -26.30 11.80 16.57
C THR A 71 -26.38 11.24 17.97
N VAL A 72 -26.02 9.96 18.16
CA VAL A 72 -26.16 9.27 19.43
C VAL A 72 -25.04 9.71 20.37
N GLU A 73 -25.33 9.68 21.68
CA GLU A 73 -24.30 9.99 22.66
C GLU A 73 -23.37 8.80 22.90
N ARG A 74 -23.91 7.58 22.95
CA ARG A 74 -23.12 6.41 23.31
C ARG A 74 -23.50 5.21 22.46
N ILE A 75 -22.50 4.54 21.90
CA ILE A 75 -22.62 3.24 21.26
C ILE A 75 -21.86 2.23 22.12
N PRO A 76 -22.55 1.21 22.67
CA PRO A 76 -21.91 0.31 23.66
C PRO A 76 -21.31 -0.96 23.07
N LEU A 77 -20.19 -0.81 22.36
CA LEU A 77 -19.40 -1.98 21.97
C LEU A 77 -18.41 -2.33 23.09
N GLU A 78 -18.98 -2.66 24.25
CA GLU A 78 -18.16 -2.88 25.45
C GLU A 78 -17.34 -4.16 25.33
N ASN A 79 -17.90 -5.21 24.73
CA ASN A 79 -17.26 -6.51 24.72
C ASN A 79 -16.61 -6.85 23.38
N LEU A 80 -16.58 -5.92 22.43
CA LEU A 80 -15.89 -6.17 21.17
C LEU A 80 -14.39 -6.23 21.42
N GLN A 81 -13.76 -7.30 20.94
CA GLN A 81 -12.36 -7.58 21.26
C GLN A 81 -11.45 -7.74 20.06
N ILE A 82 -11.98 -7.95 18.86
CA ILE A 82 -11.14 -8.21 17.69
C ILE A 82 -11.84 -7.71 16.44
N ILE A 83 -11.05 -7.20 15.50
CA ILE A 83 -11.51 -6.86 14.15
C ILE A 83 -10.55 -7.56 13.19
N ARG A 84 -11.03 -8.63 12.54
CA ARG A 84 -10.14 -9.47 11.75
C ARG A 84 -9.63 -8.74 10.50
N GLY A 85 -10.40 -7.79 9.99
CA GLY A 85 -9.98 -7.06 8.80
C GLY A 85 -10.07 -7.85 7.52
N ASN A 86 -10.99 -8.81 7.44
CA ASN A 86 -11.17 -9.55 6.19
C ASN A 86 -11.71 -8.66 5.08
N MET A 87 -12.44 -7.61 5.45
CA MET A 87 -12.97 -6.64 4.49
C MET A 87 -12.61 -5.23 4.98
N TYR A 88 -12.07 -4.42 4.08
CA TYR A 88 -11.69 -3.05 4.40
C TYR A 88 -12.74 -2.09 3.88
N TYR A 89 -12.96 -1.00 4.62
CA TYR A 89 -13.77 0.11 4.16
C TYR A 89 -12.84 1.17 3.58
N GLU A 90 -13.18 1.67 2.39
CA GLU A 90 -12.35 2.60 1.62
C GLU A 90 -11.00 1.99 1.27
N ASN A 91 -10.92 0.66 1.24
CA ASN A 91 -9.77 -0.15 0.82
C ASN A 91 -8.58 -0.08 1.77
N SER A 92 -8.70 0.58 2.94
CA SER A 92 -7.54 0.70 3.80
C SER A 92 -7.89 0.94 5.27
N TYR A 93 -9.15 0.76 5.66
CA TYR A 93 -9.55 1.03 7.03
C TYR A 93 -10.47 -0.07 7.54
N ALA A 94 -10.03 -0.78 8.57
CA ALA A 94 -10.87 -1.77 9.22
C ALA A 94 -11.81 -1.14 10.24
N LEU A 95 -11.42 -0.03 10.84
CA LEU A 95 -12.26 0.71 11.77
C LEU A 95 -12.37 2.15 11.30
N ALA A 96 -13.59 2.62 11.11
CA ALA A 96 -13.83 3.97 10.63
C ALA A 96 -14.90 4.62 11.49
N VAL A 97 -14.58 5.78 12.07
CA VAL A 97 -15.53 6.60 12.81
C VAL A 97 -15.54 7.97 12.15
N LEU A 98 -16.61 8.25 11.41
CA LEU A 98 -16.62 9.39 10.49
C LEU A 98 -17.89 10.21 10.66
N SER A 99 -17.72 11.53 10.73
CA SER A 99 -18.81 12.50 10.63
C SER A 99 -19.93 12.19 11.61
N ASN A 100 -19.57 12.02 12.88
CA ASN A 100 -20.54 11.77 13.94
C ASN A 100 -20.87 13.09 14.64
N TYR A 101 -21.61 13.93 13.93
CA TYR A 101 -22.02 15.23 14.44
C TYR A 101 -23.54 15.35 14.33
N ASP A 102 -24.05 16.51 14.75
CA ASP A 102 -25.49 16.74 14.87
C ASP A 102 -25.76 18.21 14.58
N ALA A 103 -27.05 18.55 14.50
CA ALA A 103 -27.42 19.96 14.49
C ALA A 103 -26.86 20.67 15.70
N ASN A 104 -27.01 20.07 16.87
CA ASN A 104 -26.24 20.49 18.03
C ASN A 104 -24.79 20.06 17.88
N LYS A 105 -23.89 20.79 18.53
CA LYS A 105 -22.46 20.56 18.33
C LYS A 105 -22.05 19.15 18.71
N THR A 106 -22.66 18.60 19.76
CA THR A 106 -22.26 17.28 20.25
C THR A 106 -22.80 16.19 19.34
N GLY A 107 -21.95 15.20 19.07
CA GLY A 107 -22.34 14.02 18.33
C GLY A 107 -22.10 12.75 19.14
N LEU A 108 -21.19 11.90 18.66
CA LEU A 108 -20.80 10.72 19.41
C LEU A 108 -19.75 11.07 20.44
N LYS A 109 -19.97 10.65 21.69
CA LYS A 109 -19.07 10.95 22.79
C LYS A 109 -18.51 9.71 23.49
N GLU A 110 -19.19 8.57 23.45
CA GLU A 110 -18.81 7.39 24.21
C GLU A 110 -18.61 6.21 23.27
N LEU A 111 -17.41 5.65 23.25
CA LEU A 111 -17.10 4.45 22.48
C LEU A 111 -16.23 3.54 23.35
N PRO A 112 -16.83 2.87 24.32
CA PRO A 112 -16.06 2.09 25.32
C PRO A 112 -15.71 0.68 24.85
N MET A 113 -14.87 0.60 23.81
CA MET A 113 -14.36 -0.69 23.33
C MET A 113 -13.14 -1.11 24.15
N ARG A 114 -13.36 -1.29 25.45
CA ARG A 114 -12.24 -1.58 26.35
C ARG A 114 -11.60 -2.92 26.02
N ASN A 115 -12.40 -3.92 25.65
CA ASN A 115 -11.88 -5.24 25.33
C ASN A 115 -11.16 -5.29 23.99
N LEU A 116 -11.32 -4.28 23.14
CA LEU A 116 -10.66 -4.26 21.85
C LEU A 116 -9.14 -4.25 22.03
N GLN A 117 -8.48 -5.26 21.47
CA GLN A 117 -7.04 -5.42 21.65
C GLN A 117 -6.27 -5.70 20.37
N GLU A 118 -6.89 -6.24 19.33
CA GLU A 118 -6.19 -6.52 18.08
C GLU A 118 -7.09 -6.27 16.88
N ILE A 119 -6.52 -5.61 15.88
CA ILE A 119 -7.09 -5.51 14.55
C ILE A 119 -6.10 -6.19 13.61
N LEU A 120 -6.42 -7.42 13.20
CA LEU A 120 -5.46 -8.24 12.47
C LEU A 120 -5.03 -7.57 11.18
N HIS A 121 -5.96 -6.98 10.45
CA HIS A 121 -5.67 -6.37 9.17
C HIS A 121 -6.40 -5.04 9.05
N GLY A 122 -5.78 -4.09 8.36
CA GLY A 122 -6.38 -2.80 8.11
C GLY A 122 -5.88 -1.72 9.06
N ALA A 123 -6.38 -0.51 8.84
CA ALA A 123 -6.03 0.66 9.62
C ALA A 123 -7.30 1.26 10.23
N VAL A 124 -7.13 2.39 10.93
CA VAL A 124 -8.21 3.07 11.61
C VAL A 124 -8.26 4.51 11.13
N ARG A 125 -9.46 5.04 10.95
CA ARG A 125 -9.65 6.44 10.56
C ARG A 125 -10.71 7.09 11.44
N PHE A 126 -10.36 8.25 11.98
CA PHE A 126 -11.27 9.08 12.76
C PHE A 126 -11.38 10.43 12.07
N SER A 127 -12.61 10.90 11.86
CA SER A 127 -12.77 12.20 11.22
C SER A 127 -14.10 12.83 11.58
N ASN A 128 -14.08 14.16 11.75
CA ASN A 128 -15.28 14.96 11.97
C ASN A 128 -16.07 14.48 13.19
N ASN A 129 -15.34 14.24 14.28
CA ASN A 129 -15.95 13.82 15.54
C ASN A 129 -15.81 14.92 16.58
N PRO A 130 -16.87 15.69 16.84
CA PRO A 130 -16.77 16.84 17.77
C PRO A 130 -17.13 16.55 19.22
N ALA A 131 -17.45 15.30 19.57
CA ALA A 131 -17.80 14.98 20.95
C ALA A 131 -17.04 13.79 21.51
N LEU A 132 -16.21 13.13 20.71
CA LEU A 132 -15.50 11.93 21.15
C LEU A 132 -14.65 12.22 22.38
N CYS A 133 -14.59 11.25 23.29
CA CYS A 133 -13.93 11.43 24.58
C CYS A 133 -12.89 10.33 24.79
N ASN A 134 -11.66 10.75 25.08
CA ASN A 134 -10.59 9.87 25.57
C ASN A 134 -10.12 8.84 24.55
N VAL A 135 -10.82 8.69 23.43
CA VAL A 135 -10.31 7.86 22.35
C VAL A 135 -8.97 8.41 21.86
N GLU A 136 -8.77 9.72 22.02
CA GLU A 136 -7.49 10.34 21.67
C GLU A 136 -6.34 9.71 22.45
N SER A 137 -6.55 9.46 23.75
CA SER A 137 -5.49 8.91 24.58
C SER A 137 -5.14 7.47 24.22
N ILE A 138 -6.07 6.75 23.58
CA ILE A 138 -5.83 5.35 23.25
C ILE A 138 -4.67 5.26 22.26
N GLN A 139 -3.62 4.54 22.66
CA GLN A 139 -2.48 4.30 21.80
C GLN A 139 -2.73 3.05 20.96
N TRP A 140 -2.59 3.18 19.65
CA TRP A 140 -3.01 2.16 18.70
C TRP A 140 -1.85 1.29 18.20
N ARG A 141 -0.67 1.39 18.82
CA ARG A 141 0.42 0.49 18.44
C ARG A 141 0.11 -0.94 18.84
N ASP A 142 -0.51 -1.13 20.00
CA ASP A 142 -0.89 -2.48 20.44
C ASP A 142 -2.05 -3.02 19.63
N ILE A 143 -2.98 -2.16 19.23
CA ILE A 143 -4.23 -2.62 18.63
C ILE A 143 -4.06 -2.90 17.14
N VAL A 144 -3.38 -2.01 16.43
CA VAL A 144 -3.29 -2.09 14.97
C VAL A 144 -1.97 -2.75 14.59
N SER A 145 -2.01 -3.50 13.48
CA SER A 145 -0.81 -4.17 12.99
C SER A 145 0.25 -3.17 12.56
N SER A 146 1.51 -3.57 12.72
CA SER A 146 2.63 -2.68 12.40
C SER A 146 2.69 -2.37 10.91
N ASP A 147 2.31 -3.33 10.05
CA ASP A 147 2.41 -3.11 8.62
C ASP A 147 1.39 -2.08 8.13
N PHE A 148 0.21 -2.04 8.74
CA PHE A 148 -0.85 -1.13 8.34
C PHE A 148 -0.85 0.16 9.15
N LEU A 149 0.17 0.41 9.96
CA LEU A 149 0.19 1.61 10.79
C LEU A 149 0.27 2.88 9.95
N SER A 150 0.97 2.84 8.82
CA SER A 150 1.15 4.03 8.01
C SER A 150 -0.17 4.51 7.41
N ASN A 151 -1.05 3.57 7.04
CA ASN A 151 -2.32 3.94 6.43
C ASN A 151 -3.29 4.59 7.40
N MET A 152 -3.01 4.55 8.70
CA MET A 152 -3.90 5.16 9.67
C MET A 152 -3.96 6.67 9.47
N SER A 153 -5.18 7.23 9.49
CA SER A 153 -5.41 8.65 9.33
C SER A 153 -6.45 9.08 10.37
N MET A 154 -6.03 9.16 11.63
CA MET A 154 -6.90 9.48 12.75
C MET A 154 -6.63 10.90 13.19
N ASP A 155 -7.66 11.75 13.11
CA ASP A 155 -7.58 13.14 13.56
C ASP A 155 -8.85 13.48 14.32
N PHE A 156 -8.70 13.94 15.55
CA PHE A 156 -9.82 14.28 16.41
C PHE A 156 -10.00 15.79 16.46
N GLN A 157 -11.25 16.24 16.45
CA GLN A 157 -11.60 17.67 16.43
C GLN A 157 -12.67 17.92 17.47
N ASN A 158 -12.28 17.96 18.74
CA ASN A 158 -13.20 18.21 19.84
C ASN A 158 -12.51 19.11 20.85
N HIS A 159 -12.90 20.39 20.88
CA HIS A 159 -12.38 21.35 21.83
C HIS A 159 -13.40 21.68 22.92
N LEU A 160 -14.43 20.85 23.08
CA LEU A 160 -15.46 21.13 24.06
C LEU A 160 -14.91 21.11 25.48
N GLY A 161 -13.95 20.22 25.75
CA GLY A 161 -13.45 20.05 27.10
C GLY A 161 -14.41 19.39 28.05
N SER A 162 -15.59 18.97 27.59
CA SER A 162 -16.56 18.31 28.47
C SER A 162 -16.08 16.95 28.92
N CYS A 163 -15.21 16.31 28.14
CA CYS A 163 -14.72 14.98 28.49
C CYS A 163 -13.82 15.05 29.71
N GLN A 164 -13.89 14.01 30.55
CA GLN A 164 -13.11 13.96 31.77
C GLN A 164 -11.74 13.35 31.48
N LYS A 165 -11.00 13.02 32.53
CA LYS A 165 -9.63 12.53 32.42
C LYS A 165 -9.55 11.07 32.84
N CYS A 166 -8.43 10.44 32.49
CA CYS A 166 -8.24 9.03 32.77
C CYS A 166 -7.74 8.82 34.20
N ASP A 167 -7.95 7.60 34.69
CA ASP A 167 -7.72 7.19 36.06
C ASP A 167 -6.22 7.04 36.32
N PRO A 168 -5.76 7.22 37.56
CA PRO A 168 -4.32 7.08 37.81
C PRO A 168 -3.78 5.67 37.62
N SER A 169 -4.61 4.64 37.80
CA SER A 169 -4.14 3.26 37.61
C SER A 169 -4.01 2.88 36.14
N CYS A 170 -4.01 3.86 35.23
CA CYS A 170 -4.19 3.63 33.82
C CYS A 170 -2.86 3.78 33.10
N PRO A 171 -2.48 2.84 32.23
CA PRO A 171 -1.12 2.85 31.66
C PRO A 171 -0.92 4.00 30.69
N ASN A 172 0.07 4.85 30.98
CA ASN A 172 0.40 6.04 30.19
C ASN A 172 -0.79 6.96 30.00
N GLY A 173 -1.77 6.88 30.89
CA GLY A 173 -2.97 7.70 30.75
C GLY A 173 -3.82 7.39 29.54
N SER A 174 -3.68 6.20 28.97
CA SER A 174 -4.44 5.82 27.79
C SER A 174 -5.70 5.08 28.23
N CYS A 175 -6.84 5.74 28.12
CA CYS A 175 -8.11 5.20 28.58
C CYS A 175 -9.17 5.32 27.49
N TRP A 176 -10.09 4.35 27.47
CA TRP A 176 -11.17 4.39 26.49
C TRP A 176 -12.24 5.41 26.90
N GLY A 177 -12.73 5.32 28.12
CA GLY A 177 -13.71 6.26 28.63
C GLY A 177 -13.20 7.05 29.82
N ALA A 178 -13.63 6.67 31.02
CA ALA A 178 -13.19 7.34 32.24
C ALA A 178 -12.91 6.41 33.41
N GLY A 179 -13.62 5.28 33.53
CA GLY A 179 -13.40 4.39 34.64
C GLY A 179 -12.14 3.55 34.48
N GLU A 180 -11.79 2.86 35.57
CA GLU A 180 -10.63 1.98 35.53
C GLU A 180 -10.84 0.81 34.58
N GLU A 181 -12.09 0.39 34.39
CA GLU A 181 -12.38 -0.65 33.41
C GLU A 181 -12.15 -0.15 31.99
N ASN A 182 -12.28 1.15 31.76
CA ASN A 182 -12.11 1.73 30.44
C ASN A 182 -10.68 2.27 30.29
N CYS A 183 -9.74 1.34 30.23
CA CYS A 183 -8.33 1.68 30.03
C CYS A 183 -7.65 0.72 29.08
N GLN A 184 -6.49 1.16 28.61
CA GLN A 184 -5.66 0.37 27.72
C GLN A 184 -5.20 -0.91 28.41
N LYS A 185 -5.32 -2.03 27.72
CA LYS A 185 -4.73 -3.30 28.15
C LYS A 185 -3.65 -3.67 27.15
N LEU A 186 -2.40 -3.61 27.60
CA LEU A 186 -1.24 -3.82 26.72
C LEU A 186 -0.84 -5.28 26.77
N THR A 187 -0.99 -5.97 25.64
CA THR A 187 -0.54 -7.35 25.51
C THR A 187 0.50 -7.52 24.41
N LYS A 188 1.00 -6.41 23.85
CA LYS A 188 1.97 -6.48 22.76
C LYS A 188 3.21 -5.65 23.06
N ILE A 189 3.02 -4.42 23.56
CA ILE A 189 4.15 -3.53 23.80
C ILE A 189 4.89 -3.92 25.08
N ILE A 190 4.15 -4.31 26.12
CA ILE A 190 4.75 -4.64 27.41
C ILE A 190 5.45 -5.99 27.40
N CYS A 191 5.43 -6.71 26.27
CA CYS A 191 5.99 -8.05 26.22
C CYS A 191 7.52 -8.01 26.27
N ALA A 192 8.10 -9.13 26.71
CA ALA A 192 9.54 -9.31 26.70
C ALA A 192 10.01 -9.71 25.30
N GLN A 193 11.33 -9.66 25.11
CA GLN A 193 11.90 -10.08 23.84
C GLN A 193 11.80 -11.59 23.63
N GLN A 194 11.44 -12.35 24.66
CA GLN A 194 11.29 -13.79 24.53
C GLN A 194 9.91 -14.20 24.00
N CYS A 195 8.91 -13.34 24.13
CA CYS A 195 7.57 -13.67 23.66
C CYS A 195 7.50 -13.51 22.14
N SER A 196 6.68 -14.36 21.51
CA SER A 196 6.41 -14.28 20.08
C SER A 196 4.95 -13.89 19.91
N GLY A 197 4.72 -12.61 19.63
CA GLY A 197 3.36 -12.11 19.48
C GLY A 197 2.83 -11.43 20.71
N ARG A 198 1.83 -12.05 21.35
CA ARG A 198 1.19 -11.47 22.52
C ARG A 198 1.72 -12.09 23.80
N CYS A 199 1.33 -11.48 24.93
CA CYS A 199 1.81 -11.89 26.24
C CYS A 199 0.78 -11.50 27.29
N ARG A 200 0.71 -12.31 28.35
CA ARG A 200 -0.15 -12.00 29.49
C ARG A 200 0.52 -11.03 30.45
N GLY A 201 1.84 -11.14 30.61
CA GLY A 201 2.59 -10.21 31.43
C GLY A 201 3.96 -9.94 30.81
N LYS A 202 4.71 -9.08 31.48
CA LYS A 202 6.04 -8.73 31.01
C LYS A 202 7.06 -9.84 31.23
N SER A 203 6.84 -10.72 32.21
CA SER A 203 7.80 -11.76 32.52
C SER A 203 7.86 -12.78 31.39
N PRO A 204 9.02 -13.43 31.24
CA PRO A 204 9.13 -14.48 30.20
C PRO A 204 8.17 -15.64 30.43
N SER A 205 7.88 -15.97 31.68
CA SER A 205 6.93 -17.03 31.97
C SER A 205 5.53 -16.67 31.50
N ASP A 206 5.22 -15.38 31.40
CA ASP A 206 3.91 -14.91 30.97
C ASP A 206 4.00 -14.45 29.52
N CYS A 207 3.97 -15.42 28.61
CA CYS A 207 3.80 -15.18 27.18
C CYS A 207 2.52 -15.86 26.71
N CYS A 208 2.03 -15.43 25.56
CA CYS A 208 0.91 -16.09 24.90
C CYS A 208 1.43 -16.99 23.78
N HIS A 209 0.67 -18.05 23.50
CA HIS A 209 0.96 -18.88 22.34
C HIS A 209 0.76 -18.05 21.07
N ASN A 210 1.47 -18.44 20.01
CA ASN A 210 1.48 -17.63 18.80
C ASN A 210 0.09 -17.47 18.19
N GLN A 211 -0.80 -18.44 18.43
CA GLN A 211 -2.12 -18.43 17.82
C GLN A 211 -3.20 -17.89 18.78
N CYS A 212 -2.82 -17.08 19.76
CA CYS A 212 -3.73 -16.68 20.82
C CYS A 212 -4.51 -15.41 20.53
N ALA A 213 -4.23 -14.74 19.40
CA ALA A 213 -4.98 -13.58 18.94
C ALA A 213 -4.85 -12.45 19.97
N ALA A 214 -5.94 -11.96 20.56
CA ALA A 214 -5.89 -10.72 21.34
C ALA A 214 -5.08 -10.90 22.61
N GLY A 215 -5.41 -11.92 23.40
CA GLY A 215 -4.72 -12.13 24.67
C GLY A 215 -4.90 -13.55 25.15
N CYS A 216 -4.31 -13.83 26.31
CA CYS A 216 -4.39 -15.16 26.90
C CYS A 216 -4.41 -15.04 28.41
N THR A 217 -4.89 -16.10 29.05
CA THR A 217 -4.79 -16.25 30.50
C THR A 217 -3.70 -17.25 30.89
N GLY A 218 -3.01 -17.82 29.91
CA GLY A 218 -1.94 -18.76 30.16
C GLY A 218 -1.27 -19.16 28.86
N PRO A 219 -0.10 -19.78 28.95
CA PRO A 219 0.62 -20.20 27.73
C PRO A 219 0.08 -21.51 27.16
N ARG A 220 -1.21 -21.52 26.84
CA ARG A 220 -1.88 -22.71 26.34
C ARG A 220 -2.81 -22.33 25.20
N GLU A 221 -3.13 -23.33 24.37
CA GLU A 221 -4.01 -23.10 23.23
C GLU A 221 -5.44 -22.81 23.69
N SER A 222 -5.90 -23.51 24.74
CA SER A 222 -7.24 -23.27 25.25
C SER A 222 -7.33 -21.92 25.96
N ASP A 223 -6.24 -21.48 26.58
CA ASP A 223 -6.24 -20.21 27.29
C ASP A 223 -6.32 -19.01 26.36
N CYS A 224 -6.23 -19.22 25.05
CA CYS A 224 -6.43 -18.12 24.11
C CYS A 224 -7.85 -17.59 24.22
N LEU A 225 -7.98 -16.28 24.47
CA LEU A 225 -9.30 -15.67 24.54
C LEU A 225 -10.01 -15.74 23.20
N VAL A 226 -9.33 -15.34 22.13
CA VAL A 226 -9.85 -15.43 20.77
C VAL A 226 -8.88 -16.30 19.96
N CYS A 227 -9.43 -17.01 18.98
CA CYS A 227 -8.60 -17.77 18.06
C CYS A 227 -8.08 -16.88 16.94
N ARG A 228 -6.82 -17.09 16.55
CA ARG A 228 -6.24 -16.30 15.47
C ARG A 228 -6.63 -16.85 14.11
N LYS A 229 -6.28 -18.10 13.83
CA LYS A 229 -6.49 -18.70 12.51
C LYS A 229 -7.61 -19.72 12.56
N PHE A 230 -7.40 -20.89 13.18
CA PHE A 230 -8.40 -21.94 13.21
C PHE A 230 -8.68 -22.34 14.66
N ARG A 231 -9.81 -23.04 14.85
CA ARG A 231 -10.30 -23.36 16.18
C ARG A 231 -10.71 -24.83 16.25
N ASP A 232 -10.19 -25.54 17.26
CA ASP A 232 -10.59 -26.91 17.57
C ASP A 232 -11.01 -26.98 19.03
N GLU A 233 -12.28 -27.27 19.28
CA GLU A 233 -12.83 -27.31 20.64
C GLU A 233 -12.57 -25.95 21.26
N ALA A 234 -11.92 -25.87 22.43
CA ALA A 234 -11.56 -24.59 23.03
C ALA A 234 -10.13 -24.15 22.68
N THR A 235 -9.41 -24.95 21.90
CA THR A 235 -8.04 -24.65 21.51
C THR A 235 -8.02 -23.88 20.18
N CYS A 236 -6.95 -23.12 19.99
CA CYS A 236 -6.72 -22.39 18.76
C CYS A 236 -5.47 -22.94 18.07
N LYS A 237 -5.56 -23.19 16.78
CA LYS A 237 -4.50 -23.83 16.03
C LYS A 237 -4.22 -23.08 14.73
N ASP A 238 -2.97 -23.16 14.28
CA ASP A 238 -2.58 -22.58 13.00
C ASP A 238 -3.25 -23.30 11.82
N THR A 239 -3.48 -24.60 11.96
CA THR A 239 -4.09 -25.38 10.90
C THR A 239 -4.97 -26.46 11.51
N CYS A 240 -5.98 -26.87 10.74
CA CYS A 240 -6.77 -28.02 11.15
C CYS A 240 -5.88 -29.25 11.19
N PRO A 241 -6.01 -30.11 12.20
CA PRO A 241 -5.13 -31.27 12.33
C PRO A 241 -5.23 -32.15 11.10
N PRO A 242 -4.10 -32.52 10.50
CA PRO A 242 -4.14 -33.32 9.28
C PRO A 242 -4.59 -34.75 9.56
N LEU A 243 -5.40 -35.29 8.64
CA LEU A 243 -5.80 -36.69 8.74
C LEU A 243 -4.59 -37.61 8.61
N MET A 244 -3.55 -37.16 7.91
CA MET A 244 -2.29 -37.88 7.80
C MET A 244 -1.16 -36.89 8.07
N LEU A 245 -0.31 -37.20 9.05
CA LEU A 245 0.76 -36.31 9.47
C LEU A 245 2.10 -36.96 9.19
N TYR A 246 3.15 -36.13 9.22
CA TYR A 246 4.51 -36.61 8.98
C TYR A 246 5.05 -37.30 10.22
N ASN A 247 5.81 -38.37 10.00
CA ASN A 247 6.46 -39.13 11.06
C ASN A 247 7.88 -39.44 10.64
N PRO A 248 8.82 -39.50 11.60
CA PRO A 248 10.21 -39.82 11.23
C PRO A 248 10.34 -41.17 10.55
N THR A 249 9.73 -42.20 11.11
CA THR A 249 9.67 -43.52 10.49
C THR A 249 8.28 -44.08 10.71
N THR A 250 7.60 -44.42 9.61
CA THR A 250 6.21 -44.83 9.65
C THR A 250 6.02 -46.10 8.84
N TYR A 251 5.56 -47.17 9.50
CA TYR A 251 5.19 -48.38 8.77
C TYR A 251 3.95 -48.14 7.91
N GLN A 252 3.01 -47.35 8.43
CA GLN A 252 1.83 -46.93 7.68
C GLN A 252 1.65 -45.43 7.86
N MET A 253 0.75 -44.86 7.07
CA MET A 253 0.51 -43.42 7.14
C MET A 253 0.02 -43.03 8.51
N ASP A 254 0.62 -41.98 9.07
CA ASP A 254 0.32 -41.54 10.44
C ASP A 254 -1.06 -40.90 10.47
N VAL A 255 -2.08 -41.75 10.54
CA VAL A 255 -3.44 -41.28 10.71
C VAL A 255 -3.58 -40.65 12.10
N ASN A 256 -4.04 -39.41 12.14
CA ASN A 256 -4.13 -38.68 13.40
C ASN A 256 -5.51 -38.85 14.02
N PRO A 257 -5.61 -39.33 15.25
CA PRO A 257 -6.92 -39.39 15.91
C PRO A 257 -7.54 -38.02 16.13
N GLU A 258 -6.74 -36.96 16.16
CA GLU A 258 -7.24 -35.60 16.32
C GLU A 258 -7.50 -34.91 14.99
N GLY A 259 -7.18 -35.55 13.88
CA GLY A 259 -7.41 -34.98 12.56
C GLY A 259 -8.85 -34.66 12.28
N LYS A 260 -9.13 -33.44 11.83
CA LYS A 260 -10.49 -33.00 11.59
C LYS A 260 -10.57 -32.26 10.26
N TYR A 261 -11.76 -32.25 9.67
CA TYR A 261 -11.99 -31.55 8.42
C TYR A 261 -12.07 -30.05 8.65
N SER A 262 -11.78 -29.29 7.60
CA SER A 262 -11.72 -27.84 7.67
C SER A 262 -13.00 -27.24 7.11
N PHE A 263 -13.71 -26.45 7.92
CA PHE A 263 -14.92 -25.76 7.45
C PHE A 263 -14.88 -24.34 7.97
N GLY A 264 -14.70 -23.38 7.05
CA GLY A 264 -14.65 -21.99 7.43
C GLY A 264 -13.54 -21.71 8.42
N VAL A 265 -13.87 -20.99 9.49
CA VAL A 265 -12.91 -20.69 10.53
C VAL A 265 -12.70 -21.85 11.48
N THR A 266 -13.60 -22.84 11.47
CA THR A 266 -13.52 -23.94 12.42
C THR A 266 -13.11 -25.23 11.73
N CYS A 267 -12.88 -26.25 12.54
CA CYS A 267 -12.60 -27.59 12.03
C CYS A 267 -13.68 -28.53 12.56
N VAL A 268 -14.45 -29.10 11.65
CA VAL A 268 -15.55 -29.97 11.99
C VAL A 268 -15.09 -31.41 11.92
N LYS A 269 -15.95 -32.33 12.36
CA LYS A 269 -15.65 -33.75 12.25
C LYS A 269 -15.97 -34.30 10.86
N LYS A 270 -17.04 -33.81 10.26
CA LYS A 270 -17.45 -34.25 8.92
C LYS A 270 -17.98 -33.06 8.15
N CYS A 271 -17.53 -32.91 6.91
CA CYS A 271 -18.05 -31.87 6.03
C CYS A 271 -19.55 -32.08 5.81
N PRO A 272 -20.30 -31.02 5.54
CA PRO A 272 -21.70 -31.20 5.15
C PRO A 272 -21.81 -31.91 3.82
N ARG A 273 -23.00 -32.44 3.55
CA ARG A 273 -23.26 -33.08 2.26
C ARG A 273 -23.19 -32.09 1.10
N ASN A 274 -23.21 -30.79 1.38
CA ASN A 274 -23.19 -29.78 0.33
C ASN A 274 -21.80 -29.60 -0.27
N TYR A 275 -20.77 -29.64 0.57
CA TYR A 275 -19.44 -29.22 0.17
C TYR A 275 -18.60 -30.38 -0.33
N VAL A 276 -17.61 -30.06 -1.16
CA VAL A 276 -16.72 -31.07 -1.74
C VAL A 276 -15.69 -31.46 -0.69
N VAL A 277 -15.71 -32.73 -0.31
CA VAL A 277 -14.76 -33.26 0.67
C VAL A 277 -13.50 -33.68 -0.09
N THR A 278 -12.42 -32.91 0.08
CA THR A 278 -11.18 -33.21 -0.61
C THR A 278 -10.37 -34.24 0.16
N ASP A 279 -9.46 -34.90 -0.55
CA ASP A 279 -8.61 -35.91 0.07
C ASP A 279 -7.68 -35.30 1.10
N HIS A 280 -7.30 -34.04 0.93
CA HIS A 280 -6.48 -33.36 1.93
C HIS A 280 -7.24 -33.15 3.24
N GLY A 281 -8.55 -32.95 3.16
CA GLY A 281 -9.36 -32.77 4.35
C GLY A 281 -9.85 -31.34 4.53
N SER A 282 -10.76 -30.91 3.66
CA SER A 282 -11.28 -29.54 3.74
C SER A 282 -12.61 -29.49 3.01
N CYS A 283 -13.48 -28.60 3.47
CA CYS A 283 -14.80 -28.40 2.88
C CYS A 283 -14.68 -27.31 1.81
N VAL A 284 -14.77 -27.70 0.54
CA VAL A 284 -14.51 -26.79 -0.57
C VAL A 284 -15.80 -26.65 -1.39
N ARG A 285 -15.98 -25.47 -1.98
CA ARG A 285 -17.18 -25.15 -2.73
C ARG A 285 -17.14 -25.61 -4.18
N ALA A 286 -15.95 -25.71 -4.78
CA ALA A 286 -15.86 -26.08 -6.19
C ALA A 286 -14.48 -26.67 -6.48
N CYS A 287 -14.46 -27.66 -7.37
CA CYS A 287 -13.19 -28.28 -7.75
C CYS A 287 -12.36 -27.32 -8.60
N GLY A 288 -11.04 -27.49 -8.54
CA GLY A 288 -10.14 -26.57 -9.19
C GLY A 288 -9.91 -26.85 -10.66
N ALA A 289 -8.63 -26.94 -11.06
CA ALA A 289 -8.26 -27.18 -12.44
C ALA A 289 -8.02 -28.67 -12.65
N ASP A 290 -8.56 -29.20 -13.76
CA ASP A 290 -8.49 -30.61 -14.13
C ASP A 290 -9.34 -31.49 -13.22
N SER A 291 -9.90 -30.90 -12.17
CA SER A 291 -10.74 -31.62 -11.22
C SER A 291 -12.20 -31.25 -11.45
N TYR A 292 -13.06 -32.28 -11.48
CA TYR A 292 -14.50 -32.12 -11.59
C TYR A 292 -15.17 -32.86 -10.44
N GLU A 293 -16.48 -32.67 -10.32
CA GLU A 293 -17.23 -33.16 -9.18
C GLU A 293 -17.81 -34.55 -9.46
N MET A 294 -17.57 -35.47 -8.54
CA MET A 294 -18.15 -36.81 -8.59
C MET A 294 -18.60 -37.19 -7.18
N GLU A 295 -19.45 -38.21 -7.08
CA GLU A 295 -19.86 -38.72 -5.78
C GLU A 295 -19.33 -40.14 -5.62
N GLU A 296 -18.42 -40.33 -4.67
CA GLU A 296 -17.92 -41.67 -4.36
C GLU A 296 -18.94 -42.47 -3.55
N ASP A 297 -19.44 -41.87 -2.47
CA ASP A 297 -20.43 -42.49 -1.59
C ASP A 297 -21.58 -41.54 -1.34
N GLY A 298 -21.94 -40.75 -2.35
CA GLY A 298 -22.93 -39.70 -2.19
C GLY A 298 -22.37 -38.38 -1.72
N VAL A 299 -21.05 -38.25 -1.59
CA VAL A 299 -20.40 -37.01 -1.19
C VAL A 299 -19.53 -36.55 -2.35
N ARG A 300 -19.51 -35.23 -2.58
CA ARG A 300 -18.81 -34.69 -3.75
C ARG A 300 -17.30 -34.68 -3.53
N LYS A 301 -16.57 -34.91 -4.61
CA LYS A 301 -15.13 -35.08 -4.59
C LYS A 301 -14.56 -34.63 -5.93
N CYS A 302 -13.25 -34.38 -5.95
CA CYS A 302 -12.56 -33.88 -7.13
C CYS A 302 -11.87 -35.04 -7.85
N LYS A 303 -12.49 -35.51 -8.92
CA LYS A 303 -11.87 -36.49 -9.81
C LYS A 303 -11.18 -35.77 -10.96
N LYS A 304 -10.01 -36.27 -11.35
CA LYS A 304 -9.22 -35.60 -12.37
C LYS A 304 -9.80 -35.86 -13.75
N CYS A 305 -10.11 -34.80 -14.48
CA CYS A 305 -10.56 -34.93 -15.87
C CYS A 305 -9.44 -35.50 -16.73
N GLU A 306 -9.82 -36.41 -17.63
CA GLU A 306 -8.89 -36.97 -18.61
C GLU A 306 -8.97 -36.11 -19.86
N GLY A 307 -8.00 -35.22 -20.03
CA GLY A 307 -7.97 -34.32 -21.17
C GLY A 307 -8.94 -33.18 -21.02
N PRO A 308 -9.85 -33.03 -22.00
CA PRO A 308 -10.83 -31.94 -21.94
C PRO A 308 -11.75 -32.09 -20.74
N CYS A 309 -12.22 -30.95 -20.24
CA CYS A 309 -12.96 -30.91 -18.99
C CYS A 309 -13.97 -29.76 -19.05
N ARG A 310 -15.10 -29.96 -18.40
CA ARG A 310 -16.22 -29.02 -18.51
C ARG A 310 -15.85 -27.65 -17.97
N LYS A 311 -16.41 -26.62 -18.59
CA LYS A 311 -16.11 -25.25 -18.20
C LYS A 311 -16.77 -24.91 -16.86
N VAL A 312 -16.01 -24.23 -16.00
CA VAL A 312 -16.49 -23.84 -14.68
C VAL A 312 -17.09 -22.44 -14.83
N CYS A 313 -18.41 -22.38 -14.99
CA CYS A 313 -19.10 -21.12 -15.23
C CYS A 313 -19.40 -20.45 -13.90
N ASN A 314 -18.61 -19.42 -13.58
CA ASN A 314 -18.77 -18.73 -12.30
C ASN A 314 -20.09 -17.98 -12.25
N GLY A 315 -20.64 -17.87 -11.03
CA GLY A 315 -21.89 -17.18 -10.83
C GLY A 315 -21.72 -15.66 -10.81
N ILE A 316 -22.85 -14.97 -10.86
CA ILE A 316 -22.87 -13.51 -10.82
C ILE A 316 -22.62 -13.06 -9.39
N GLY A 317 -21.69 -12.12 -9.23
CA GLY A 317 -21.25 -11.67 -7.93
C GLY A 317 -19.94 -12.25 -7.47
N ILE A 318 -19.38 -13.21 -8.21
CA ILE A 318 -18.12 -13.84 -7.88
C ILE A 318 -17.25 -13.90 -9.14
N GLY A 319 -15.95 -14.08 -8.92
CA GLY A 319 -15.03 -14.29 -10.03
C GLY A 319 -14.92 -13.06 -10.90
N GLU A 320 -14.97 -13.27 -12.22
CA GLU A 320 -14.85 -12.17 -13.17
C GLU A 320 -16.03 -11.21 -13.06
N PHE A 321 -17.20 -11.72 -12.69
CA PHE A 321 -18.40 -10.91 -12.52
C PHE A 321 -18.64 -10.58 -11.05
N LYS A 322 -17.57 -10.23 -10.32
CA LYS A 322 -17.68 -10.05 -8.89
C LYS A 322 -18.59 -8.86 -8.54
N ASP A 323 -18.38 -7.73 -9.21
CA ASP A 323 -19.15 -6.53 -8.95
C ASP A 323 -20.38 -6.40 -9.84
N SER A 324 -20.76 -7.47 -10.53
CA SER A 324 -21.96 -7.44 -11.38
C SER A 324 -23.20 -7.69 -10.53
N LEU A 325 -24.16 -6.77 -10.62
CA LEU A 325 -25.37 -6.88 -9.81
C LEU A 325 -26.26 -8.02 -10.30
N SER A 326 -26.47 -8.10 -11.61
CA SER A 326 -27.36 -9.10 -12.20
C SER A 326 -26.77 -9.58 -13.52
N ILE A 327 -27.32 -10.69 -14.01
CA ILE A 327 -26.98 -11.13 -15.36
C ILE A 327 -27.48 -10.08 -16.35
N ASN A 328 -26.65 -9.76 -17.34
CA ASN A 328 -27.02 -8.75 -18.31
C ASN A 328 -26.38 -9.10 -19.65
N ALA A 329 -26.61 -8.25 -20.65
CA ALA A 329 -26.15 -8.53 -22.00
C ALA A 329 -24.63 -8.68 -22.07
N THR A 330 -23.91 -7.98 -21.20
CA THR A 330 -22.45 -8.05 -21.24
C THR A 330 -21.94 -9.42 -20.79
N ASN A 331 -22.58 -10.01 -19.78
CA ASN A 331 -22.11 -11.27 -19.20
C ASN A 331 -22.95 -12.47 -19.59
N ILE A 332 -24.09 -12.28 -20.26
CA ILE A 332 -24.93 -13.42 -20.62
C ILE A 332 -24.30 -14.28 -21.68
N LYS A 333 -23.36 -13.74 -22.47
CA LYS A 333 -22.72 -14.53 -23.51
C LYS A 333 -21.80 -15.59 -22.93
N HIS A 334 -21.21 -15.32 -21.76
CA HIS A 334 -20.31 -16.28 -21.14
C HIS A 334 -21.03 -17.49 -20.57
N PHE A 335 -22.36 -17.45 -20.49
CA PHE A 335 -23.16 -18.58 -20.01
C PHE A 335 -23.83 -19.34 -21.14
N LYS A 336 -23.22 -19.35 -22.33
CA LYS A 336 -23.87 -19.91 -23.51
C LYS A 336 -24.11 -21.40 -23.35
N ASN A 337 -23.06 -22.17 -23.08
CA ASN A 337 -23.18 -23.62 -22.99
C ASN A 337 -22.75 -24.13 -21.63
N CYS A 338 -23.33 -23.59 -20.56
CA CYS A 338 -23.04 -24.02 -19.20
C CYS A 338 -24.15 -24.96 -18.74
N THR A 339 -23.76 -26.16 -18.32
CA THR A 339 -24.69 -27.08 -17.68
C THR A 339 -24.72 -26.94 -16.17
N SER A 340 -23.80 -26.16 -15.60
CA SER A 340 -23.74 -25.93 -14.17
C SER A 340 -23.31 -24.49 -13.91
N ILE A 341 -23.80 -23.94 -12.81
CA ILE A 341 -23.43 -22.59 -12.37
C ILE A 341 -22.63 -22.76 -11.09
N SER A 342 -21.31 -22.71 -11.21
CA SER A 342 -20.44 -22.76 -10.04
C SER A 342 -20.50 -21.42 -9.31
N GLY A 343 -21.63 -21.14 -8.69
CA GLY A 343 -21.83 -19.87 -8.02
C GLY A 343 -23.31 -19.59 -7.86
N ASP A 344 -23.64 -18.30 -7.79
CA ASP A 344 -24.99 -17.83 -7.53
C ASP A 344 -25.47 -16.91 -8.65
N LEU A 345 -26.77 -16.99 -8.94
CA LEU A 345 -27.35 -16.38 -10.13
C LEU A 345 -28.38 -15.34 -9.70
N HIS A 346 -28.14 -14.08 -10.08
CA HIS A 346 -29.03 -12.96 -9.77
C HIS A 346 -29.69 -12.45 -11.03
N ILE A 347 -30.96 -12.06 -10.91
CA ILE A 347 -31.69 -11.40 -12.00
C ILE A 347 -32.45 -10.22 -11.41
N LEU A 348 -32.11 -9.02 -11.84
CA LEU A 348 -32.66 -7.78 -11.30
C LEU A 348 -33.29 -6.95 -12.41
N PRO A 349 -34.24 -6.07 -12.07
CA PRO A 349 -34.91 -5.27 -13.12
C PRO A 349 -33.99 -4.32 -13.86
N VAL A 350 -32.83 -3.98 -13.28
CA VAL A 350 -31.93 -3.04 -13.93
C VAL A 350 -31.37 -3.62 -15.22
N ALA A 351 -31.31 -4.95 -15.34
CA ALA A 351 -30.72 -5.57 -16.51
C ALA A 351 -31.54 -5.30 -17.77
N PHE A 352 -32.88 -5.32 -17.65
CA PHE A 352 -33.72 -5.09 -18.82
C PHE A 352 -33.75 -3.62 -19.21
N ARG A 353 -33.69 -2.71 -18.23
CA ARG A 353 -33.65 -1.29 -18.55
C ARG A 353 -32.27 -0.85 -19.01
N GLY A 354 -31.22 -1.43 -18.44
CA GLY A 354 -29.87 -0.98 -18.72
C GLY A 354 -29.39 0.05 -17.72
N ASP A 355 -28.08 0.10 -17.53
CA ASP A 355 -27.46 0.99 -16.57
C ASP A 355 -26.31 1.73 -17.23
N SER A 356 -26.40 3.07 -17.24
CA SER A 356 -25.32 3.88 -17.79
C SER A 356 -24.13 3.96 -16.84
N PHE A 357 -24.38 3.88 -15.54
CA PHE A 357 -23.28 3.99 -14.57
C PHE A 357 -22.33 2.81 -14.70
N THR A 358 -22.84 1.62 -14.98
CA THR A 358 -22.02 0.47 -15.30
C THR A 358 -21.78 0.31 -16.79
N HIS A 359 -22.30 1.24 -17.61
CA HIS A 359 -22.16 1.19 -19.06
C HIS A 359 -22.71 -0.13 -19.60
N THR A 360 -23.91 -0.48 -19.16
CA THR A 360 -24.53 -1.76 -19.46
C THR A 360 -25.71 -1.58 -20.39
N PRO A 361 -25.74 -2.31 -21.51
CA PRO A 361 -26.88 -2.20 -22.43
C PRO A 361 -28.07 -2.97 -21.91
N PRO A 362 -29.27 -2.69 -22.43
CA PRO A 362 -30.45 -3.48 -22.03
C PRO A 362 -30.31 -4.94 -22.45
N LEU A 363 -31.03 -5.79 -21.73
CA LEU A 363 -30.98 -7.23 -21.94
C LEU A 363 -32.18 -7.69 -22.76
N ASP A 364 -31.92 -8.51 -23.78
CA ASP A 364 -32.98 -9.01 -24.64
C ASP A 364 -33.71 -10.15 -23.94
N PRO A 365 -35.05 -10.15 -23.93
CA PRO A 365 -35.78 -11.25 -23.27
C PRO A 365 -35.54 -12.61 -23.89
N GLN A 366 -35.42 -12.68 -25.22
CA GLN A 366 -35.21 -13.97 -25.87
C GLN A 366 -33.87 -14.58 -25.49
N GLU A 367 -32.84 -13.75 -25.31
CA GLU A 367 -31.51 -14.25 -24.95
C GLU A 367 -31.55 -15.07 -23.68
N LEU A 368 -32.47 -14.74 -22.76
CA LEU A 368 -32.58 -15.49 -21.51
C LEU A 368 -32.75 -16.99 -21.75
N ASP A 369 -33.29 -17.37 -22.92
CA ASP A 369 -33.49 -18.77 -23.23
C ASP A 369 -32.20 -19.58 -23.09
N ILE A 370 -31.03 -18.93 -23.24
CA ILE A 370 -29.76 -19.63 -23.10
C ILE A 370 -29.71 -20.39 -21.78
N LEU A 371 -30.20 -19.76 -20.70
CA LEU A 371 -30.14 -20.37 -19.37
C LEU A 371 -30.80 -21.74 -19.31
N LYS A 372 -31.48 -22.17 -20.38
CA LYS A 372 -32.04 -23.51 -20.42
C LYS A 372 -30.98 -24.60 -20.32
N THR A 373 -29.73 -24.30 -20.68
CA THR A 373 -28.71 -25.34 -20.64
C THR A 373 -28.34 -25.73 -19.21
N VAL A 374 -28.53 -24.83 -18.25
CA VAL A 374 -28.08 -25.08 -16.88
C VAL A 374 -29.02 -26.08 -16.21
N LYS A 375 -28.45 -27.01 -15.44
CA LYS A 375 -29.22 -27.97 -14.68
C LYS A 375 -28.87 -28.01 -13.20
N GLU A 376 -27.75 -27.41 -12.77
CA GLU A 376 -27.34 -27.41 -11.37
C GLU A 376 -26.78 -26.05 -11.02
N ILE A 377 -27.26 -25.48 -9.91
CA ILE A 377 -26.78 -24.20 -9.40
C ILE A 377 -26.16 -24.47 -8.03
N THR A 378 -24.85 -24.30 -7.92
CA THR A 378 -24.17 -24.57 -6.66
C THR A 378 -24.56 -23.58 -5.57
N GLY A 379 -24.82 -22.33 -5.95
CA GLY A 379 -25.15 -21.31 -4.98
C GLY A 379 -26.64 -21.11 -4.80
N PHE A 380 -27.14 -19.90 -5.09
CA PHE A 380 -28.54 -19.59 -4.92
C PHE A 380 -29.07 -18.87 -6.16
N LEU A 381 -30.39 -18.95 -6.32
CA LEU A 381 -31.11 -18.33 -7.43
C LEU A 381 -31.96 -17.19 -6.89
N LEU A 382 -31.78 -16.00 -7.47
CA LEU A 382 -32.55 -14.81 -7.10
C LEU A 382 -33.20 -14.26 -8.36
N ILE A 383 -34.53 -14.22 -8.37
CA ILE A 383 -35.29 -13.74 -9.52
C ILE A 383 -36.19 -12.61 -9.03
N GLN A 384 -35.78 -11.38 -9.33
CA GLN A 384 -36.57 -10.19 -9.06
C GLN A 384 -37.14 -9.58 -10.31
N ALA A 385 -36.89 -10.18 -11.48
CA ALA A 385 -37.38 -9.67 -12.75
C ALA A 385 -37.49 -10.81 -13.74
N TRP A 386 -38.39 -10.65 -14.70
CA TRP A 386 -38.64 -11.64 -15.74
C TRP A 386 -39.39 -10.96 -16.88
N PRO A 387 -39.20 -11.42 -18.12
CA PRO A 387 -39.93 -10.79 -19.24
C PRO A 387 -41.43 -10.81 -19.02
N GLU A 388 -42.09 -9.71 -19.41
CA GLU A 388 -43.53 -9.57 -19.19
C GLU A 388 -44.33 -10.54 -20.06
N ASN A 389 -43.84 -10.84 -21.27
CA ASN A 389 -44.58 -11.71 -22.17
C ASN A 389 -44.66 -13.13 -21.64
N ARG A 390 -43.59 -13.60 -20.99
CA ARG A 390 -43.54 -14.96 -20.50
C ARG A 390 -44.34 -15.11 -19.20
N THR A 391 -45.07 -16.21 -19.10
CA THR A 391 -45.88 -16.51 -17.92
C THR A 391 -45.25 -17.56 -17.01
N ASP A 392 -44.05 -18.04 -17.34
CA ASP A 392 -43.38 -19.04 -16.53
C ASP A 392 -41.87 -18.84 -16.62
N LEU A 393 -41.15 -19.41 -15.66
CA LEU A 393 -39.69 -19.38 -15.65
C LEU A 393 -39.18 -20.45 -16.62
N HIS A 394 -39.30 -20.11 -17.91
CA HIS A 394 -38.97 -21.07 -18.97
C HIS A 394 -37.50 -21.47 -18.94
N ALA A 395 -36.62 -20.51 -18.67
CA ALA A 395 -35.18 -20.78 -18.75
C ALA A 395 -34.73 -21.78 -17.71
N PHE A 396 -35.36 -21.80 -16.54
CA PHE A 396 -34.99 -22.71 -15.47
C PHE A 396 -35.88 -23.95 -15.42
N GLU A 397 -36.44 -24.34 -16.57
CA GLU A 397 -37.29 -25.52 -16.62
C GLU A 397 -36.49 -26.81 -16.42
N ASN A 398 -35.21 -26.79 -16.78
CA ASN A 398 -34.35 -27.97 -16.66
C ASN A 398 -33.49 -27.94 -15.40
N LEU A 399 -33.61 -26.90 -14.57
CA LEU A 399 -32.89 -26.86 -13.32
C LEU A 399 -33.33 -28.01 -12.42
N GLU A 400 -32.36 -28.75 -11.87
CA GLU A 400 -32.64 -29.95 -11.09
C GLU A 400 -32.31 -29.79 -9.61
N ILE A 401 -31.08 -29.40 -9.29
CA ILE A 401 -30.61 -29.35 -7.90
C ILE A 401 -30.03 -27.97 -7.62
N ILE A 402 -30.49 -27.34 -6.55
CA ILE A 402 -29.90 -26.11 -6.03
C ILE A 402 -29.13 -26.51 -4.77
N ARG A 403 -27.80 -26.55 -4.87
CA ARG A 403 -26.99 -27.04 -3.77
C ARG A 403 -27.03 -26.09 -2.57
N GLY A 404 -27.25 -24.80 -2.81
CA GLY A 404 -27.37 -23.85 -1.73
C GLY A 404 -26.11 -23.67 -0.91
N ARG A 405 -24.94 -23.88 -1.52
CA ARG A 405 -23.68 -23.66 -0.81
C ARG A 405 -23.56 -22.19 -0.39
N THR A 406 -23.99 -21.28 -1.25
CA THR A 406 -24.09 -19.86 -0.93
C THR A 406 -25.55 -19.44 -0.99
N LYS A 407 -25.98 -18.65 -0.01
CA LYS A 407 -27.37 -18.24 0.10
C LYS A 407 -27.46 -16.72 0.17
N GLN A 408 -28.57 -16.19 -0.36
CA GLN A 408 -28.80 -14.75 -0.28
C GLN A 408 -29.07 -14.34 1.15
N HIS A 409 -28.37 -13.31 1.61
CA HIS A 409 -28.40 -12.86 3.00
C HIS A 409 -28.01 -13.96 3.97
N GLY A 410 -27.36 -15.01 3.47
CA GLY A 410 -27.01 -16.16 4.29
C GLY A 410 -28.15 -17.04 4.70
N GLN A 411 -29.31 -16.93 4.06
CA GLN A 411 -30.48 -17.69 4.49
C GLN A 411 -31.24 -18.33 3.34
N PHE A 412 -31.46 -17.62 2.24
CA PHE A 412 -32.39 -18.05 1.21
C PHE A 412 -31.61 -18.54 -0.02
N SER A 413 -31.90 -19.77 -0.44
CA SER A 413 -31.28 -20.34 -1.62
C SER A 413 -32.12 -20.15 -2.87
N LEU A 414 -33.44 -19.99 -2.73
CA LEU A 414 -34.33 -19.71 -3.85
C LEU A 414 -35.19 -18.52 -3.50
N ALA A 415 -35.20 -17.52 -4.39
CA ALA A 415 -35.99 -16.32 -4.17
C ALA A 415 -36.65 -15.91 -5.47
N VAL A 416 -37.96 -15.67 -5.42
CA VAL A 416 -38.74 -15.20 -6.56
C VAL A 416 -39.67 -14.11 -6.02
N VAL A 417 -39.37 -12.85 -6.32
CA VAL A 417 -40.11 -11.74 -5.73
C VAL A 417 -40.51 -10.73 -6.79
N SER A 418 -41.77 -10.30 -6.73
CA SER A 418 -42.32 -9.22 -7.56
C SER A 418 -42.25 -9.57 -9.05
N LEU A 419 -42.89 -10.69 -9.40
CA LEU A 419 -43.01 -11.14 -10.77
C LEU A 419 -44.46 -11.23 -11.19
N ASN A 420 -44.70 -11.07 -12.48
CA ASN A 420 -46.03 -11.21 -13.07
C ASN A 420 -46.28 -12.61 -13.63
N ILE A 421 -45.35 -13.54 -13.41
CA ILE A 421 -45.51 -14.89 -13.97
C ILE A 421 -46.70 -15.58 -13.32
N THR A 422 -47.45 -16.32 -14.14
CA THR A 422 -48.61 -17.03 -13.65
C THR A 422 -48.23 -18.35 -12.97
N SER A 423 -47.20 -19.02 -13.47
CA SER A 423 -46.74 -20.28 -12.90
C SER A 423 -45.22 -20.27 -12.82
N LEU A 424 -44.69 -21.05 -11.88
CA LEU A 424 -43.23 -21.13 -11.73
C LEU A 424 -42.61 -21.93 -12.88
N GLY A 425 -43.12 -23.13 -13.12
CA GLY A 425 -42.62 -23.95 -14.21
C GLY A 425 -41.27 -24.58 -13.96
N LEU A 426 -40.88 -24.76 -12.70
CA LEU A 426 -39.61 -25.42 -12.36
C LEU A 426 -39.84 -26.92 -12.21
N ARG A 427 -40.16 -27.55 -13.34
CA ARG A 427 -40.57 -28.95 -13.33
C ARG A 427 -39.42 -29.87 -12.92
N SER A 428 -38.22 -29.62 -13.44
CA SER A 428 -37.10 -30.52 -13.19
C SER A 428 -36.49 -30.39 -11.81
N LEU A 429 -36.87 -29.35 -11.05
CA LEU A 429 -36.28 -29.15 -9.73
C LEU A 429 -36.63 -30.31 -8.81
N LYS A 430 -35.60 -31.03 -8.35
CA LYS A 430 -35.79 -32.22 -7.55
C LYS A 430 -35.21 -32.13 -6.14
N GLU A 431 -34.23 -31.26 -5.90
CA GLU A 431 -33.61 -31.17 -4.58
C GLU A 431 -33.12 -29.75 -4.33
N ILE A 432 -33.51 -29.20 -3.19
CA ILE A 432 -32.95 -27.96 -2.67
C ILE A 432 -32.11 -28.35 -1.47
N SER A 433 -30.80 -28.53 -1.71
CA SER A 433 -29.94 -29.19 -0.73
C SER A 433 -29.83 -28.38 0.55
N ASP A 434 -29.72 -27.06 0.45
CA ASP A 434 -29.56 -26.22 1.63
C ASP A 434 -30.16 -24.84 1.36
N GLY A 435 -30.55 -24.18 2.43
CA GLY A 435 -31.09 -22.84 2.34
C GLY A 435 -32.60 -22.82 2.31
N ASP A 436 -33.17 -21.71 2.76
CA ASP A 436 -34.61 -21.54 2.76
C ASP A 436 -35.09 -21.04 1.40
N VAL A 437 -36.41 -21.09 1.21
CA VAL A 437 -37.05 -20.67 -0.03
C VAL A 437 -38.05 -19.57 0.29
N ILE A 438 -38.06 -18.52 -0.52
CA ILE A 438 -38.98 -17.40 -0.34
C ILE A 438 -39.66 -17.10 -1.68
N ILE A 439 -40.99 -17.05 -1.66
CA ILE A 439 -41.80 -16.71 -2.81
C ILE A 439 -42.81 -15.67 -2.34
N SER A 440 -42.58 -14.41 -2.72
CA SER A 440 -43.33 -13.29 -2.16
C SER A 440 -43.59 -12.24 -3.22
N GLY A 441 -44.75 -11.59 -3.11
CA GLY A 441 -45.06 -10.44 -3.93
C GLY A 441 -45.33 -10.71 -5.39
N ASN A 442 -45.53 -11.98 -5.77
CA ASN A 442 -45.82 -12.32 -7.17
C ASN A 442 -47.34 -12.26 -7.36
N LYS A 443 -47.80 -11.18 -7.99
CA LYS A 443 -49.22 -10.83 -7.97
C LYS A 443 -50.08 -11.87 -8.69
N ASN A 444 -49.55 -12.50 -9.73
CA ASN A 444 -50.34 -13.42 -10.55
C ASN A 444 -49.89 -14.88 -10.41
N LEU A 445 -48.97 -15.17 -9.50
CA LEU A 445 -48.49 -16.53 -9.31
C LEU A 445 -49.43 -17.30 -8.39
N CYS A 446 -49.72 -18.55 -8.75
CA CYS A 446 -50.69 -19.36 -8.04
C CYS A 446 -50.13 -20.66 -7.49
N TYR A 447 -49.47 -21.45 -8.33
CA TYR A 447 -49.22 -22.86 -8.02
C TYR A 447 -48.00 -23.07 -7.13
N ALA A 448 -47.97 -22.41 -5.97
CA ALA A 448 -46.83 -22.48 -5.06
C ALA A 448 -47.09 -23.36 -3.84
N ASN A 449 -48.24 -23.20 -3.18
CA ASN A 449 -48.53 -23.96 -1.97
C ASN A 449 -48.95 -25.40 -2.26
N THR A 450 -49.28 -25.72 -3.52
CA THR A 450 -49.64 -27.09 -3.85
C THR A 450 -48.45 -28.03 -3.68
N ILE A 451 -47.25 -27.55 -3.93
CA ILE A 451 -46.04 -28.36 -3.87
C ILE A 451 -45.62 -28.54 -2.42
N ASN A 452 -45.21 -29.76 -2.08
CA ASN A 452 -44.64 -30.04 -0.76
C ASN A 452 -43.13 -29.81 -0.84
N TRP A 453 -42.68 -28.65 -0.35
CA TRP A 453 -41.28 -28.28 -0.43
C TRP A 453 -40.40 -29.08 0.51
N LYS A 454 -40.99 -29.84 1.44
CA LYS A 454 -40.20 -30.63 2.37
C LYS A 454 -39.45 -31.75 1.66
N LYS A 455 -40.10 -32.39 0.68
CA LYS A 455 -39.41 -33.43 -0.09
C LYS A 455 -38.24 -32.85 -0.87
N LEU A 456 -38.33 -31.58 -1.27
CA LEU A 456 -37.21 -30.94 -1.96
C LEU A 456 -36.09 -30.63 -0.99
N PHE A 457 -36.43 -30.25 0.24
CA PHE A 457 -35.41 -29.90 1.22
C PHE A 457 -34.61 -31.12 1.64
N GLY A 458 -33.30 -30.95 1.75
CA GLY A 458 -32.42 -32.04 2.15
C GLY A 458 -31.84 -31.86 3.54
N THR A 459 -31.32 -30.66 3.81
CA THR A 459 -30.69 -30.38 5.10
C THR A 459 -31.76 -30.06 6.14
N SER A 460 -31.57 -30.58 7.35
CA SER A 460 -32.52 -30.35 8.43
C SER A 460 -32.57 -28.88 8.81
N GLY A 461 -33.76 -28.42 9.20
CA GLY A 461 -33.96 -27.05 9.60
C GLY A 461 -34.40 -26.11 8.50
N GLN A 462 -34.50 -26.58 7.27
CA GLN A 462 -34.91 -25.72 6.17
C GLN A 462 -36.39 -25.37 6.28
N LYS A 463 -36.70 -24.10 6.00
CA LYS A 463 -38.07 -23.61 6.08
C LYS A 463 -38.44 -22.92 4.78
N THR A 464 -39.75 -22.77 4.56
CA THR A 464 -40.28 -22.13 3.37
C THR A 464 -41.17 -20.96 3.76
N LYS A 465 -41.15 -19.92 2.94
CA LYS A 465 -41.96 -18.72 3.18
C LYS A 465 -42.60 -18.31 1.86
N ILE A 466 -43.90 -18.52 1.73
CA ILE A 466 -44.65 -18.22 0.51
C ILE A 466 -45.81 -17.32 0.91
N ILE A 467 -45.72 -16.04 0.58
CA ILE A 467 -46.72 -15.05 0.96
C ILE A 467 -46.88 -14.03 -0.15
N SER A 468 -47.93 -13.22 -0.03
CA SER A 468 -48.20 -12.08 -0.92
C SER A 468 -48.31 -12.48 -2.38
N ASN A 469 -48.58 -13.75 -2.67
CA ASN A 469 -48.86 -14.19 -4.03
C ASN A 469 -50.36 -14.14 -4.27
N ARG A 470 -50.78 -14.55 -5.47
CA ARG A 470 -52.20 -14.53 -5.78
C ARG A 470 -52.96 -15.50 -4.88
N GLY A 471 -54.11 -15.05 -4.39
CA GLY A 471 -54.83 -15.82 -3.39
C GLY A 471 -55.34 -17.14 -3.92
N GLU A 472 -55.50 -18.10 -3.00
CA GLU A 472 -56.01 -19.42 -3.38
C GLU A 472 -57.45 -19.33 -3.86
N ASN A 473 -58.26 -18.47 -3.23
CA ASN A 473 -59.64 -18.28 -3.68
C ASN A 473 -59.68 -17.66 -5.07
N SER A 474 -58.83 -16.65 -5.30
CA SER A 474 -58.81 -15.98 -6.60
C SER A 474 -58.33 -16.92 -7.70
N CYS A 475 -57.28 -17.71 -7.42
CA CYS A 475 -56.77 -18.65 -8.41
C CYS A 475 -57.76 -19.79 -8.67
N LYS A 476 -58.45 -20.22 -7.61
CA LYS A 476 -59.48 -21.26 -7.77
C LYS A 476 -60.65 -20.76 -8.60
N ALA A 477 -61.06 -19.51 -8.39
CA ALA A 477 -62.15 -18.95 -9.18
C ALA A 477 -61.76 -18.81 -10.64
N THR A 478 -60.49 -18.52 -10.93
CA THR A 478 -60.00 -18.40 -12.29
C THR A 478 -59.62 -19.74 -12.90
N GLY A 479 -59.99 -20.85 -12.26
CA GLY A 479 -59.63 -22.15 -12.77
C GLY A 479 -58.14 -22.43 -12.75
N GLN A 480 -57.37 -21.68 -11.98
CA GLN A 480 -55.92 -21.84 -11.94
C GLN A 480 -55.52 -22.76 -10.80
N VAL A 481 -55.90 -24.04 -10.97
CA VAL A 481 -55.58 -25.10 -10.04
C VAL A 481 -54.97 -26.25 -10.84
N CYS A 482 -54.14 -27.06 -10.17
CA CYS A 482 -53.41 -28.14 -10.83
C CYS A 482 -54.34 -29.02 -11.68
N HIS A 483 -53.75 -29.64 -12.70
CA HIS A 483 -54.51 -30.50 -13.59
C HIS A 483 -55.01 -31.72 -12.83
N ALA A 484 -56.13 -32.27 -13.31
CA ALA A 484 -56.78 -33.38 -12.61
C ALA A 484 -55.98 -34.67 -12.65
N LEU A 485 -54.99 -34.78 -13.55
CA LEU A 485 -54.22 -36.01 -13.69
C LEU A 485 -53.25 -36.24 -12.54
N CYS A 486 -53.08 -35.27 -11.64
CA CYS A 486 -52.13 -35.38 -10.54
C CYS A 486 -52.83 -34.95 -9.25
N SER A 487 -53.38 -35.91 -8.52
CA SER A 487 -54.13 -35.57 -7.31
C SER A 487 -53.21 -35.04 -6.20
N PRO A 488 -52.13 -35.74 -5.79
CA PRO A 488 -51.34 -35.21 -4.68
C PRO A 488 -50.02 -34.61 -5.13
N GLU A 489 -49.22 -34.16 -4.16
CA GLU A 489 -47.87 -33.61 -4.33
C GLU A 489 -47.83 -32.29 -5.07
N GLY A 490 -48.96 -31.80 -5.59
CA GLY A 490 -48.99 -30.50 -6.23
C GLY A 490 -48.45 -30.52 -7.65
N CYS A 491 -48.20 -29.32 -8.16
CA CYS A 491 -47.74 -29.14 -9.53
C CYS A 491 -47.06 -27.79 -9.64
N TRP A 492 -46.35 -27.60 -10.76
CA TRP A 492 -45.64 -26.36 -11.05
C TRP A 492 -46.36 -25.47 -12.04
N GLY A 493 -47.52 -25.89 -12.55
CA GLY A 493 -48.23 -25.14 -13.54
C GLY A 493 -49.56 -25.78 -13.92
N PRO A 494 -50.33 -25.10 -14.76
CA PRO A 494 -51.69 -25.60 -15.06
C PRO A 494 -51.71 -26.84 -15.93
N GLU A 495 -50.75 -27.01 -16.84
CA GLU A 495 -50.78 -28.08 -17.82
C GLU A 495 -50.31 -29.40 -17.20
N PRO A 496 -50.68 -30.54 -17.81
CA PRO A 496 -50.33 -31.83 -17.20
C PRO A 496 -48.83 -32.09 -17.12
N ARG A 497 -48.05 -31.48 -18.01
CA ARG A 497 -46.59 -31.65 -17.96
C ARG A 497 -46.01 -31.18 -16.64
N ASP A 498 -46.63 -30.18 -16.01
CA ASP A 498 -46.11 -29.57 -14.81
C ASP A 498 -46.39 -30.38 -13.55
N CYS A 499 -47.21 -31.42 -13.63
CA CYS A 499 -47.53 -32.22 -12.45
C CYS A 499 -46.29 -32.92 -11.91
N VAL A 500 -46.24 -33.07 -10.60
CA VAL A 500 -45.11 -33.72 -9.94
C VAL A 500 -45.30 -35.22 -10.02
N SER A 501 -44.45 -35.88 -10.81
CA SER A 501 -44.47 -37.34 -10.98
C SER A 501 -45.85 -37.85 -11.37
N GLU B 2 -17.87 38.51 10.03
CA GLU B 2 -19.10 38.64 9.25
C GLU B 2 -18.80 38.87 7.77
N GLU B 3 -19.74 38.48 6.92
CA GLU B 3 -19.62 38.65 5.48
C GLU B 3 -20.39 39.91 5.08
N LYS B 4 -19.69 40.83 4.42
CA LYS B 4 -20.29 42.12 4.10
C LYS B 4 -21.38 41.98 3.05
N LYS B 5 -22.43 42.79 3.19
CA LYS B 5 -23.53 42.77 2.25
C LYS B 5 -23.05 43.25 0.88
N VAL B 6 -23.59 42.65 -0.18
CA VAL B 6 -23.17 42.93 -1.53
C VAL B 6 -24.38 43.38 -2.36
N CYS B 7 -24.09 44.12 -3.43
CA CYS B 7 -25.11 44.55 -4.37
C CYS B 7 -24.48 44.65 -5.75
N GLN B 8 -25.24 44.25 -6.78
CA GLN B 8 -24.70 44.17 -8.13
C GLN B 8 -24.24 45.53 -8.65
N GLY B 9 -24.90 46.60 -8.25
CA GLY B 9 -24.62 47.90 -8.81
C GLY B 9 -25.41 48.14 -10.08
N THR B 10 -24.87 49.03 -10.91
CA THR B 10 -25.56 49.41 -12.14
C THR B 10 -24.55 49.74 -13.22
N SER B 11 -24.97 49.57 -14.48
CA SER B 11 -24.17 49.91 -15.63
C SER B 11 -24.92 50.81 -16.60
N ASN B 12 -25.90 51.59 -16.10
CA ASN B 12 -26.76 52.40 -16.95
C ASN B 12 -26.07 53.67 -17.45
N LYS B 13 -24.97 54.07 -16.83
CA LYS B 13 -24.21 55.27 -17.21
C LYS B 13 -25.13 56.47 -17.04
N LEU B 14 -25.36 57.28 -18.07
CA LEU B 14 -26.19 58.48 -17.97
C LEU B 14 -27.62 58.24 -18.42
N THR B 15 -27.99 56.99 -18.66
CA THR B 15 -29.38 56.68 -18.98
C THR B 15 -30.25 56.86 -17.73
N GLN B 16 -31.39 57.52 -17.91
CA GLN B 16 -32.30 57.81 -16.81
C GLN B 16 -33.46 56.82 -16.81
N LEU B 17 -33.81 56.34 -15.62
CA LEU B 17 -34.85 55.32 -15.45
C LEU B 17 -36.15 56.02 -15.10
N GLY B 18 -37.00 56.24 -16.10
CA GLY B 18 -38.28 56.88 -15.86
C GLY B 18 -38.11 58.33 -15.45
N THR B 19 -38.93 58.74 -14.47
CA THR B 19 -38.81 60.08 -13.93
C THR B 19 -37.62 60.17 -12.96
N PHE B 20 -37.35 61.39 -12.50
CA PHE B 20 -36.32 61.57 -11.48
C PHE B 20 -36.70 60.82 -10.21
N GLU B 21 -37.99 60.79 -9.89
CA GLU B 21 -38.47 60.06 -8.72
C GLU B 21 -38.26 58.57 -8.88
N ASP B 22 -38.62 58.02 -10.03
CA ASP B 22 -38.44 56.59 -10.27
C ASP B 22 -36.96 56.22 -10.28
N HIS B 23 -36.13 57.09 -10.86
CA HIS B 23 -34.69 56.84 -10.87
C HIS B 23 -34.13 56.85 -9.45
N PHE B 24 -34.59 57.80 -8.62
CA PHE B 24 -34.14 57.83 -7.22
C PHE B 24 -34.59 56.58 -6.48
N LEU B 25 -35.81 56.10 -6.75
CA LEU B 25 -36.29 54.89 -6.10
C LEU B 25 -35.43 53.68 -6.50
N SER B 26 -35.13 53.55 -7.79
CA SER B 26 -34.29 52.44 -8.25
C SER B 26 -32.89 52.52 -7.64
N LEU B 27 -32.33 53.73 -7.56
CA LEU B 27 -31.01 53.91 -6.96
C LEU B 27 -31.02 53.52 -5.49
N GLN B 28 -32.07 53.92 -4.76
CA GLN B 28 -32.17 53.59 -3.35
C GLN B 28 -32.32 52.08 -3.15
N ARG B 29 -33.14 51.44 -3.98
CA ARG B 29 -33.32 49.99 -3.88
C ARG B 29 -32.04 49.25 -4.18
N MET B 30 -31.24 49.75 -5.14
CA MET B 30 -30.01 49.07 -5.50
C MET B 30 -28.96 49.18 -4.40
N PHE B 31 -28.87 50.34 -3.74
CA PHE B 31 -27.80 50.57 -2.78
C PHE B 31 -28.32 50.84 -1.37
N ASN B 32 -29.21 50.00 -0.87
CA ASN B 32 -29.68 50.10 0.51
C ASN B 32 -28.94 49.06 1.35
N ASN B 33 -28.23 49.53 2.38
CA ASN B 33 -27.53 48.66 3.33
C ASN B 33 -26.51 47.77 2.62
N CYS B 34 -25.88 48.30 1.57
CA CYS B 34 -24.90 47.56 0.78
C CYS B 34 -23.51 48.06 1.12
N GLU B 35 -22.66 47.15 1.60
CA GLU B 35 -21.29 47.51 1.97
C GLU B 35 -20.32 47.38 0.80
N VAL B 36 -20.53 46.43 -0.10
CA VAL B 36 -19.62 46.16 -1.21
C VAL B 36 -20.42 46.18 -2.51
N VAL B 37 -20.05 47.06 -3.42
CA VAL B 37 -20.69 47.16 -4.73
C VAL B 37 -19.87 46.36 -5.72
N LEU B 38 -20.46 45.31 -6.28
CA LEU B 38 -19.74 44.45 -7.22
C LEU B 38 -19.52 45.14 -8.56
N GLY B 39 -20.51 45.90 -9.02
CA GLY B 39 -20.41 46.61 -10.28
C GLY B 39 -20.08 48.08 -10.09
N ASN B 40 -20.47 48.88 -11.06
CA ASN B 40 -20.20 50.31 -11.03
C ASN B 40 -21.21 51.02 -10.14
N LEU B 41 -20.72 52.03 -9.40
CA LEU B 41 -21.56 52.86 -8.54
C LEU B 41 -21.88 54.14 -9.30
N GLU B 42 -23.11 54.23 -9.82
CA GLU B 42 -23.51 55.35 -10.66
C GLU B 42 -24.61 56.14 -9.94
N ILE B 43 -24.29 57.36 -9.54
CA ILE B 43 -25.24 58.29 -8.92
C ILE B 43 -25.52 59.38 -9.95
N THR B 44 -26.73 59.37 -10.51
CA THR B 44 -27.10 60.30 -11.56
C THR B 44 -28.51 60.80 -11.33
N TYR B 45 -28.75 62.04 -11.75
CA TYR B 45 -30.08 62.66 -11.75
C TYR B 45 -30.69 62.69 -10.35
N VAL B 46 -29.89 63.11 -9.38
CA VAL B 46 -30.34 63.26 -7.99
C VAL B 46 -30.64 64.74 -7.78
N GLN B 47 -31.91 65.05 -7.53
CA GLN B 47 -32.33 66.42 -7.35
C GLN B 47 -31.96 66.92 -5.95
N ARG B 48 -32.03 68.23 -5.78
CA ARG B 48 -31.66 68.85 -4.51
C ARG B 48 -32.68 68.47 -3.42
N ASN B 49 -32.18 68.44 -2.18
CA ASN B 49 -32.92 68.16 -0.94
C ASN B 49 -33.25 66.68 -0.77
N TYR B 50 -32.93 65.81 -1.72
CA TYR B 50 -33.06 64.38 -1.49
C TYR B 50 -32.02 63.92 -0.48
N ASP B 51 -32.31 62.77 0.13
CA ASP B 51 -31.42 62.17 1.13
C ASP B 51 -30.67 61.00 0.50
N LEU B 52 -29.33 61.04 0.60
CA LEU B 52 -28.48 59.98 0.07
C LEU B 52 -27.63 59.37 1.18
N SER B 53 -28.17 59.34 2.41
CA SER B 53 -27.37 58.89 3.54
C SER B 53 -27.09 57.39 3.49
N PHE B 54 -27.94 56.63 2.79
CA PHE B 54 -27.70 55.19 2.66
C PHE B 54 -26.37 54.90 1.99
N LEU B 55 -25.92 55.81 1.12
CA LEU B 55 -24.62 55.65 0.46
C LEU B 55 -23.47 55.61 1.47
N LYS B 56 -23.70 56.04 2.71
CA LYS B 56 -22.67 55.93 3.74
C LYS B 56 -22.30 54.48 4.01
N THR B 57 -23.22 53.55 3.75
CA THR B 57 -22.95 52.14 4.01
C THR B 57 -21.85 51.60 3.09
N ILE B 58 -21.77 52.12 1.86
CA ILE B 58 -20.83 51.59 0.88
C ILE B 58 -19.40 51.82 1.36
N GLN B 59 -18.58 50.76 1.27
CA GLN B 59 -17.17 50.84 1.65
C GLN B 59 -16.21 50.55 0.51
N GLU B 60 -16.64 49.84 -0.54
CA GLU B 60 -15.78 49.58 -1.68
C GLU B 60 -16.61 49.37 -2.92
N VAL B 61 -16.10 49.82 -4.06
CA VAL B 61 -16.75 49.69 -5.36
C VAL B 61 -15.74 49.08 -6.32
N ALA B 62 -16.11 47.95 -6.93
CA ALA B 62 -15.18 47.27 -7.84
C ALA B 62 -15.08 48.01 -9.18
N GLY B 63 -16.22 48.40 -9.75
CA GLY B 63 -16.23 49.09 -11.02
C GLY B 63 -15.91 50.57 -10.85
N TYR B 64 -16.36 51.35 -11.85
CA TYR B 64 -16.13 52.79 -11.82
C TYR B 64 -17.23 53.48 -11.02
N VAL B 65 -16.90 54.65 -10.50
CA VAL B 65 -17.83 55.47 -9.71
C VAL B 65 -18.14 56.71 -10.53
N LEU B 66 -19.38 56.81 -11.01
CA LEU B 66 -19.82 57.88 -11.89
C LEU B 66 -20.86 58.73 -11.16
N ILE B 67 -20.48 59.95 -10.81
CA ILE B 67 -21.38 60.92 -10.18
C ILE B 67 -21.64 62.02 -11.21
N ALA B 68 -22.86 62.06 -11.74
CA ALA B 68 -23.13 62.95 -12.86
C ALA B 68 -24.53 63.53 -12.79
N LEU B 69 -24.66 64.79 -13.25
CA LEU B 69 -25.94 65.48 -13.38
C LEU B 69 -26.74 65.44 -12.08
N ASN B 70 -26.06 65.67 -10.97
CA ASN B 70 -26.69 65.69 -9.66
C ASN B 70 -26.72 67.14 -9.16
N THR B 71 -27.92 67.63 -8.87
CA THR B 71 -28.10 68.95 -8.27
C THR B 71 -28.13 68.91 -6.75
N VAL B 72 -28.06 67.72 -6.16
CA VAL B 72 -28.04 67.60 -4.70
C VAL B 72 -26.78 68.23 -4.16
N GLU B 73 -26.90 68.93 -3.03
CA GLU B 73 -25.77 69.69 -2.50
C GLU B 73 -24.69 68.78 -1.93
N ARG B 74 -25.08 67.71 -1.24
CA ARG B 74 -24.13 66.85 -0.54
C ARG B 74 -24.40 65.39 -0.89
N ILE B 75 -23.35 64.66 -1.22
CA ILE B 75 -23.43 63.22 -1.47
C ILE B 75 -22.61 62.49 -0.43
N PRO B 76 -23.23 61.78 0.51
CA PRO B 76 -22.47 61.16 1.60
C PRO B 76 -21.77 59.87 1.20
N LEU B 77 -20.47 59.95 0.90
CA LEU B 77 -19.65 58.77 0.66
C LEU B 77 -18.50 58.74 1.65
N GLU B 78 -18.82 58.82 2.94
CA GLU B 78 -17.79 58.97 3.96
C GLU B 78 -17.00 57.69 4.16
N ASN B 79 -17.67 56.54 4.12
CA ASN B 79 -17.03 55.27 4.43
C ASN B 79 -16.46 54.56 3.21
N LEU B 80 -16.61 55.13 2.02
CA LEU B 80 -16.01 54.54 0.82
C LEU B 80 -14.50 54.52 0.95
N GLN B 81 -13.91 53.33 0.96
CA GLN B 81 -12.48 53.18 1.21
C GLN B 81 -11.66 52.97 -0.07
N ILE B 82 -12.14 52.16 -1.01
CA ILE B 82 -11.36 51.81 -2.19
C ILE B 82 -12.28 51.70 -3.40
N ILE B 83 -11.79 52.14 -4.55
CA ILE B 83 -12.42 51.95 -5.85
C ILE B 83 -11.50 51.06 -6.66
N ARG B 84 -11.90 49.81 -6.89
CA ARG B 84 -11.01 48.85 -7.54
C ARG B 84 -10.77 49.20 -9.00
N GLY B 85 -11.74 49.82 -9.66
CA GLY B 85 -11.57 50.23 -11.05
C GLY B 85 -11.39 49.09 -12.02
N ASN B 86 -12.09 47.98 -11.82
CA ASN B 86 -12.00 46.86 -12.77
C ASN B 86 -12.65 47.22 -14.10
N MET B 87 -13.62 48.12 -14.08
CA MET B 87 -14.25 48.62 -15.30
C MET B 87 -14.02 50.13 -15.39
N TYR B 88 -13.76 50.61 -16.59
CA TYR B 88 -13.45 52.02 -16.83
C TYR B 88 -14.62 52.73 -17.50
N TYR B 89 -14.88 53.95 -17.04
CA TYR B 89 -15.84 54.83 -17.71
C TYR B 89 -15.10 55.70 -18.70
N GLU B 90 -15.65 55.79 -19.92
CA GLU B 90 -14.98 56.48 -21.04
C GLU B 90 -13.62 55.87 -21.34
N ASN B 91 -13.46 54.59 -21.04
CA ASN B 91 -12.29 53.76 -21.35
C ASN B 91 -11.04 54.13 -20.57
N SER B 92 -11.07 55.18 -19.74
CA SER B 92 -9.88 55.66 -19.07
C SER B 92 -10.05 55.96 -17.60
N TYR B 93 -11.26 56.23 -17.12
CA TYR B 93 -11.48 56.77 -15.78
C TYR B 93 -12.24 55.77 -14.92
N ALA B 94 -11.83 55.70 -13.64
CA ALA B 94 -12.54 54.93 -12.63
C ALA B 94 -13.33 55.80 -11.67
N LEU B 95 -13.15 57.11 -11.72
CA LEU B 95 -13.92 58.06 -10.92
C LEU B 95 -14.24 59.25 -11.80
N ALA B 96 -15.53 59.48 -12.05
CA ALA B 96 -15.98 60.52 -12.97
C ALA B 96 -17.07 61.35 -12.30
N VAL B 97 -16.69 62.49 -11.74
CA VAL B 97 -17.63 63.48 -11.22
C VAL B 97 -17.78 64.53 -12.30
N LEU B 98 -18.90 64.48 -13.02
CA LEU B 98 -19.06 65.27 -14.24
C LEU B 98 -20.42 65.97 -14.26
N SER B 99 -20.39 67.28 -14.50
CA SER B 99 -21.59 68.07 -14.82
C SER B 99 -22.65 67.96 -13.73
N ASN B 100 -22.23 68.01 -12.47
CA ASN B 100 -23.15 68.01 -11.33
C ASN B 100 -23.50 69.45 -10.96
N TYR B 101 -24.25 70.09 -11.87
CA TYR B 101 -24.56 71.50 -11.72
C TYR B 101 -25.98 71.79 -12.16
N ASP B 102 -26.59 72.77 -11.52
CA ASP B 102 -27.89 73.30 -11.89
C ASP B 102 -27.70 74.40 -12.94
N ALA B 103 -28.81 74.79 -13.57
CA ALA B 103 -28.77 75.91 -14.51
C ALA B 103 -28.29 77.19 -13.83
N ASN B 104 -28.61 77.36 -12.54
CA ASN B 104 -28.16 78.49 -11.75
C ASN B 104 -26.83 78.23 -11.05
N LYS B 105 -26.06 77.25 -11.52
CA LYS B 105 -24.74 76.93 -10.98
C LYS B 105 -24.81 76.59 -9.49
N THR B 106 -25.85 75.83 -9.11
CA THR B 106 -26.04 75.39 -7.72
C THR B 106 -26.20 73.87 -7.74
N GLY B 107 -25.08 73.17 -7.86
CA GLY B 107 -25.09 71.71 -7.88
C GLY B 107 -24.41 71.10 -6.68
N LEU B 108 -23.64 70.03 -6.91
CA LEU B 108 -22.96 69.34 -5.82
C LEU B 108 -21.88 70.24 -5.22
N LYS B 109 -21.90 70.36 -3.90
CA LYS B 109 -20.94 71.20 -3.19
C LYS B 109 -20.12 70.45 -2.15
N GLU B 110 -20.62 69.35 -1.61
CA GLU B 110 -19.93 68.60 -0.57
C GLU B 110 -19.83 67.14 -0.98
N LEU B 111 -18.60 66.64 -1.12
CA LEU B 111 -18.32 65.24 -1.44
C LEU B 111 -17.27 64.75 -0.47
N PRO B 112 -17.67 64.45 0.78
CA PRO B 112 -16.68 64.11 1.83
C PRO B 112 -16.26 62.65 1.80
N MET B 113 -15.50 62.27 0.78
CA MET B 113 -14.94 60.92 0.69
C MET B 113 -13.63 60.84 1.48
N ARG B 114 -13.75 61.04 2.80
CA ARG B 114 -12.57 61.13 3.65
C ARG B 114 -11.82 59.80 3.72
N ASN B 115 -12.55 58.69 3.73
CA ASN B 115 -11.92 57.38 3.87
C ASN B 115 -11.35 56.85 2.57
N LEU B 116 -11.64 57.48 1.44
CA LEU B 116 -11.11 57.02 0.17
C LEU B 116 -9.60 57.19 0.15
N GLN B 117 -8.88 56.10 -0.05
CA GLN B 117 -7.41 56.09 0.04
C GLN B 117 -6.72 55.39 -1.12
N GLU B 118 -7.32 54.36 -1.72
CA GLU B 118 -6.72 53.60 -2.82
C GLU B 118 -7.68 53.53 -3.99
N ILE B 119 -7.17 53.81 -5.18
CA ILE B 119 -7.84 53.47 -6.44
C ILE B 119 -6.89 52.57 -7.19
N LEU B 120 -7.24 51.27 -7.26
CA LEU B 120 -6.30 50.28 -7.77
C LEU B 120 -5.97 50.52 -9.24
N HIS B 121 -6.98 50.83 -10.05
CA HIS B 121 -6.78 51.03 -11.48
C HIS B 121 -7.67 52.16 -11.96
N GLY B 122 -7.20 52.84 -13.01
CA GLY B 122 -7.95 53.91 -13.64
C GLY B 122 -7.49 55.29 -13.18
N ALA B 123 -8.08 56.30 -13.82
CA ALA B 123 -7.81 57.70 -13.51
C ALA B 123 -9.09 58.37 -13.03
N VAL B 124 -8.97 59.61 -12.60
CA VAL B 124 -10.08 60.38 -12.06
C VAL B 124 -10.29 61.61 -12.93
N ARG B 125 -11.56 61.95 -13.18
CA ARG B 125 -11.91 63.07 -14.03
C ARG B 125 -12.95 63.93 -13.32
N PHE B 126 -12.62 65.20 -13.11
CA PHE B 126 -13.52 66.18 -12.52
C PHE B 126 -13.73 67.30 -13.53
N SER B 127 -15.00 67.54 -13.89
CA SER B 127 -15.28 68.55 -14.90
C SER B 127 -16.69 69.08 -14.73
N ASN B 128 -16.87 70.37 -15.03
CA ASN B 128 -18.17 71.03 -15.07
C ASN B 128 -18.91 70.92 -13.73
N ASN B 129 -18.17 71.10 -12.63
CA ASN B 129 -18.74 71.12 -11.29
C ASN B 129 -18.45 72.48 -10.68
N PRO B 130 -19.25 73.50 -11.03
CA PRO B 130 -18.97 74.85 -10.50
C PRO B 130 -19.02 74.94 -8.99
N ALA B 131 -20.03 74.34 -8.35
CA ALA B 131 -20.30 74.56 -6.94
C ALA B 131 -19.45 73.68 -6.01
N LEU B 132 -18.51 72.90 -6.53
CA LEU B 132 -17.71 72.04 -5.68
C LEU B 132 -16.81 72.86 -4.78
N CYS B 133 -16.50 72.31 -3.60
CA CYS B 133 -15.86 73.08 -2.54
C CYS B 133 -14.95 72.16 -1.75
N ASN B 134 -13.68 72.54 -1.63
CA ASN B 134 -12.61 71.91 -0.86
C ASN B 134 -12.07 70.63 -1.51
N VAL B 135 -12.73 70.07 -2.52
CA VAL B 135 -12.20 68.84 -3.14
C VAL B 135 -10.87 69.11 -3.82
N GLU B 136 -10.69 70.32 -4.36
CA GLU B 136 -9.52 70.64 -5.18
C GLU B 136 -8.21 70.41 -4.43
N SER B 137 -8.22 70.52 -3.11
CA SER B 137 -6.99 70.41 -2.34
C SER B 137 -6.46 68.98 -2.26
N ILE B 138 -7.30 67.99 -2.57
CA ILE B 138 -6.91 66.59 -2.38
C ILE B 138 -5.75 66.24 -3.30
N GLN B 139 -4.73 65.61 -2.72
CA GLN B 139 -3.58 65.11 -3.48
C GLN B 139 -3.92 63.71 -3.97
N TRP B 140 -4.26 63.60 -5.26
CA TRP B 140 -4.66 62.31 -5.82
C TRP B 140 -3.48 61.40 -6.15
N ARG B 141 -2.24 61.85 -5.90
CA ARG B 141 -1.09 60.96 -6.06
C ARG B 141 -1.15 59.81 -5.07
N ASP B 142 -1.62 60.09 -3.85
CA ASP B 142 -1.78 59.04 -2.85
C ASP B 142 -2.90 58.08 -3.23
N ILE B 143 -3.94 58.57 -3.90
CA ILE B 143 -5.12 57.76 -4.18
C ILE B 143 -4.95 56.97 -5.47
N VAL B 144 -4.39 57.58 -6.51
CA VAL B 144 -4.32 56.99 -7.85
C VAL B 144 -2.94 56.38 -8.06
N SER B 145 -2.90 55.28 -8.82
CA SER B 145 -1.64 54.64 -9.16
C SER B 145 -0.79 55.54 -10.05
N SER B 146 0.53 55.38 -9.92
CA SER B 146 1.45 56.19 -10.72
C SER B 146 1.36 55.87 -12.20
N ASP B 147 0.95 54.64 -12.54
CA ASP B 147 0.83 54.27 -13.95
C ASP B 147 -0.25 55.08 -14.65
N PHE B 148 -1.42 55.18 -14.04
CA PHE B 148 -2.55 55.91 -14.61
C PHE B 148 -2.51 57.40 -14.31
N LEU B 149 -1.45 57.87 -13.63
CA LEU B 149 -1.45 59.25 -13.13
C LEU B 149 -1.40 60.27 -14.26
N SER B 150 -0.85 59.91 -15.41
CA SER B 150 -0.83 60.82 -16.54
C SER B 150 -2.18 60.91 -17.24
N ASN B 151 -2.98 59.84 -17.18
CA ASN B 151 -4.27 59.82 -17.85
C ASN B 151 -5.29 60.75 -17.21
N MET B 152 -5.03 61.23 -16.00
CA MET B 152 -6.02 61.99 -15.25
C MET B 152 -6.34 63.32 -15.92
N SER B 153 -7.49 63.87 -15.57
CA SER B 153 -7.95 65.15 -16.11
C SER B 153 -8.74 65.87 -15.03
N MET B 154 -8.16 66.94 -14.48
CA MET B 154 -8.77 67.68 -13.39
C MET B 154 -9.09 69.10 -13.85
N ASP B 155 -10.28 69.58 -13.52
CA ASP B 155 -10.67 70.96 -13.76
C ASP B 155 -11.57 71.42 -12.62
N PHE B 156 -11.14 72.42 -11.89
CA PHE B 156 -11.90 72.99 -10.77
C PHE B 156 -12.13 74.47 -11.04
N GLN B 157 -13.39 74.85 -11.23
CA GLN B 157 -13.78 76.24 -11.44
C GLN B 157 -14.93 76.57 -10.50
N ASN B 158 -14.75 77.61 -9.69
CA ASN B 158 -15.74 78.02 -8.70
C ASN B 158 -16.11 79.48 -8.94
N HIS B 159 -17.40 79.71 -9.22
CA HIS B 159 -17.92 81.07 -9.35
C HIS B 159 -18.37 81.62 -8.00
N LEU B 160 -19.10 80.81 -7.22
CA LEU B 160 -19.60 81.27 -5.93
C LEU B 160 -18.48 81.46 -4.92
N GLY B 161 -17.50 80.57 -4.92
CA GLY B 161 -16.33 80.72 -4.07
C GLY B 161 -16.58 80.73 -2.57
N SER B 162 -17.79 80.38 -2.14
CA SER B 162 -18.11 80.34 -0.72
C SER B 162 -17.74 78.97 -0.15
N CYS B 163 -16.42 78.72 -0.14
CA CYS B 163 -15.85 77.52 0.44
C CYS B 163 -15.32 77.78 1.84
N GLN B 164 -15.60 76.86 2.74
CA GLN B 164 -14.93 76.87 4.04
C GLN B 164 -13.48 76.41 3.87
N LYS B 165 -12.65 76.77 4.83
CA LYS B 165 -11.22 76.48 4.73
C LYS B 165 -10.89 75.13 5.37
N CYS B 166 -9.79 74.55 4.91
CA CYS B 166 -9.31 73.28 5.47
C CYS B 166 -8.67 73.52 6.82
N ASP B 167 -8.87 72.59 7.75
CA ASP B 167 -8.31 72.71 9.08
C ASP B 167 -6.77 72.75 9.01
N PRO B 168 -6.12 73.53 9.89
CA PRO B 168 -4.65 73.59 9.86
C PRO B 168 -3.98 72.23 10.02
N SER B 169 -4.61 71.28 10.72
CA SER B 169 -4.02 69.96 10.90
C SER B 169 -4.04 69.11 9.64
N CYS B 170 -4.62 69.60 8.55
CA CYS B 170 -4.64 68.83 7.32
C CYS B 170 -3.24 68.79 6.71
N PRO B 171 -2.85 67.67 6.09
CA PRO B 171 -1.52 67.59 5.47
C PRO B 171 -1.48 68.42 4.19
N ASN B 172 -0.58 69.41 4.17
CA ASN B 172 -0.42 70.33 3.04
C ASN B 172 -1.73 71.05 2.71
N GLY B 173 -2.59 71.23 3.70
CA GLY B 173 -3.86 71.88 3.47
C GLY B 173 -4.81 71.12 2.55
N SER B 174 -4.75 69.80 2.57
CA SER B 174 -5.60 68.96 1.73
C SER B 174 -6.71 68.36 2.58
N CYS B 175 -7.96 68.61 2.17
CA CYS B 175 -9.11 68.15 2.94
C CYS B 175 -10.28 67.89 2.01
N TRP B 176 -11.08 66.88 2.34
CA TRP B 176 -12.31 66.64 1.58
C TRP B 176 -13.43 67.58 2.02
N GLY B 177 -13.40 68.03 3.28
CA GLY B 177 -14.41 68.92 3.81
C GLY B 177 -13.80 69.78 4.90
N ALA B 178 -14.62 70.71 5.42
CA ALA B 178 -14.12 71.70 6.34
C ALA B 178 -13.66 71.07 7.65
N GLY B 179 -14.34 70.03 8.10
CA GLY B 179 -14.02 69.45 9.39
C GLY B 179 -12.65 68.81 9.43
N GLU B 180 -12.08 68.77 10.63
CA GLU B 180 -10.79 68.09 10.83
C GLU B 180 -10.88 66.61 10.54
N GLU B 181 -12.08 66.02 10.62
CA GLU B 181 -12.26 64.63 10.27
C GLU B 181 -11.95 64.40 8.80
N ASN B 182 -12.31 65.36 7.94
CA ASN B 182 -12.17 65.23 6.50
C ASN B 182 -10.78 65.61 6.00
N CYS B 183 -9.83 65.89 6.89
CA CYS B 183 -8.44 66.01 6.48
C CYS B 183 -8.00 64.73 5.78
N GLN B 184 -7.35 64.87 4.63
CA GLN B 184 -6.93 63.70 3.87
C GLN B 184 -5.96 62.85 4.68
N LYS B 185 -6.18 61.54 4.69
CA LYS B 185 -5.30 60.59 5.34
C LYS B 185 -4.32 60.04 4.32
N LEU B 186 -3.04 60.33 4.50
CA LEU B 186 -2.01 59.93 3.55
C LEU B 186 -1.43 58.58 3.96
N THR B 187 -1.37 57.66 3.00
CA THR B 187 -0.86 56.31 3.26
C THR B 187 0.14 55.82 2.21
N LYS B 188 0.50 56.64 1.22
CA LYS B 188 1.46 56.21 0.21
C LYS B 188 2.62 57.19 0.06
N ILE B 189 2.32 58.44 -0.28
CA ILE B 189 3.35 59.41 -0.61
C ILE B 189 4.23 59.78 0.58
N ILE B 190 3.84 59.40 1.80
CA ILE B 190 4.59 59.74 3.00
C ILE B 190 5.35 58.52 3.54
N CYS B 191 5.34 57.40 2.83
CA CYS B 191 5.94 56.19 3.35
C CYS B 191 7.46 56.30 3.35
N ALA B 192 8.08 55.74 4.39
CA ALA B 192 9.53 55.65 4.43
C ALA B 192 10.03 54.78 3.29
N GLN B 193 11.34 54.90 2.99
CA GLN B 193 11.89 54.24 1.82
C GLN B 193 11.83 52.72 1.93
N GLN B 194 11.93 52.17 3.14
CA GLN B 194 11.99 50.74 3.33
C GLN B 194 10.62 50.07 3.19
N CYS B 195 9.73 50.65 2.39
CA CYS B 195 8.32 50.30 2.45
C CYS B 195 7.86 49.81 1.08
N SER B 196 7.39 48.56 1.03
CA SER B 196 6.98 47.96 -0.24
C SER B 196 5.61 48.44 -0.70
N GLY B 197 4.77 48.95 0.20
CA GLY B 197 3.44 49.39 -0.18
C GLY B 197 2.88 50.49 0.71
N ARG B 198 1.68 50.26 1.23
CA ARG B 198 1.03 51.26 2.08
C ARG B 198 1.72 51.32 3.45
N CYS B 199 1.43 52.38 4.19
CA CYS B 199 2.05 52.59 5.48
C CYS B 199 1.10 53.37 6.38
N ARG B 200 1.36 53.29 7.69
CA ARG B 200 0.60 54.04 8.69
C ARG B 200 1.27 55.36 9.06
N GLY B 201 2.53 55.55 8.71
CA GLY B 201 3.22 56.78 9.05
C GLY B 201 4.59 56.81 8.42
N LYS B 202 5.31 57.91 8.71
CA LYS B 202 6.65 58.12 8.18
C LYS B 202 7.67 57.13 8.72
N SER B 203 7.30 56.34 9.74
CA SER B 203 8.19 55.39 10.38
C SER B 203 8.28 54.09 9.57
N PRO B 204 9.43 53.42 9.61
CA PRO B 204 9.53 52.12 8.91
C PRO B 204 8.64 51.05 9.51
N SER B 205 8.45 51.04 10.83
CA SER B 205 7.63 50.04 11.47
C SER B 205 6.15 50.18 11.10
N ASP B 206 5.73 51.36 10.67
CA ASP B 206 4.33 51.64 10.37
C ASP B 206 3.87 51.09 9.04
N CYS B 207 4.70 50.32 8.35
CA CYS B 207 4.39 49.90 6.99
C CYS B 207 3.38 48.75 6.99
N CYS B 208 3.00 48.32 5.80
CA CYS B 208 1.94 47.34 5.60
C CYS B 208 2.41 46.25 4.65
N HIS B 209 1.65 45.16 4.62
CA HIS B 209 1.89 44.07 3.69
C HIS B 209 1.48 44.47 2.28
N ASN B 210 2.04 43.76 1.29
CA ASN B 210 1.73 44.07 -0.11
C ASN B 210 0.29 43.76 -0.49
N GLN B 211 -0.51 43.19 0.41
CA GLN B 211 -1.90 42.88 0.11
C GLN B 211 -2.88 43.80 0.84
N CYS B 212 -2.38 44.70 1.68
CA CYS B 212 -3.23 45.73 2.27
C CYS B 212 -3.54 46.78 1.22
N ALA B 213 -4.83 46.93 0.88
CA ALA B 213 -5.22 47.75 -0.25
C ALA B 213 -5.15 49.24 0.08
N ALA B 214 -5.90 49.68 1.09
CA ALA B 214 -5.95 51.09 1.47
C ALA B 214 -5.03 51.41 2.64
N GLY B 215 -4.97 50.55 3.63
CA GLY B 215 -4.12 50.77 4.79
C GLY B 215 -4.17 49.57 5.71
N CYS B 216 -3.39 49.65 6.78
CA CYS B 216 -3.32 48.57 7.74
C CYS B 216 -3.28 49.13 9.16
N THR B 217 -3.55 48.25 10.11
CA THR B 217 -3.36 48.53 11.53
C THR B 217 -2.16 47.78 12.10
N GLY B 218 -1.35 47.18 11.22
CA GLY B 218 -0.19 46.42 11.61
C GLY B 218 0.45 45.79 10.40
N PRO B 219 1.73 45.42 10.50
CA PRO B 219 2.44 44.91 9.32
C PRO B 219 2.08 43.48 8.97
N ARG B 220 0.97 42.98 9.51
CA ARG B 220 0.54 41.62 9.24
C ARG B 220 -0.38 41.57 8.02
N GLU B 221 -0.43 40.39 7.39
CA GLU B 221 -1.34 40.18 6.27
C GLU B 221 -2.79 40.18 6.70
N SER B 222 -3.07 40.11 7.99
CA SER B 222 -4.44 40.07 8.52
C SER B 222 -4.90 41.43 9.07
N ASP B 223 -4.01 42.42 9.11
CA ASP B 223 -4.35 43.74 9.63
C ASP B 223 -4.75 44.72 8.54
N CYS B 224 -5.02 44.23 7.33
CA CYS B 224 -5.36 45.12 6.23
C CYS B 224 -6.79 45.64 6.38
N LEU B 225 -7.00 46.89 5.97
CA LEU B 225 -8.35 47.42 5.91
C LEU B 225 -9.15 46.76 4.81
N VAL B 226 -8.58 46.69 3.61
CA VAL B 226 -9.18 46.03 2.46
C VAL B 226 -8.13 45.16 1.79
N CYS B 227 -8.55 44.01 1.28
CA CYS B 227 -7.63 43.13 0.56
C CYS B 227 -7.40 43.63 -0.85
N ARG B 228 -6.16 43.44 -1.35
CA ARG B 228 -5.82 43.88 -2.70
C ARG B 228 -6.27 42.87 -3.74
N LYS B 229 -5.77 41.64 -3.65
CA LYS B 229 -6.03 40.63 -4.66
C LYS B 229 -7.03 39.58 -4.17
N PHE B 230 -6.65 38.75 -3.20
CA PHE B 230 -7.52 37.67 -2.74
C PHE B 230 -7.74 37.77 -1.24
N ARG B 231 -8.85 37.20 -0.80
CA ARG B 231 -9.23 37.19 0.61
C ARG B 231 -9.44 35.74 1.06
N ASP B 232 -8.68 35.33 2.08
CA ASP B 232 -8.82 33.99 2.67
C ASP B 232 -9.04 34.21 4.15
N GLU B 233 -10.26 33.97 4.62
CA GLU B 233 -10.65 34.19 6.02
C GLU B 233 -10.36 35.64 6.36
N ALA B 234 -9.56 35.94 7.38
CA ALA B 234 -9.24 37.31 7.75
C ALA B 234 -7.88 37.75 7.22
N THR B 235 -7.27 36.97 6.34
CA THR B 235 -5.95 37.27 5.81
C THR B 235 -6.05 37.57 4.32
N CYS B 236 -5.42 38.67 3.89
CA CYS B 236 -5.32 38.99 2.48
C CYS B 236 -4.17 38.19 1.87
N LYS B 237 -4.41 37.64 0.68
CA LYS B 237 -3.45 36.75 0.04
C LYS B 237 -3.27 37.16 -1.42
N ASP B 238 -2.02 37.10 -1.89
CA ASP B 238 -1.73 37.30 -3.30
C ASP B 238 -2.39 36.22 -4.14
N THR B 239 -2.31 34.97 -3.70
CA THR B 239 -2.97 33.85 -4.34
C THR B 239 -3.56 32.97 -3.26
N CYS B 240 -4.72 32.38 -3.54
CA CYS B 240 -5.33 31.47 -2.58
C CYS B 240 -4.35 30.34 -2.25
N PRO B 241 -4.29 29.92 -0.99
CA PRO B 241 -3.30 28.91 -0.59
C PRO B 241 -3.42 27.66 -1.43
N PRO B 242 -2.33 27.25 -2.09
CA PRO B 242 -2.38 26.04 -2.92
C PRO B 242 -2.54 24.80 -2.07
N LEU B 243 -3.31 23.84 -2.57
CA LEU B 243 -3.50 22.59 -1.87
C LEU B 243 -2.25 21.72 -1.86
N MET B 244 -1.24 22.06 -2.66
CA MET B 244 0.03 21.36 -2.68
C MET B 244 1.15 22.38 -2.59
N LEU B 245 2.13 22.11 -1.73
CA LEU B 245 3.20 23.06 -1.44
C LEU B 245 4.55 22.40 -1.68
N TYR B 246 5.43 23.08 -2.40
CA TYR B 246 6.76 22.56 -2.72
C TYR B 246 7.66 22.63 -1.50
N ASN B 247 8.39 21.54 -1.25
CA ASN B 247 9.35 21.48 -0.15
C ASN B 247 10.76 21.52 -0.72
N PRO B 248 11.57 22.53 -0.39
CA PRO B 248 12.89 22.63 -1.02
C PRO B 248 13.84 21.50 -0.62
N THR B 249 13.84 21.11 0.66
CA THR B 249 14.74 20.05 1.10
C THR B 249 14.36 18.70 0.50
N THR B 250 13.07 18.39 0.48
CA THR B 250 12.59 17.11 -0.02
C THR B 250 12.63 17.04 -1.55
N TYR B 251 12.61 18.18 -2.24
CA TYR B 251 12.50 18.25 -3.69
C TYR B 251 11.22 17.56 -4.17
N GLN B 252 10.13 17.77 -3.44
CA GLN B 252 8.86 17.13 -3.75
C GLN B 252 7.72 18.00 -3.26
N MET B 253 6.50 17.66 -3.69
CA MET B 253 5.30 18.42 -3.37
C MET B 253 4.60 17.76 -2.19
N ASP B 254 4.68 18.40 -1.02
CA ASP B 254 3.93 17.95 0.14
C ASP B 254 2.50 18.49 0.08
N VAL B 255 1.63 17.90 0.89
CA VAL B 255 0.25 18.31 0.95
C VAL B 255 0.11 19.50 1.90
N ASN B 256 -0.69 20.49 1.49
CA ASN B 256 -0.89 21.68 2.31
C ASN B 256 -2.23 21.58 3.04
N PRO B 257 -2.24 21.56 4.37
CA PRO B 257 -3.53 21.45 5.08
C PRO B 257 -4.38 22.71 4.96
N GLU B 258 -3.77 23.89 4.96
CA GLU B 258 -4.49 25.15 4.91
C GLU B 258 -4.82 25.58 3.49
N GLY B 259 -4.49 24.77 2.48
CA GLY B 259 -4.79 25.14 1.11
C GLY B 259 -6.28 25.15 0.84
N LYS B 260 -6.71 26.10 0.02
CA LYS B 260 -8.12 26.25 -0.31
C LYS B 260 -8.29 26.51 -1.79
N TYR B 261 -9.44 26.12 -2.32
CA TYR B 261 -9.76 26.35 -3.72
C TYR B 261 -10.03 27.84 -3.97
N SER B 262 -9.81 28.27 -5.20
CA SER B 262 -9.95 29.67 -5.59
C SER B 262 -11.31 29.88 -6.25
N PHE B 263 -12.06 30.88 -5.78
CA PHE B 263 -13.37 31.17 -6.36
C PHE B 263 -13.60 32.67 -6.33
N GLY B 264 -13.55 33.30 -7.50
CA GLY B 264 -13.73 34.74 -7.57
C GLY B 264 -12.62 35.46 -6.81
N VAL B 265 -13.03 36.37 -5.93
CA VAL B 265 -12.08 37.07 -5.06
C VAL B 265 -11.81 36.28 -3.79
N THR B 266 -12.60 35.24 -3.51
CA THR B 266 -12.53 34.53 -2.25
C THR B 266 -11.76 33.22 -2.39
N CYS B 267 -11.33 32.70 -1.24
CA CYS B 267 -10.65 31.41 -1.13
C CYS B 267 -11.60 30.49 -0.37
N VAL B 268 -12.28 29.61 -1.10
CA VAL B 268 -13.32 28.75 -0.54
C VAL B 268 -12.71 27.41 -0.19
N LYS B 269 -13.19 26.81 0.91
CA LYS B 269 -12.71 25.49 1.31
C LYS B 269 -13.07 24.40 0.32
N LYS B 270 -14.09 24.63 -0.52
CA LYS B 270 -14.48 23.67 -1.53
C LYS B 270 -15.38 24.38 -2.53
N CYS B 271 -15.07 24.22 -3.81
CA CYS B 271 -15.85 24.85 -4.86
C CYS B 271 -17.34 24.53 -4.71
N PRO B 272 -18.21 25.47 -5.06
CA PRO B 272 -19.65 25.18 -5.02
C PRO B 272 -19.98 24.05 -5.98
N ARG B 273 -21.04 23.32 -5.65
CA ARG B 273 -21.41 22.13 -6.42
C ARG B 273 -21.70 22.47 -7.88
N ASN B 274 -22.00 23.72 -8.19
CA ASN B 274 -22.33 24.10 -9.56
C ASN B 274 -21.08 24.32 -10.41
N TYR B 275 -20.02 24.87 -9.83
CA TYR B 275 -18.85 25.23 -10.61
C TYR B 275 -17.93 24.04 -10.82
N VAL B 276 -17.16 24.10 -11.91
CA VAL B 276 -16.21 23.05 -12.26
C VAL B 276 -14.97 23.18 -11.39
N VAL B 277 -14.46 22.04 -10.91
CA VAL B 277 -13.31 22.01 -10.02
C VAL B 277 -12.09 21.55 -10.82
N THR B 278 -11.07 22.39 -10.87
CA THR B 278 -9.82 22.03 -11.53
C THR B 278 -9.01 21.09 -10.63
N ASP B 279 -8.12 20.33 -11.27
CA ASP B 279 -7.18 19.52 -10.51
C ASP B 279 -6.21 20.39 -9.71
N HIS B 280 -5.92 21.59 -10.20
CA HIS B 280 -4.99 22.49 -9.54
C HIS B 280 -5.61 23.23 -8.36
N GLY B 281 -6.91 23.08 -8.13
CA GLY B 281 -7.55 23.69 -6.98
C GLY B 281 -8.10 25.08 -7.24
N SER B 282 -8.84 25.24 -8.33
CA SER B 282 -9.44 26.52 -8.67
C SER B 282 -10.80 26.29 -9.30
N CYS B 283 -11.80 27.02 -8.83
CA CYS B 283 -13.14 26.92 -9.40
C CYS B 283 -13.16 27.50 -10.81
N VAL B 284 -13.90 26.85 -11.71
CA VAL B 284 -13.88 27.18 -13.13
C VAL B 284 -15.31 27.17 -13.67
N ARG B 285 -15.59 28.12 -14.56
CA ARG B 285 -16.91 28.26 -15.17
C ARG B 285 -17.10 27.39 -16.40
N ALA B 286 -16.02 26.98 -17.07
CA ALA B 286 -16.09 26.11 -18.25
C ALA B 286 -14.69 25.67 -18.63
N CYS B 287 -14.56 24.43 -19.11
CA CYS B 287 -13.28 23.89 -19.52
C CYS B 287 -13.08 24.07 -21.03
N GLY B 288 -11.88 23.72 -21.49
CA GLY B 288 -11.51 23.90 -22.88
C GLY B 288 -12.19 22.90 -23.81
N ALA B 289 -11.82 22.98 -25.08
CA ALA B 289 -12.47 22.19 -26.11
C ALA B 289 -12.12 20.70 -26.00
N ASP B 290 -10.91 20.38 -25.55
CA ASP B 290 -10.49 18.99 -25.54
C ASP B 290 -11.19 18.18 -24.46
N SER B 291 -11.57 18.81 -23.35
CA SER B 291 -12.18 18.12 -22.23
C SER B 291 -13.69 18.32 -22.22
N TYR B 292 -14.34 17.68 -21.25
CA TYR B 292 -15.77 17.80 -21.05
C TYR B 292 -16.08 17.51 -19.59
N GLU B 293 -17.25 17.98 -19.14
CA GLU B 293 -17.61 17.97 -17.74
C GLU B 293 -18.12 16.59 -17.31
N MET B 294 -17.52 16.05 -16.27
CA MET B 294 -17.89 14.75 -15.71
C MET B 294 -17.80 14.83 -14.19
N GLU B 295 -18.86 14.42 -13.50
CA GLU B 295 -18.87 14.42 -12.04
C GLU B 295 -18.33 13.08 -11.52
N GLU B 296 -17.01 12.92 -11.70
CA GLU B 296 -16.37 11.65 -11.36
C GLU B 296 -16.30 11.44 -9.86
N ASP B 297 -15.92 12.46 -9.10
CA ASP B 297 -15.68 12.35 -7.67
C ASP B 297 -16.77 13.04 -6.85
N GLY B 298 -18.00 13.03 -7.35
CA GLY B 298 -19.06 13.81 -6.75
C GLY B 298 -18.97 15.30 -7.03
N VAL B 299 -17.89 15.76 -7.66
CA VAL B 299 -17.73 17.14 -8.07
C VAL B 299 -17.53 17.16 -9.59
N ARG B 300 -17.96 18.25 -10.21
CA ARG B 300 -17.93 18.37 -11.67
C ARG B 300 -16.50 18.67 -12.13
N LYS B 301 -15.72 17.61 -12.27
CA LYS B 301 -14.38 17.72 -12.83
C LYS B 301 -14.46 17.73 -14.35
N CYS B 302 -13.30 17.81 -15.00
CA CYS B 302 -13.23 17.75 -16.46
C CYS B 302 -12.32 16.60 -16.87
N LYS B 303 -12.86 15.71 -17.70
CA LYS B 303 -12.11 14.59 -18.26
C LYS B 303 -12.00 14.76 -19.77
N LYS B 304 -10.95 14.21 -20.35
CA LYS B 304 -10.69 14.45 -21.77
C LYS B 304 -11.50 13.49 -22.61
N CYS B 305 -12.30 14.04 -23.53
CA CYS B 305 -13.02 13.24 -24.52
C CYS B 305 -12.13 13.02 -25.74
N GLU B 306 -11.78 11.76 -25.98
CA GLU B 306 -10.84 11.43 -27.07
C GLU B 306 -11.51 11.53 -28.43
N GLY B 307 -12.71 10.98 -28.58
CA GLY B 307 -13.44 11.07 -29.82
C GLY B 307 -13.88 12.50 -30.10
N PRO B 308 -14.47 12.74 -31.28
CA PRO B 308 -14.99 14.07 -31.59
C PRO B 308 -15.95 14.57 -30.52
N CYS B 309 -15.55 15.62 -29.82
CA CYS B 309 -16.27 16.06 -28.64
C CYS B 309 -17.53 16.84 -29.03
N ARG B 310 -18.53 16.78 -28.17
CA ARG B 310 -19.83 17.38 -28.46
C ARG B 310 -19.71 18.88 -28.70
N LYS B 311 -20.62 19.40 -29.52
CA LYS B 311 -20.59 20.80 -29.89
C LYS B 311 -20.91 21.67 -28.67
N VAL B 312 -19.99 22.57 -28.32
CA VAL B 312 -20.17 23.52 -27.24
C VAL B 312 -20.10 24.92 -27.86
N CYS B 313 -21.14 25.72 -27.66
CA CYS B 313 -21.31 27.00 -28.34
C CYS B 313 -21.20 28.13 -27.33
N ASN B 314 -20.36 29.12 -27.64
CA ASN B 314 -20.19 30.27 -26.76
C ASN B 314 -21.50 31.05 -26.64
N GLY B 315 -21.80 31.48 -25.41
CA GLY B 315 -23.03 32.21 -25.15
C GLY B 315 -22.89 33.70 -25.40
N ILE B 316 -24.03 34.39 -25.35
CA ILE B 316 -24.05 35.83 -25.57
C ILE B 316 -23.38 36.53 -24.40
N GLY B 317 -22.63 37.59 -24.71
CA GLY B 317 -21.95 38.38 -23.70
C GLY B 317 -20.49 38.05 -23.50
N ILE B 318 -19.97 37.04 -24.19
CA ILE B 318 -18.56 36.66 -24.07
C ILE B 318 -17.98 36.45 -25.46
N GLY B 319 -16.69 36.72 -25.59
CA GLY B 319 -15.97 36.40 -26.81
C GLY B 319 -16.47 37.20 -28.00
N GLU B 320 -16.81 36.49 -29.08
CA GLU B 320 -17.24 37.15 -30.31
C GLU B 320 -18.56 37.88 -30.14
N PHE B 321 -19.44 37.35 -29.28
CA PHE B 321 -20.74 37.95 -29.02
C PHE B 321 -20.72 38.82 -27.77
N LYS B 322 -19.56 39.44 -27.46
CA LYS B 322 -19.42 40.16 -26.20
C LYS B 322 -20.34 41.38 -26.14
N ASP B 323 -20.50 42.09 -27.25
CA ASP B 323 -21.34 43.28 -27.28
C ASP B 323 -22.75 43.00 -27.80
N SER B 324 -23.04 41.75 -28.17
CA SER B 324 -24.38 41.40 -28.64
C SER B 324 -25.37 41.44 -27.49
N LEU B 325 -26.58 41.94 -27.77
CA LEU B 325 -27.62 42.05 -26.77
C LEU B 325 -28.64 40.93 -26.82
N SER B 326 -28.72 40.20 -27.94
CA SER B 326 -29.69 39.12 -28.09
C SER B 326 -29.30 38.28 -29.29
N ILE B 327 -29.87 37.08 -29.35
CA ILE B 327 -29.72 36.24 -30.54
C ILE B 327 -30.36 36.97 -31.72
N ASN B 328 -29.55 37.23 -32.76
CA ASN B 328 -30.06 37.93 -33.94
C ASN B 328 -29.58 37.23 -35.20
N ALA B 329 -30.02 37.74 -36.35
CA ALA B 329 -29.77 37.06 -37.61
C ALA B 329 -28.29 36.96 -37.93
N THR B 330 -27.48 37.92 -37.48
CA THR B 330 -26.05 37.88 -37.77
C THR B 330 -25.35 36.81 -36.94
N ASN B 331 -25.69 36.70 -35.67
CA ASN B 331 -25.02 35.76 -34.77
C ASN B 331 -25.69 34.41 -34.68
N ILE B 332 -26.88 34.24 -35.27
CA ILE B 332 -27.57 32.95 -35.18
C ILE B 332 -26.89 31.89 -36.04
N LYS B 333 -26.05 32.31 -37.00
CA LYS B 333 -25.38 31.34 -37.85
C LYS B 333 -24.39 30.49 -37.06
N HIS B 334 -23.71 31.09 -36.09
CA HIS B 334 -22.75 30.34 -35.28
C HIS B 334 -23.43 29.37 -34.33
N PHE B 335 -24.73 29.52 -34.09
CA PHE B 335 -25.49 28.60 -33.26
C PHE B 335 -26.09 27.53 -34.15
N LYS B 336 -25.34 26.45 -34.35
CA LYS B 336 -25.78 25.31 -35.15
C LYS B 336 -25.36 24.02 -34.48
N ASN B 337 -26.26 23.05 -34.44
CA ASN B 337 -26.01 21.75 -33.80
C ASN B 337 -25.56 21.92 -32.35
N CYS B 338 -26.01 23.00 -31.71
CA CYS B 338 -25.57 23.34 -30.37
C CYS B 338 -26.36 22.51 -29.36
N THR B 339 -25.68 21.59 -28.69
CA THR B 339 -26.30 20.83 -27.62
C THR B 339 -26.11 21.46 -26.25
N SER B 340 -25.13 22.36 -26.11
CA SER B 340 -24.87 23.06 -24.86
C SER B 340 -24.44 24.48 -25.17
N ILE B 341 -24.84 25.41 -24.31
CA ILE B 341 -24.52 26.82 -24.45
C ILE B 341 -23.57 27.19 -23.32
N SER B 342 -22.29 27.40 -23.64
CA SER B 342 -21.28 27.79 -22.66
C SER B 342 -21.39 29.30 -22.42
N GLY B 343 -22.52 29.70 -21.86
CA GLY B 343 -22.76 31.10 -21.58
C GLY B 343 -24.21 31.46 -21.42
N ASP B 344 -24.60 32.63 -21.91
CA ASP B 344 -25.93 33.17 -21.71
C ASP B 344 -26.73 33.16 -23.01
N LEU B 345 -28.05 33.14 -22.88
CA LEU B 345 -28.96 33.18 -24.03
C LEU B 345 -30.01 34.25 -23.78
N HIS B 346 -29.96 35.32 -24.56
CA HIS B 346 -30.91 36.42 -24.50
C HIS B 346 -31.78 36.42 -25.76
N ILE B 347 -33.08 36.63 -25.58
CA ILE B 347 -34.02 36.77 -26.69
C ILE B 347 -34.82 38.04 -26.44
N LEU B 348 -34.63 39.04 -27.28
CA LEU B 348 -35.21 40.37 -27.12
C LEU B 348 -35.96 40.77 -28.39
N PRO B 349 -36.94 41.67 -28.26
CA PRO B 349 -37.73 42.07 -29.45
C PRO B 349 -36.92 42.76 -30.53
N VAL B 350 -35.80 43.39 -30.16
CA VAL B 350 -34.98 44.11 -31.15
C VAL B 350 -34.48 43.16 -32.22
N ALA B 351 -34.31 41.87 -31.88
CA ALA B 351 -33.87 40.89 -32.87
C ALA B 351 -34.92 40.71 -33.96
N PHE B 352 -36.18 40.52 -33.56
CA PHE B 352 -37.26 40.39 -34.54
C PHE B 352 -37.45 41.68 -35.33
N ARG B 353 -37.35 42.83 -34.67
CA ARG B 353 -37.48 44.09 -35.39
C ARG B 353 -36.26 44.37 -36.26
N GLY B 354 -35.09 43.94 -35.82
CA GLY B 354 -33.86 44.32 -36.49
C GLY B 354 -33.38 45.67 -35.99
N ASP B 355 -32.06 45.84 -35.86
CA ASP B 355 -31.49 47.06 -35.29
C ASP B 355 -30.60 47.72 -36.34
N SER B 356 -30.92 48.97 -36.68
CA SER B 356 -30.13 49.71 -37.65
C SER B 356 -28.83 50.25 -37.05
N PHE B 357 -28.83 50.55 -35.75
CA PHE B 357 -27.65 51.14 -35.13
C PHE B 357 -26.51 50.13 -35.02
N THR B 358 -26.83 48.87 -34.74
CA THR B 358 -25.83 47.81 -34.75
C THR B 358 -25.72 47.13 -36.11
N HIS B 359 -26.37 47.71 -37.14
CA HIS B 359 -26.41 47.17 -38.50
C HIS B 359 -26.58 45.66 -38.52
N THR B 360 -27.75 45.20 -38.08
CA THR B 360 -28.09 43.78 -38.04
C THR B 360 -29.49 43.60 -38.62
N PRO B 361 -29.68 42.65 -39.54
CA PRO B 361 -30.98 42.50 -40.20
C PRO B 361 -32.02 41.91 -39.27
N PRO B 362 -33.30 42.04 -39.59
CA PRO B 362 -34.34 41.42 -38.77
C PRO B 362 -34.26 39.91 -38.82
N LEU B 363 -34.92 39.28 -37.84
CA LEU B 363 -34.84 37.84 -37.63
C LEU B 363 -36.17 37.18 -37.95
N ASP B 364 -36.13 36.14 -38.77
CA ASP B 364 -37.32 35.33 -39.02
C ASP B 364 -37.62 34.50 -37.77
N PRO B 365 -38.90 34.38 -37.39
CA PRO B 365 -39.21 33.61 -36.17
C PRO B 365 -38.83 32.14 -36.27
N GLN B 366 -39.19 31.48 -37.37
CA GLN B 366 -38.96 30.04 -37.52
C GLN B 366 -37.50 29.67 -37.30
N GLU B 367 -36.57 30.58 -37.62
CA GLU B 367 -35.15 30.32 -37.44
C GLU B 367 -34.80 29.89 -36.03
N LEU B 368 -35.63 30.22 -35.04
CA LEU B 368 -35.32 29.86 -33.66
C LEU B 368 -35.38 28.36 -33.41
N ASP B 369 -36.00 27.58 -34.32
CA ASP B 369 -36.16 26.16 -34.09
C ASP B 369 -34.83 25.44 -33.85
N ILE B 370 -33.71 26.02 -34.29
CA ILE B 370 -32.40 25.42 -34.05
C ILE B 370 -32.18 25.14 -32.56
N LEU B 371 -32.66 26.05 -31.69
CA LEU B 371 -32.47 25.87 -30.26
C LEU B 371 -33.11 24.59 -29.73
N LYS B 372 -33.85 23.83 -30.56
CA LYS B 372 -34.32 22.50 -30.13
C LYS B 372 -33.16 21.57 -29.81
N THR B 373 -32.00 21.78 -30.44
CA THR B 373 -30.86 20.90 -30.19
C THR B 373 -30.25 21.13 -28.81
N VAL B 374 -30.50 22.28 -28.20
CA VAL B 374 -29.88 22.61 -26.92
C VAL B 374 -30.48 21.74 -25.82
N LYS B 375 -29.61 21.17 -24.99
CA LYS B 375 -30.04 20.38 -23.83
C LYS B 375 -29.52 20.92 -22.50
N GLU B 376 -28.49 21.77 -22.52
CA GLU B 376 -27.90 22.30 -21.30
C GLU B 376 -27.47 23.74 -21.52
N ILE B 377 -27.74 24.60 -20.54
CA ILE B 377 -27.30 25.99 -20.56
C ILE B 377 -26.47 26.23 -19.31
N THR B 378 -25.21 26.60 -19.50
CA THR B 378 -24.33 26.83 -18.35
C THR B 378 -24.68 28.11 -17.62
N GLY B 379 -25.13 29.14 -18.34
CA GLY B 379 -25.46 30.41 -17.72
C GLY B 379 -26.93 30.55 -17.39
N PHE B 380 -27.61 31.49 -18.03
CA PHE B 380 -29.02 31.76 -17.76
C PHE B 380 -29.77 31.92 -19.07
N LEU B 381 -31.10 31.89 -18.98
CA LEU B 381 -31.99 32.07 -20.11
C LEU B 381 -32.91 33.24 -19.85
N LEU B 382 -32.90 34.22 -20.76
CA LEU B 382 -33.74 35.40 -20.68
C LEU B 382 -34.58 35.49 -21.94
N ILE B 383 -35.89 35.49 -21.79
CA ILE B 383 -36.82 35.59 -22.92
C ILE B 383 -37.77 36.75 -22.65
N GLN B 384 -37.52 37.88 -23.32
CA GLN B 384 -38.39 39.03 -23.29
C GLN B 384 -39.30 39.11 -24.52
N ALA B 385 -39.02 38.31 -25.55
CA ALA B 385 -39.85 38.25 -26.74
C ALA B 385 -39.79 36.84 -27.32
N TRP B 386 -40.90 36.43 -27.92
CA TRP B 386 -41.03 35.14 -28.57
C TRP B 386 -41.89 35.34 -29.81
N PRO B 387 -41.73 34.48 -30.83
CA PRO B 387 -42.60 34.56 -32.01
C PRO B 387 -44.07 34.63 -31.62
N GLU B 388 -44.77 35.60 -32.22
CA GLU B 388 -46.16 35.87 -31.82
C GLU B 388 -47.08 34.69 -32.12
N ASN B 389 -46.82 33.99 -33.22
CA ASN B 389 -47.71 32.88 -33.60
C ASN B 389 -47.53 31.68 -32.68
N ARG B 390 -46.33 31.46 -32.17
CA ARG B 390 -46.08 30.32 -31.30
C ARG B 390 -46.70 30.55 -29.93
N THR B 391 -47.32 29.50 -29.39
CA THR B 391 -47.99 29.57 -28.10
C THR B 391 -47.18 28.93 -26.98
N ASP B 392 -46.01 28.37 -27.28
CA ASP B 392 -45.20 27.71 -26.27
C ASP B 392 -43.73 27.83 -26.65
N LEU B 393 -42.87 27.60 -25.67
CA LEU B 393 -41.43 27.60 -25.88
C LEU B 393 -41.02 26.25 -26.46
N HIS B 394 -41.26 26.10 -27.77
CA HIS B 394 -40.99 24.82 -28.42
C HIS B 394 -39.51 24.50 -28.42
N ALA B 395 -38.66 25.48 -28.74
CA ALA B 395 -37.23 25.24 -28.84
C ALA B 395 -36.64 24.67 -27.55
N PHE B 396 -37.28 24.93 -26.41
CA PHE B 396 -36.78 24.46 -25.12
C PHE B 396 -37.59 23.29 -24.57
N GLU B 397 -38.42 22.65 -25.39
CA GLU B 397 -39.06 21.42 -24.95
C GLU B 397 -38.05 20.28 -24.79
N ASN B 398 -36.86 20.45 -25.36
CA ASN B 398 -35.78 19.47 -25.24
C ASN B 398 -34.80 19.81 -24.12
N LEU B 399 -34.77 21.07 -23.67
CA LEU B 399 -33.83 21.50 -22.66
C LEU B 399 -34.05 20.74 -21.35
N GLU B 400 -32.95 20.39 -20.69
CA GLU B 400 -33.01 19.59 -19.47
C GLU B 400 -32.48 20.30 -18.24
N ILE B 401 -31.44 21.11 -18.39
CA ILE B 401 -30.71 21.63 -17.23
C ILE B 401 -30.20 23.03 -17.53
N ILE B 402 -30.34 23.91 -16.53
CA ILE B 402 -29.74 25.24 -16.54
C ILE B 402 -28.81 25.31 -15.33
N ARG B 403 -27.51 25.25 -15.58
CA ARG B 403 -26.55 25.17 -14.48
C ARG B 403 -26.46 26.47 -13.69
N GLY B 404 -26.81 27.60 -14.30
CA GLY B 404 -26.87 28.84 -13.55
C GLY B 404 -25.55 29.34 -13.03
N ARG B 405 -24.48 29.20 -13.81
CA ARG B 405 -23.19 29.73 -13.40
C ARG B 405 -23.21 31.26 -13.40
N THR B 406 -23.91 31.85 -14.38
CA THR B 406 -24.09 33.29 -14.46
C THR B 406 -25.58 33.61 -14.34
N LYS B 407 -25.89 34.72 -13.67
CA LYS B 407 -27.27 35.08 -13.36
C LYS B 407 -27.55 36.51 -13.78
N GLN B 408 -28.66 36.71 -14.50
CA GLN B 408 -29.07 38.03 -14.94
C GLN B 408 -29.44 38.91 -13.75
N HIS B 409 -28.96 40.16 -13.76
CA HIS B 409 -29.16 41.09 -12.66
C HIS B 409 -28.57 40.59 -11.35
N GLY B 410 -27.75 39.55 -11.40
CA GLY B 410 -27.29 38.85 -10.22
C GLY B 410 -28.23 37.81 -9.67
N GLN B 411 -29.40 37.61 -10.29
CA GLN B 411 -30.39 36.66 -9.81
C GLN B 411 -31.11 36.06 -11.01
N PHE B 412 -32.31 35.51 -10.77
CA PHE B 412 -33.23 35.06 -11.81
C PHE B 412 -32.52 34.30 -12.94
N SER B 413 -32.14 33.05 -12.69
CA SER B 413 -31.47 32.26 -13.71
C SER B 413 -32.37 32.02 -14.92
N LEU B 414 -33.66 31.82 -14.70
CA LEU B 414 -34.63 31.69 -15.76
C LEU B 414 -35.59 32.87 -15.69
N ALA B 415 -35.72 33.61 -16.79
CA ALA B 415 -36.57 34.80 -16.82
C ALA B 415 -37.43 34.75 -18.07
N VAL B 416 -38.76 34.79 -17.87
CA VAL B 416 -39.71 34.81 -18.97
C VAL B 416 -40.66 35.99 -18.74
N VAL B 417 -40.58 37.00 -19.61
CA VAL B 417 -41.35 38.22 -19.43
C VAL B 417 -41.95 38.69 -20.75
N SER B 418 -43.12 39.32 -20.65
CA SER B 418 -43.77 40.04 -21.75
C SER B 418 -43.97 39.15 -22.97
N LEU B 419 -44.69 38.04 -22.75
CA LEU B 419 -45.00 37.09 -23.81
C LEU B 419 -46.51 36.88 -23.88
N ASN B 420 -46.98 36.51 -25.07
CA ASN B 420 -48.36 36.12 -25.28
C ASN B 420 -48.55 34.61 -25.32
N ILE B 421 -47.51 33.85 -24.96
CA ILE B 421 -47.60 32.40 -25.01
C ILE B 421 -48.56 31.90 -23.94
N THR B 422 -49.29 30.82 -24.26
CA THR B 422 -50.27 30.29 -23.32
C THR B 422 -49.62 29.35 -22.31
N SER B 423 -48.64 28.55 -22.75
CA SER B 423 -48.00 27.57 -21.89
C SER B 423 -46.49 27.67 -22.06
N LEU B 424 -45.78 27.30 -21.00
CA LEU B 424 -44.31 27.30 -21.06
C LEU B 424 -43.80 26.21 -21.97
N GLY B 425 -44.06 24.95 -21.62
CA GLY B 425 -43.68 23.83 -22.45
C GLY B 425 -42.30 23.26 -22.22
N LEU B 426 -41.66 23.62 -21.10
CA LEU B 426 -40.33 23.10 -20.77
C LEU B 426 -40.44 21.81 -19.95
N ARG B 427 -41.05 20.80 -20.58
CA ARG B 427 -41.31 19.55 -19.88
C ARG B 427 -40.03 18.79 -19.56
N SER B 428 -39.06 18.79 -20.48
CA SER B 428 -37.83 18.04 -20.29
C SER B 428 -36.93 18.65 -19.23
N LEU B 429 -37.16 19.90 -18.84
CA LEU B 429 -36.34 20.53 -17.81
C LEU B 429 -36.46 19.77 -16.49
N LYS B 430 -35.31 19.43 -15.91
CA LYS B 430 -35.26 18.64 -14.69
C LYS B 430 -34.51 19.30 -13.55
N GLU B 431 -33.46 20.07 -13.84
CA GLU B 431 -32.62 20.66 -12.80
C GLU B 431 -32.26 22.09 -13.18
N ILE B 432 -32.66 23.04 -12.34
CA ILE B 432 -32.13 24.40 -12.36
C ILE B 432 -31.09 24.45 -11.24
N SER B 433 -29.82 24.26 -11.60
CA SER B 433 -28.78 24.04 -10.59
C SER B 433 -28.70 25.19 -9.62
N ASP B 434 -28.65 26.43 -10.12
CA ASP B 434 -28.55 27.59 -9.26
C ASP B 434 -29.24 28.77 -9.91
N GLY B 435 -29.73 29.68 -9.09
CA GLY B 435 -30.37 30.88 -9.57
C GLY B 435 -31.88 30.83 -9.40
N ASP B 436 -32.47 31.98 -9.14
CA ASP B 436 -33.91 32.09 -8.98
C ASP B 436 -34.60 32.04 -10.33
N VAL B 437 -35.93 32.11 -10.32
CA VAL B 437 -36.74 32.06 -11.53
C VAL B 437 -37.80 33.15 -11.43
N ILE B 438 -37.97 33.92 -12.50
CA ILE B 438 -39.00 34.94 -12.57
C ILE B 438 -39.80 34.77 -13.85
N ILE B 439 -41.13 34.76 -13.71
CA ILE B 439 -42.06 34.63 -14.81
C ILE B 439 -43.14 35.69 -14.60
N SER B 440 -43.11 36.73 -15.44
CA SER B 440 -43.96 37.88 -15.18
C SER B 440 -44.35 38.54 -16.50
N GLY B 441 -45.46 39.27 -16.46
CA GLY B 441 -45.90 40.05 -17.61
C GLY B 441 -46.37 39.24 -18.79
N ASN B 442 -46.46 37.92 -18.67
CA ASN B 442 -46.97 37.09 -19.75
C ASN B 442 -48.50 37.07 -19.67
N LYS B 443 -49.14 37.78 -20.61
CA LYS B 443 -50.56 38.07 -20.49
C LYS B 443 -51.41 36.80 -20.59
N ASN B 444 -51.13 35.96 -21.58
CA ASN B 444 -51.94 34.77 -21.84
C ASN B 444 -51.38 33.51 -21.21
N LEU B 445 -50.33 33.62 -20.38
CA LEU B 445 -49.75 32.44 -19.75
C LEU B 445 -50.50 32.09 -18.47
N CYS B 446 -50.72 30.80 -18.27
CA CYS B 446 -51.43 30.29 -17.10
C CYS B 446 -50.62 29.26 -16.31
N TYR B 447 -50.11 28.23 -16.99
CA TYR B 447 -49.78 26.94 -16.37
C TYR B 447 -48.46 26.96 -15.58
N ALA B 448 -48.16 28.03 -14.87
CA ALA B 448 -46.87 28.14 -14.20
C ALA B 448 -46.93 27.85 -12.71
N ASN B 449 -48.03 28.22 -12.04
CA ASN B 449 -48.07 28.11 -10.59
C ASN B 449 -48.17 26.65 -10.11
N THR B 450 -48.86 25.80 -10.87
CA THR B 450 -49.07 24.43 -10.43
C THR B 450 -47.78 23.64 -10.37
N ILE B 451 -46.77 24.04 -11.16
CA ILE B 451 -45.53 23.29 -11.22
C ILE B 451 -44.73 23.52 -9.94
N ASN B 452 -44.22 22.44 -9.36
CA ASN B 452 -43.40 22.54 -8.16
C ASN B 452 -41.97 22.87 -8.59
N TRP B 453 -41.70 24.18 -8.71
CA TRP B 453 -40.37 24.62 -9.10
C TRP B 453 -39.32 24.34 -8.03
N LYS B 454 -39.75 24.09 -6.79
CA LYS B 454 -38.80 23.76 -5.73
C LYS B 454 -38.11 22.43 -6.00
N LYS B 455 -38.80 21.49 -6.65
CA LYS B 455 -38.17 20.23 -7.01
C LYS B 455 -37.06 20.43 -8.02
N LEU B 456 -37.25 21.36 -8.97
CA LEU B 456 -36.21 21.66 -9.93
C LEU B 456 -35.02 22.37 -9.28
N PHE B 457 -35.28 23.17 -8.26
CA PHE B 457 -34.22 23.88 -7.57
C PHE B 457 -33.28 22.89 -6.89
N GLY B 458 -31.99 23.22 -6.88
CA GLY B 458 -31.00 22.32 -6.31
C GLY B 458 -29.86 23.00 -5.59
N THR B 459 -30.06 24.26 -5.18
CA THR B 459 -29.03 25.02 -4.50
C THR B 459 -29.70 25.88 -3.43
N SER B 460 -28.94 26.20 -2.38
CA SER B 460 -29.46 26.98 -1.26
C SER B 460 -30.05 28.30 -1.73
N GLY B 461 -31.19 28.66 -1.15
CA GLY B 461 -31.78 29.97 -1.37
C GLY B 461 -32.36 30.21 -2.74
N GLN B 462 -32.91 29.18 -3.38
CA GLN B 462 -33.51 29.33 -4.70
C GLN B 462 -34.99 29.65 -4.53
N LYS B 463 -35.40 30.81 -5.02
CA LYS B 463 -36.75 31.33 -4.83
C LYS B 463 -37.45 31.45 -6.17
N THR B 464 -38.71 31.90 -6.13
CA THR B 464 -39.56 31.93 -7.30
C THR B 464 -40.40 33.20 -7.29
N LYS B 465 -40.54 33.82 -8.48
CA LYS B 465 -41.29 35.06 -8.66
C LYS B 465 -42.13 34.94 -9.93
N ILE B 466 -43.19 34.13 -9.85
CA ILE B 466 -44.16 33.98 -10.93
C ILE B 466 -45.37 34.81 -10.56
N ILE B 467 -45.47 35.99 -11.16
CA ILE B 467 -46.53 36.94 -10.86
C ILE B 467 -46.91 37.69 -12.14
N SER B 468 -47.91 38.56 -12.02
CA SER B 468 -48.37 39.41 -13.13
C SER B 468 -48.73 38.60 -14.37
N ASN B 469 -49.21 37.37 -14.17
CA ASN B 469 -49.67 36.52 -15.26
C ASN B 469 -51.19 36.35 -15.15
N ARG B 470 -51.77 35.62 -16.11
CA ARG B 470 -53.21 35.46 -16.16
C ARG B 470 -53.74 34.89 -14.84
N GLY B 471 -54.82 35.49 -14.35
CA GLY B 471 -55.35 35.11 -13.04
C GLY B 471 -55.89 33.70 -13.04
N GLU B 472 -55.89 33.10 -11.85
CA GLU B 472 -56.30 31.70 -11.72
C GLU B 472 -57.78 31.52 -12.02
N ASN B 473 -58.62 32.48 -11.63
CA ASN B 473 -60.04 32.36 -11.89
C ASN B 473 -60.33 32.37 -13.39
N SER B 474 -59.70 33.29 -14.12
CA SER B 474 -59.86 33.33 -15.57
C SER B 474 -59.24 32.12 -16.24
N CYS B 475 -58.15 31.59 -15.68
CA CYS B 475 -57.52 30.41 -16.27
C CYS B 475 -58.39 29.18 -16.10
N LYS B 476 -59.07 29.08 -14.94
CA LYS B 476 -59.99 27.97 -14.70
C LYS B 476 -61.25 28.10 -15.53
N ALA B 477 -61.76 29.33 -15.67
CA ALA B 477 -62.99 29.53 -16.45
C ALA B 477 -62.77 29.22 -17.92
N THR B 478 -61.62 29.59 -18.47
CA THR B 478 -61.32 29.33 -19.87
C THR B 478 -60.97 27.88 -20.14
N GLY B 479 -60.96 27.03 -19.12
CA GLY B 479 -60.49 25.66 -19.28
C GLY B 479 -58.99 25.52 -19.28
N GLN B 480 -58.24 26.61 -19.09
CA GLN B 480 -56.78 26.58 -19.07
C GLN B 480 -56.29 26.07 -17.71
N VAL B 481 -56.47 24.76 -17.52
CA VAL B 481 -55.98 24.04 -16.36
C VAL B 481 -55.40 22.71 -16.83
N CYS B 482 -54.86 21.93 -15.89
CA CYS B 482 -54.22 20.68 -16.24
C CYS B 482 -55.23 19.66 -16.74
N HIS B 483 -54.72 18.62 -17.37
CA HIS B 483 -55.54 17.54 -17.90
C HIS B 483 -55.99 16.62 -16.75
N ALA B 484 -56.95 15.74 -17.06
CA ALA B 484 -57.47 14.84 -16.05
C ALA B 484 -56.43 13.86 -15.53
N LEU B 485 -55.38 13.59 -16.32
CA LEU B 485 -54.36 12.61 -15.95
C LEU B 485 -53.25 13.19 -15.09
N CYS B 486 -53.26 14.50 -14.85
CA CYS B 486 -52.14 15.18 -14.19
C CYS B 486 -52.46 15.37 -12.70
N SER B 487 -52.54 14.25 -11.99
CA SER B 487 -52.80 14.28 -10.55
C SER B 487 -51.64 14.88 -9.73
N PRO B 488 -50.38 14.57 -10.02
CA PRO B 488 -49.30 15.14 -9.20
C PRO B 488 -49.19 16.65 -9.37
N GLU B 489 -48.35 17.24 -8.53
CA GLU B 489 -48.20 18.69 -8.51
C GLU B 489 -47.46 19.15 -9.77
N GLY B 490 -48.19 19.81 -10.67
CA GLY B 490 -47.57 20.39 -11.85
C GLY B 490 -48.09 19.90 -13.18
N CYS B 491 -48.02 20.77 -14.19
CA CYS B 491 -48.31 20.45 -15.58
C CYS B 491 -47.89 21.63 -16.43
N TRP B 492 -47.31 21.35 -17.59
CA TRP B 492 -46.79 22.40 -18.46
C TRP B 492 -47.78 22.82 -19.56
N GLY B 493 -48.77 21.99 -19.86
CA GLY B 493 -49.72 22.33 -20.90
C GLY B 493 -51.06 21.65 -20.66
N PRO B 494 -52.03 21.91 -21.54
CA PRO B 494 -53.35 21.26 -21.38
C PRO B 494 -53.35 19.81 -21.81
N GLU B 495 -52.44 19.42 -22.71
CA GLU B 495 -52.36 18.08 -23.27
C GLU B 495 -51.75 17.13 -22.25
N PRO B 496 -52.10 15.84 -22.32
CA PRO B 496 -51.46 14.87 -21.42
C PRO B 496 -49.96 14.75 -21.62
N ARG B 497 -49.47 14.96 -22.85
CA ARG B 497 -48.04 14.94 -23.09
C ARG B 497 -47.34 16.11 -22.42
N ASP B 498 -48.06 17.20 -22.15
CA ASP B 498 -47.48 18.39 -21.52
C ASP B 498 -47.70 18.34 -20.00
N CYS B 499 -47.15 17.29 -19.38
CA CYS B 499 -47.45 17.00 -17.99
C CYS B 499 -46.18 16.55 -17.28
N VAL B 500 -46.18 16.71 -15.94
CA VAL B 500 -45.01 16.35 -15.16
C VAL B 500 -45.03 14.88 -14.78
N SER B 501 -46.21 14.31 -14.54
CA SER B 501 -46.33 12.94 -14.07
C SER B 501 -47.78 12.50 -14.20
N HIS B 502 -47.98 11.17 -14.20
CA HIS B 502 -49.28 10.57 -14.40
C HIS B 502 -49.48 9.42 -13.39
N HIS B 503 -49.62 9.78 -12.11
CA HIS B 503 -49.96 8.78 -11.11
C HIS B 503 -51.37 8.25 -11.32
N HIS B 504 -51.51 6.93 -11.34
CA HIS B 504 -52.80 6.28 -11.50
C HIS B 504 -53.32 5.78 -10.15
N GLU C 2 23.72 35.37 -13.89
CA GLU C 2 22.79 35.76 -12.83
C GLU C 2 22.67 34.67 -11.78
N GLU C 3 22.42 33.44 -12.22
CA GLU C 3 22.25 32.34 -11.30
C GLU C 3 23.57 31.98 -10.62
N LYS C 4 23.50 31.72 -9.33
CA LYS C 4 24.69 31.35 -8.57
C LYS C 4 25.10 29.92 -8.90
N LYS C 5 26.40 29.63 -8.72
CA LYS C 5 26.88 28.27 -8.89
C LYS C 5 26.28 27.37 -7.83
N VAL C 6 25.88 26.17 -8.23
CA VAL C 6 25.09 25.27 -7.40
C VAL C 6 25.80 23.93 -7.27
N CYS C 7 25.97 23.48 -6.03
CA CYS C 7 26.44 22.12 -5.74
C CYS C 7 25.46 21.44 -4.79
N GLN C 8 25.37 20.12 -4.92
CA GLN C 8 24.28 19.39 -4.28
C GLN C 8 24.50 19.18 -2.79
N GLY C 9 25.75 19.09 -2.35
CA GLY C 9 26.05 18.89 -0.95
C GLY C 9 26.17 17.43 -0.58
N THR C 10 26.55 17.19 0.67
CA THR C 10 26.80 15.85 1.19
C THR C 10 26.07 15.65 2.50
N SER C 11 25.74 14.38 2.78
CA SER C 11 25.16 14.00 4.07
C SER C 11 25.81 12.73 4.61
N ASN C 12 27.11 12.56 4.35
CA ASN C 12 27.81 11.36 4.83
C ASN C 12 27.83 11.28 6.35
N LYS C 13 27.78 12.42 7.03
CA LYS C 13 27.64 12.50 8.48
C LYS C 13 28.80 11.78 9.19
N LEU C 14 29.99 12.30 8.99
CA LEU C 14 31.23 11.97 9.68
C LEU C 14 31.83 10.64 9.23
N THR C 15 31.14 9.85 8.41
CA THR C 15 31.73 8.63 7.88
C THR C 15 32.81 8.96 6.86
N GLN C 16 34.03 8.48 7.10
CA GLN C 16 35.17 8.85 6.27
C GLN C 16 35.21 7.99 5.01
N LEU C 17 35.38 8.64 3.86
CA LEU C 17 35.45 7.96 2.56
C LEU C 17 36.92 7.78 2.20
N GLY C 18 37.43 6.58 2.44
CA GLY C 18 38.80 6.27 2.07
C GLY C 18 39.81 6.95 2.98
N THR C 19 41.02 7.11 2.45
CA THR C 19 42.11 7.73 3.19
C THR C 19 41.92 9.25 3.24
N PHE C 20 42.83 9.93 3.94
CA PHE C 20 42.71 11.38 4.11
C PHE C 20 42.77 12.10 2.77
N GLU C 21 43.70 11.70 1.90
CA GLU C 21 43.80 12.33 0.59
C GLU C 21 42.54 12.10 -0.23
N ASP C 22 41.99 10.89 -0.21
CA ASP C 22 40.79 10.60 -0.98
C ASP C 22 39.60 11.40 -0.46
N HIS C 23 39.47 11.52 0.86
CA HIS C 23 38.37 12.32 1.43
C HIS C 23 38.52 13.78 1.06
N PHE C 24 39.74 14.31 1.14
CA PHE C 24 39.98 15.70 0.75
C PHE C 24 39.66 15.93 -0.72
N LEU C 25 40.01 14.97 -1.57
CA LEU C 25 39.72 15.11 -3.00
C LEU C 25 38.23 15.04 -3.28
N SER C 26 37.51 14.18 -2.56
CA SER C 26 36.06 14.12 -2.73
C SER C 26 35.40 15.42 -2.28
N LEU C 27 35.83 15.96 -1.14
CA LEU C 27 35.35 17.27 -0.69
C LEU C 27 35.62 18.33 -1.73
N GLN C 28 36.83 18.34 -2.28
CA GLN C 28 37.19 19.32 -3.32
C GLN C 28 36.27 19.19 -4.52
N ARG C 29 36.05 17.97 -5.00
CA ARG C 29 35.20 17.77 -6.17
C ARG C 29 33.78 18.22 -5.91
N MET C 30 33.25 17.96 -4.71
CA MET C 30 31.86 18.30 -4.45
C MET C 30 31.68 19.81 -4.30
N PHE C 31 32.54 20.47 -3.52
CA PHE C 31 32.37 21.88 -3.22
C PHE C 31 33.29 22.78 -4.04
N ASN C 32 33.80 22.29 -5.16
CA ASN C 32 34.55 23.13 -6.08
C ASN C 32 33.63 24.11 -6.80
N ASN C 33 34.03 25.37 -6.86
CA ASN C 33 33.31 26.40 -7.61
C ASN C 33 31.82 26.38 -7.27
N CYS C 34 31.50 26.22 -6.00
CA CYS C 34 30.13 26.17 -5.51
C CYS C 34 29.81 27.45 -4.75
N GLU C 35 28.73 28.11 -5.15
CA GLU C 35 28.29 29.34 -4.50
C GLU C 35 27.07 29.15 -3.61
N VAL C 36 26.27 28.12 -3.84
CA VAL C 36 25.10 27.81 -3.03
C VAL C 36 25.06 26.30 -2.81
N VAL C 37 25.11 25.87 -1.55
CA VAL C 37 25.05 24.46 -1.21
C VAL C 37 23.61 24.11 -0.92
N LEU C 38 22.98 23.36 -1.83
CA LEU C 38 21.60 22.94 -1.63
C LEU C 38 21.48 22.02 -0.42
N GLY C 39 22.42 21.10 -0.26
CA GLY C 39 22.37 20.15 0.84
C GLY C 39 23.10 20.61 2.07
N ASN C 40 23.90 19.71 2.65
CA ASN C 40 24.62 19.97 3.88
C ASN C 40 26.11 20.13 3.59
N LEU C 41 26.75 21.02 4.32
CA LEU C 41 28.18 21.27 4.18
C LEU C 41 28.90 20.61 5.35
N GLU C 42 29.71 19.60 5.05
CA GLU C 42 30.41 18.84 6.07
C GLU C 42 31.89 18.74 5.71
N ILE C 43 32.73 19.34 6.54
CA ILE C 43 34.18 19.31 6.39
C ILE C 43 34.74 18.40 7.47
N THR C 44 35.25 17.24 7.06
CA THR C 44 35.72 16.23 7.99
C THR C 44 37.03 15.63 7.51
N TYR C 45 37.93 15.37 8.45
CA TYR C 45 39.18 14.64 8.21
C TYR C 45 40.04 15.32 7.15
N VAL C 46 40.25 16.62 7.31
CA VAL C 46 41.10 17.40 6.42
C VAL C 46 42.40 17.68 7.17
N GLN C 47 43.48 17.06 6.73
CA GLN C 47 44.76 17.13 7.42
C GLN C 47 45.54 18.36 6.98
N ARG C 48 46.44 18.81 7.86
CA ARG C 48 47.21 20.02 7.63
C ARG C 48 47.99 19.94 6.32
N ASN C 49 48.39 21.11 5.82
CA ASN C 49 49.08 21.31 4.55
C ASN C 49 48.20 21.00 3.35
N TYR C 50 46.89 20.87 3.53
CA TYR C 50 45.94 20.73 2.43
C TYR C 50 45.13 22.02 2.36
N ASP C 51 45.28 22.75 1.25
CA ASP C 51 44.62 24.03 1.10
C ASP C 51 43.12 23.85 0.83
N LEU C 52 42.31 24.72 1.42
CA LEU C 52 40.87 24.69 1.29
C LEU C 52 40.35 25.99 0.70
N SER C 53 41.09 26.55 -0.27
CA SER C 53 40.75 27.86 -0.80
C SER C 53 39.42 27.85 -1.55
N PHE C 54 39.06 26.73 -2.18
CA PHE C 54 37.80 26.63 -2.89
C PHE C 54 36.61 26.94 -1.98
N LEU C 55 36.72 26.59 -0.69
CA LEU C 55 35.65 26.86 0.26
C LEU C 55 35.32 28.35 0.37
N LYS C 56 36.21 29.23 -0.11
CA LYS C 56 35.91 30.66 -0.10
C LYS C 56 34.70 30.99 -0.97
N THR C 57 34.45 30.18 -2.00
CA THR C 57 33.43 30.55 -2.99
C THR C 57 32.02 30.41 -2.42
N ILE C 58 31.83 29.53 -1.43
CA ILE C 58 30.50 29.24 -0.91
C ILE C 58 29.94 30.46 -0.20
N GLN C 59 28.70 30.84 -0.54
CA GLN C 59 28.03 31.97 0.06
C GLN C 59 26.79 31.61 0.86
N GLU C 60 26.12 30.50 0.53
CA GLU C 60 24.88 30.13 1.19
C GLU C 60 24.78 28.61 1.26
N VAL C 61 24.37 28.10 2.42
CA VAL C 61 24.14 26.68 2.62
C VAL C 61 22.75 26.51 3.23
N ALA C 62 21.97 25.57 2.67
CA ALA C 62 20.58 25.44 3.07
C ALA C 62 20.44 24.53 4.29
N GLY C 63 21.26 23.48 4.36
CA GLY C 63 21.20 22.55 5.47
C GLY C 63 22.03 22.97 6.65
N TYR C 64 22.86 22.06 7.16
CA TYR C 64 23.73 22.35 8.29
C TYR C 64 25.19 22.31 7.86
N VAL C 65 26.04 22.86 8.73
CA VAL C 65 27.49 22.90 8.52
C VAL C 65 28.14 22.17 9.69
N LEU C 66 28.72 21.02 9.39
CA LEU C 66 29.42 20.21 10.40
C LEU C 66 30.91 20.17 10.06
N ILE C 67 31.73 20.76 10.92
CA ILE C 67 33.18 20.75 10.77
C ILE C 67 33.75 19.92 11.91
N ALA C 68 34.41 18.81 11.57
CA ALA C 68 34.87 17.89 12.59
C ALA C 68 36.15 17.19 12.15
N LEU C 69 36.98 16.84 13.14
CA LEU C 69 38.14 15.97 12.95
C LEU C 69 39.13 16.54 11.94
N ASN C 70 39.29 17.85 11.94
CA ASN C 70 40.16 18.54 11.00
C ASN C 70 41.40 19.06 11.73
N THR C 71 42.57 18.79 11.16
CA THR C 71 43.83 19.29 11.69
C THR C 71 44.39 20.45 10.88
N VAL C 72 43.67 20.89 9.83
CA VAL C 72 44.10 22.07 9.09
C VAL C 72 44.02 23.29 10.00
N GLU C 73 44.88 24.27 9.71
CA GLU C 73 44.92 25.47 10.54
C GLU C 73 43.85 26.48 10.12
N ARG C 74 43.55 26.57 8.82
CA ARG C 74 42.63 27.57 8.31
C ARG C 74 41.57 26.91 7.45
N ILE C 75 40.31 27.22 7.73
CA ILE C 75 39.17 26.81 6.93
C ILE C 75 38.50 28.06 6.38
N PRO C 76 38.85 28.47 5.16
CA PRO C 76 38.39 29.76 4.60
C PRO C 76 36.91 29.80 4.17
N LEU C 77 36.02 29.89 5.16
CA LEU C 77 34.60 30.13 4.89
C LEU C 77 34.31 31.63 4.95
N GLU C 78 34.98 32.37 4.05
CA GLU C 78 34.95 33.83 4.11
C GLU C 78 33.59 34.38 3.70
N ASN C 79 33.12 34.00 2.51
CA ASN C 79 31.92 34.59 1.93
C ASN C 79 30.63 33.89 2.35
N LEU C 80 30.70 32.92 3.26
CA LEU C 80 29.49 32.32 3.81
C LEU C 80 28.68 33.37 4.54
N GLN C 81 27.42 33.55 4.13
CA GLN C 81 26.58 34.61 4.67
C GLN C 81 25.36 34.12 5.43
N ILE C 82 24.88 32.91 5.14
CA ILE C 82 23.60 32.46 5.68
C ILE C 82 23.61 30.94 5.78
N ILE C 83 23.00 30.42 6.83
CA ILE C 83 22.76 28.99 7.01
C ILE C 83 21.27 28.83 7.29
N ARG C 84 20.52 28.35 6.29
CA ARG C 84 19.07 28.27 6.44
C ARG C 84 18.66 27.24 7.48
N GLY C 85 19.46 26.21 7.69
CA GLY C 85 19.15 25.22 8.71
C GLY C 85 17.91 24.39 8.44
N ASN C 86 17.65 24.07 7.17
CA ASN C 86 16.50 23.23 6.84
C ASN C 86 16.64 21.84 7.48
N MET C 87 17.86 21.33 7.52
CA MET C 87 18.16 20.05 8.15
C MET C 87 19.12 20.29 9.30
N TYR C 88 18.84 19.67 10.44
CA TYR C 88 19.66 19.81 11.64
C TYR C 88 20.62 18.64 11.75
N TYR C 89 21.90 18.93 11.93
CA TYR C 89 22.85 17.86 12.24
C TYR C 89 22.59 17.40 13.66
N GLU C 90 22.53 16.08 13.83
CA GLU C 90 22.05 15.48 15.07
C GLU C 90 20.68 16.07 15.41
N ASN C 91 20.59 16.86 16.48
CA ASN C 91 19.32 17.48 16.87
C ASN C 91 19.54 18.96 17.16
N SER C 92 18.90 19.82 16.37
CA SER C 92 18.85 21.26 16.61
C SER C 92 20.25 21.89 16.56
N TYR C 93 20.99 21.59 15.50
CA TYR C 93 22.31 22.17 15.29
C TYR C 93 22.48 22.49 13.81
N ALA C 94 22.43 23.77 13.47
CA ALA C 94 22.68 24.19 12.09
C ALA C 94 24.17 24.37 11.82
N LEU C 95 24.96 24.66 12.85
CA LEU C 95 26.39 24.83 12.72
C LEU C 95 27.06 24.16 13.92
N ALA C 96 27.89 23.15 13.65
CA ALA C 96 28.55 22.39 14.71
C ALA C 96 30.01 22.19 14.34
N VAL C 97 30.90 22.78 15.12
CA VAL C 97 32.34 22.58 15.00
C VAL C 97 32.79 21.78 16.21
N LEU C 98 33.35 20.59 15.96
CA LEU C 98 33.48 19.56 16.99
C LEU C 98 34.81 18.85 16.83
N SER C 99 35.62 18.85 17.88
CA SER C 99 36.78 17.97 18.03
C SER C 99 37.73 18.06 16.83
N ASN C 100 38.31 19.24 16.66
CA ASN C 100 39.30 19.49 15.61
C ASN C 100 40.65 19.68 16.28
N TYR C 101 41.27 18.56 16.68
CA TYR C 101 42.55 18.61 17.37
C TYR C 101 43.44 17.49 16.86
N ASP C 102 44.73 17.59 17.21
CA ASP C 102 45.76 16.63 16.82
C ASP C 102 46.47 16.16 18.08
N ALA C 103 47.31 15.14 17.93
CA ALA C 103 48.03 14.58 19.06
C ALA C 103 48.96 15.61 19.69
N ASN C 104 49.63 16.42 18.87
CA ASN C 104 50.51 17.46 19.36
C ASN C 104 49.78 18.73 19.80
N LYS C 105 48.47 18.64 19.99
CA LYS C 105 47.57 19.73 20.38
C LYS C 105 47.40 20.78 19.27
N THR C 106 48.01 20.59 18.10
CA THR C 106 47.77 21.47 16.99
C THR C 106 46.40 21.19 16.37
N GLY C 107 45.97 22.07 15.48
CA GLY C 107 44.68 21.87 14.84
C GLY C 107 44.17 23.17 14.21
N LEU C 108 42.85 23.32 14.24
CA LEU C 108 42.20 24.48 13.64
C LEU C 108 42.62 25.76 14.35
N LYS C 109 43.16 26.71 13.58
CA LYS C 109 43.64 27.97 14.14
C LYS C 109 42.64 29.10 13.92
N GLU C 110 42.33 29.43 12.66
CA GLU C 110 41.38 30.47 12.33
C GLU C 110 40.13 29.87 11.69
N LEU C 111 39.00 30.53 11.92
CA LEU C 111 37.74 30.20 11.25
C LEU C 111 37.09 31.52 10.83
N PRO C 112 37.58 32.12 9.75
CA PRO C 112 37.11 33.46 9.36
C PRO C 112 35.81 33.48 8.56
N MET C 113 34.70 33.29 9.26
CA MET C 113 33.37 33.45 8.68
C MET C 113 32.88 34.89 8.86
N ARG C 114 33.65 35.80 8.26
CA ARG C 114 33.42 37.23 8.49
C ARG C 114 32.07 37.68 7.95
N ASN C 115 31.63 37.10 6.84
CA ASN C 115 30.37 37.50 6.22
C ASN C 115 29.16 36.77 6.78
N LEU C 116 29.36 35.78 7.65
CA LEU C 116 28.24 35.08 8.25
C LEU C 116 27.50 36.01 9.22
N GLN C 117 26.19 36.12 9.04
CA GLN C 117 25.41 37.10 9.80
C GLN C 117 24.07 36.58 10.31
N GLU C 118 23.49 35.54 9.71
CA GLU C 118 22.13 35.14 10.05
C GLU C 118 21.97 33.63 9.87
N ILE C 119 21.36 33.00 10.85
CA ILE C 119 21.00 31.58 10.78
C ILE C 119 19.50 31.49 11.03
N LEU C 120 18.74 31.12 9.99
CA LEU C 120 17.28 31.10 10.10
C LEU C 120 16.81 30.08 11.13
N HIS C 121 17.35 28.86 11.06
CA HIS C 121 16.86 27.77 11.89
C HIS C 121 18.03 26.99 12.44
N GLY C 122 17.95 26.61 13.70
CA GLY C 122 18.94 25.77 14.35
C GLY C 122 19.76 26.55 15.36
N ALA C 123 20.57 25.78 16.11
CA ALA C 123 21.49 26.31 17.08
C ALA C 123 22.92 25.99 16.67
N VAL C 124 23.88 26.55 17.41
CA VAL C 124 25.30 26.42 17.10
C VAL C 124 25.99 25.71 18.26
N ARG C 125 26.92 24.82 17.93
CA ARG C 125 27.71 24.09 18.92
C ARG C 125 29.19 24.13 18.53
N PHE C 126 29.95 24.98 19.22
CA PHE C 126 31.41 24.96 19.16
C PHE C 126 31.92 24.21 20.39
N SER C 127 32.70 23.15 20.17
CA SER C 127 33.22 22.41 21.31
C SER C 127 34.52 21.71 20.96
N ASN C 128 35.47 21.74 21.90
CA ASN C 128 36.71 20.98 21.82
C ASN C 128 37.50 21.32 20.56
N ASN C 129 37.63 22.62 20.30
CA ASN C 129 38.48 23.14 19.23
C ASN C 129 39.64 23.88 19.89
N PRO C 130 40.78 23.21 20.13
CA PRO C 130 41.84 23.80 20.96
C PRO C 130 42.40 25.11 20.41
N ALA C 131 43.02 25.08 19.24
CA ALA C 131 43.73 26.24 18.72
C ALA C 131 42.81 27.28 18.09
N LEU C 132 41.49 27.12 18.16
CA LEU C 132 40.57 28.15 17.70
C LEU C 132 40.38 29.19 18.80
N CYS C 133 40.45 30.47 18.44
CA CYS C 133 40.66 31.48 19.48
C CYS C 133 40.18 32.89 19.16
N ASN C 134 39.37 33.06 18.12
CA ASN C 134 38.65 34.32 17.91
C ASN C 134 37.15 34.12 17.75
N VAL C 135 36.68 32.88 17.72
CA VAL C 135 35.25 32.62 17.58
C VAL C 135 34.52 32.92 18.88
N GLU C 136 35.18 32.74 20.03
CA GLU C 136 34.51 32.91 21.31
C GLU C 136 34.09 34.34 21.58
N SER C 137 34.74 35.33 20.95
CA SER C 137 34.31 36.71 21.11
C SER C 137 33.06 37.03 20.30
N ILE C 138 32.78 36.24 19.26
CA ILE C 138 31.62 36.49 18.42
C ILE C 138 30.35 36.32 19.24
N GLN C 139 29.43 37.27 19.10
CA GLN C 139 28.16 37.24 19.81
C GLN C 139 27.11 36.58 18.92
N TRP C 140 26.58 35.45 19.35
CA TRP C 140 25.62 34.67 18.57
C TRP C 140 24.18 35.07 18.86
N ARG C 141 23.95 36.04 19.75
CA ARG C 141 22.61 36.61 19.88
C ARG C 141 22.18 37.29 18.59
N ASP C 142 23.14 37.91 17.89
CA ASP C 142 22.83 38.58 16.62
C ASP C 142 22.57 37.57 15.51
N ILE C 143 23.36 36.50 15.46
CA ILE C 143 23.31 35.58 14.32
C ILE C 143 22.09 34.67 14.39
N VAL C 144 21.74 34.21 15.59
CA VAL C 144 20.73 33.16 15.75
C VAL C 144 19.48 33.76 16.38
N SER C 145 18.33 33.21 15.99
CA SER C 145 17.04 33.71 16.45
C SER C 145 16.89 33.51 17.96
N SER C 146 15.95 34.26 18.54
CA SER C 146 15.72 34.19 19.98
C SER C 146 15.12 32.85 20.39
N ASP C 147 14.36 32.20 19.50
CA ASP C 147 13.70 30.96 19.87
C ASP C 147 14.71 29.83 20.06
N PHE C 148 15.71 29.74 19.19
CA PHE C 148 16.69 28.67 19.23
C PHE C 148 17.92 29.02 20.06
N LEU C 149 17.96 30.22 20.65
CA LEU C 149 19.14 30.64 21.40
C LEU C 149 19.32 29.85 22.70
N SER C 150 18.26 29.23 23.21
CA SER C 150 18.35 28.54 24.49
C SER C 150 19.09 27.22 24.39
N ASN C 151 18.73 26.38 23.42
CA ASN C 151 19.44 25.11 23.22
C ASN C 151 20.89 25.27 22.79
N MET C 152 21.33 26.49 22.46
CA MET C 152 22.71 26.68 22.03
C MET C 152 23.67 26.32 23.15
N SER C 153 24.67 25.49 22.81
CA SER C 153 25.66 25.03 23.77
C SER C 153 27.06 25.35 23.24
N MET C 154 27.80 26.17 23.98
CA MET C 154 29.12 26.61 23.59
C MET C 154 30.09 26.41 24.75
N ASP C 155 31.26 25.85 24.46
CA ASP C 155 32.29 25.65 25.49
C ASP C 155 33.67 25.47 24.86
N PHE C 156 34.15 26.48 24.15
CA PHE C 156 35.46 26.44 23.51
C PHE C 156 36.50 27.09 24.42
N GLN C 157 37.59 26.38 24.68
CA GLN C 157 38.65 26.86 25.56
C GLN C 157 40.00 26.61 24.91
N ASN C 158 40.84 27.66 24.86
CA ASN C 158 42.22 27.55 24.38
C ASN C 158 43.14 27.91 25.53
N HIS C 159 43.77 26.90 26.11
CA HIS C 159 44.65 27.14 27.27
C HIS C 159 45.91 27.88 26.86
N LEU C 160 46.37 27.69 25.62
CA LEU C 160 47.59 28.37 25.18
C LEU C 160 47.38 29.88 25.06
N GLY C 161 46.26 30.30 24.49
CA GLY C 161 46.01 31.72 24.31
C GLY C 161 47.01 32.39 23.40
N SER C 162 47.59 31.65 22.45
CA SER C 162 48.63 32.18 21.58
C SER C 162 48.02 32.78 20.31
N CYS C 163 47.19 33.81 20.52
CA CYS C 163 46.50 34.47 19.42
C CYS C 163 46.46 35.97 19.67
N GLN C 164 46.17 36.70 18.60
CA GLN C 164 46.25 38.16 18.62
C GLN C 164 44.97 38.78 19.17
N LYS C 165 45.08 40.05 19.55
CA LYS C 165 43.93 40.82 19.99
C LYS C 165 43.16 41.36 18.79
N CYS C 166 41.88 41.62 18.99
CA CYS C 166 41.05 42.16 17.93
C CYS C 166 41.36 43.65 17.72
N ASP C 167 41.23 44.09 16.47
CA ASP C 167 41.39 45.50 16.15
C ASP C 167 40.41 46.33 16.97
N PRO C 168 40.84 47.46 17.52
CA PRO C 168 39.90 48.32 18.27
C PRO C 168 38.70 48.77 17.44
N SER C 169 38.77 48.68 16.11
CA SER C 169 37.64 49.06 15.27
C SER C 169 36.49 48.07 15.36
N CYS C 170 36.75 46.83 15.78
CA CYS C 170 35.69 45.84 15.84
C CYS C 170 34.75 46.15 17.00
N PRO C 171 33.43 46.09 16.80
CA PRO C 171 32.51 46.43 17.88
C PRO C 171 32.50 45.38 18.99
N ASN C 172 32.49 45.85 20.23
CA ASN C 172 32.49 45.01 21.42
C ASN C 172 33.66 44.03 21.46
N GLY C 173 34.75 44.35 20.76
CA GLY C 173 35.93 43.50 20.77
C GLY C 173 35.70 42.12 20.20
N SER C 174 34.82 41.97 19.22
CA SER C 174 34.52 40.69 18.61
C SER C 174 35.03 40.70 17.17
N CYS C 175 35.88 39.73 16.84
CA CYS C 175 36.46 39.64 15.51
C CYS C 175 36.64 38.18 15.15
N TRP C 176 36.55 37.89 13.84
CA TRP C 176 36.73 36.51 13.39
C TRP C 176 38.20 36.13 13.25
N GLY C 177 39.03 37.07 12.81
CA GLY C 177 40.45 36.81 12.68
C GLY C 177 41.30 37.97 13.15
N ALA C 178 41.97 38.65 12.22
CA ALA C 178 42.79 39.80 12.53
C ALA C 178 42.59 40.86 11.46
N GLY C 179 42.61 42.12 11.89
CA GLY C 179 42.41 43.25 10.98
C GLY C 179 40.96 43.73 10.98
N GLU C 180 40.77 44.85 10.28
CA GLU C 180 39.44 45.43 10.19
C GLU C 180 38.50 44.62 9.31
N GLU C 181 39.05 43.82 8.39
CA GLU C 181 38.19 43.06 7.48
C GLU C 181 37.45 41.95 8.20
N ASN C 182 38.03 41.39 9.27
CA ASN C 182 37.43 40.27 9.99
C ASN C 182 36.68 40.70 11.25
N CYS C 183 36.46 42.01 11.43
CA CYS C 183 35.62 42.45 12.53
C CYS C 183 34.19 41.96 12.32
N GLN C 184 33.54 41.56 13.41
CA GLN C 184 32.15 41.12 13.32
C GLN C 184 31.24 42.29 13.00
N LYS C 185 30.38 42.12 12.01
CA LYS C 185 29.40 43.14 11.63
C LYS C 185 28.07 42.78 12.28
N LEU C 186 27.69 43.57 13.28
CA LEU C 186 26.43 43.36 13.99
C LEU C 186 25.32 44.07 13.24
N THR C 187 24.31 43.31 12.80
CA THR C 187 23.25 43.85 11.97
C THR C 187 21.85 43.79 12.60
N LYS C 188 21.65 43.03 13.67
CA LYS C 188 20.33 42.89 14.27
C LYS C 188 20.20 43.56 15.62
N ILE C 189 21.21 43.45 16.50
CA ILE C 189 21.09 43.96 17.86
C ILE C 189 21.16 45.47 17.92
N ILE C 190 21.77 46.12 16.93
CA ILE C 190 21.92 47.57 16.92
C ILE C 190 20.76 48.28 16.23
N CYS C 191 19.74 47.54 15.81
CA CYS C 191 18.62 48.16 15.11
C CYS C 191 17.77 48.99 16.06
N ALA C 192 17.12 50.03 15.52
CA ALA C 192 16.31 50.93 16.34
C ALA C 192 15.04 50.22 16.84
N GLN C 193 14.29 50.92 17.68
CA GLN C 193 13.06 50.35 18.22
C GLN C 193 12.01 50.19 17.13
N GLN C 194 11.90 51.16 16.24
CA GLN C 194 10.93 51.12 15.14
C GLN C 194 11.50 50.33 13.97
N CYS C 195 11.97 49.11 14.21
CA CYS C 195 12.68 48.34 13.21
C CYS C 195 12.32 46.87 13.34
N SER C 196 12.24 46.17 12.20
CA SER C 196 11.84 44.78 12.16
C SER C 196 13.00 43.85 11.79
N GLY C 197 13.54 43.98 10.59
CA GLY C 197 14.65 43.15 10.16
C GLY C 197 15.97 43.65 10.69
N ARG C 198 17.04 43.24 10.01
CA ARG C 198 18.38 43.68 10.38
C ARG C 198 18.60 45.10 9.86
N CYS C 199 19.81 45.63 10.06
CA CYS C 199 20.08 47.00 9.69
C CYS C 199 21.56 47.21 9.43
N ARG C 200 21.87 48.04 8.43
CA ARG C 200 23.22 48.46 8.08
C ARG C 200 23.78 49.51 9.04
N GLY C 201 22.99 49.98 9.99
CA GLY C 201 23.45 51.00 10.92
C GLY C 201 22.46 51.17 12.05
N LYS C 202 22.90 51.88 13.08
CA LYS C 202 22.07 52.11 14.25
C LYS C 202 20.93 53.08 13.97
N SER C 203 21.06 53.92 12.95
CA SER C 203 20.01 54.87 12.64
C SER C 203 18.76 54.15 12.14
N PRO C 204 17.56 54.66 12.47
CA PRO C 204 16.34 54.00 11.97
C PRO C 204 16.21 54.03 10.46
N SER C 205 16.75 55.06 9.80
CA SER C 205 16.69 55.10 8.35
C SER C 205 17.50 53.99 7.71
N ASP C 206 18.51 53.47 8.43
CA ASP C 206 19.37 52.42 7.92
C ASP C 206 18.72 51.04 7.93
N CYS C 207 17.54 50.90 8.53
CA CYS C 207 16.93 49.59 8.68
C CYS C 207 16.65 48.94 7.32
N CYS C 208 16.66 47.62 7.31
CA CYS C 208 16.54 46.84 6.09
C CYS C 208 15.09 46.44 5.84
N HIS C 209 14.84 45.96 4.63
CA HIS C 209 13.51 45.58 4.20
C HIS C 209 12.98 44.39 4.99
N ASN C 210 11.66 44.21 4.94
CA ASN C 210 11.04 43.05 5.59
C ASN C 210 11.52 41.75 4.97
N GLN C 211 11.93 41.77 3.71
CA GLN C 211 12.33 40.57 2.99
C GLN C 211 13.85 40.37 2.98
N CYS C 212 14.57 41.04 3.87
CA CYS C 212 16.00 40.81 4.03
C CYS C 212 16.24 39.70 5.05
N ALA C 213 17.49 39.20 5.07
CA ALA C 213 17.82 38.10 5.97
C ALA C 213 19.15 38.32 6.68
N ALA C 214 20.23 38.44 5.92
CA ALA C 214 21.55 38.67 6.51
C ALA C 214 21.89 40.15 6.64
N GLY C 215 21.41 40.97 5.72
CA GLY C 215 21.70 42.38 5.75
C GLY C 215 21.18 43.05 4.48
N CYS C 216 21.62 44.29 4.29
CA CYS C 216 21.20 45.04 3.11
C CYS C 216 22.13 46.20 2.89
N THR C 217 22.28 46.59 1.62
CA THR C 217 23.02 47.78 1.25
C THR C 217 22.15 49.03 1.29
N GLY C 218 20.84 48.87 1.12
CA GLY C 218 19.93 49.99 1.12
C GLY C 218 18.54 49.61 1.63
N PRO C 219 17.64 50.58 1.66
CA PRO C 219 16.30 50.31 2.20
C PRO C 219 15.46 49.37 1.34
N ARG C 220 15.66 49.38 0.03
CA ARG C 220 14.76 48.67 -0.87
C ARG C 220 14.89 47.16 -0.73
N GLU C 221 13.83 46.45 -1.11
CA GLU C 221 13.83 45.00 -1.10
C GLU C 221 14.80 44.42 -2.12
N SER C 222 15.17 45.19 -3.14
CA SER C 222 16.22 44.75 -4.06
C SER C 222 17.60 44.86 -3.44
N ASP C 223 17.76 45.69 -2.41
CA ASP C 223 19.06 45.90 -1.76
C ASP C 223 19.38 44.84 -0.72
N CYS C 224 18.47 43.89 -0.48
CA CYS C 224 18.75 42.82 0.46
C CYS C 224 19.96 42.02 0.01
N LEU C 225 20.81 41.66 0.97
CA LEU C 225 21.95 40.80 0.67
C LEU C 225 21.49 39.39 0.30
N VAL C 226 20.84 38.71 1.25
CA VAL C 226 20.21 37.42 1.01
C VAL C 226 18.77 37.51 1.48
N CYS C 227 17.91 36.69 0.90
CA CYS C 227 16.48 36.79 1.11
C CYS C 227 16.00 35.82 2.17
N ARG C 228 14.88 36.16 2.82
CA ARG C 228 14.36 35.34 3.90
C ARG C 228 13.83 34.01 3.39
N LYS C 229 13.05 34.04 2.32
CA LYS C 229 12.36 32.83 1.89
C LYS C 229 12.55 32.50 0.42
N PHE C 230 12.61 33.49 -0.45
CA PHE C 230 12.81 33.18 -1.86
C PHE C 230 13.25 34.44 -2.59
N ARG C 231 14.02 34.27 -3.68
CA ARG C 231 14.57 35.38 -4.43
C ARG C 231 14.27 35.22 -5.92
N ASP C 232 13.53 36.16 -6.48
CA ASP C 232 13.28 36.23 -7.91
C ASP C 232 14.11 37.37 -8.46
N GLU C 233 15.06 37.06 -9.34
CA GLU C 233 16.02 38.04 -9.85
C GLU C 233 16.71 38.76 -8.70
N ALA C 234 16.59 40.09 -8.64
CA ALA C 234 17.20 40.89 -7.60
C ALA C 234 16.24 41.25 -6.47
N THR C 235 15.01 40.72 -6.51
CA THR C 235 13.97 41.06 -5.54
C THR C 235 13.56 39.82 -4.76
N CYS C 236 13.50 39.96 -3.44
CA CYS C 236 12.98 38.90 -2.59
C CYS C 236 11.46 38.92 -2.60
N LYS C 237 10.85 37.74 -2.60
CA LYS C 237 9.40 37.62 -2.63
C LYS C 237 8.96 36.58 -1.62
N ASP C 238 7.65 36.55 -1.36
CA ASP C 238 7.10 35.55 -0.45
C ASP C 238 7.12 34.17 -1.09
N THR C 239 6.47 34.03 -2.24
CA THR C 239 6.50 32.81 -3.02
C THR C 239 7.07 33.10 -4.40
N CYS C 240 7.62 32.08 -5.04
CA CYS C 240 8.09 32.27 -6.40
C CYS C 240 6.88 32.41 -7.32
N PRO C 241 6.88 33.36 -8.25
CA PRO C 241 5.69 33.62 -9.06
C PRO C 241 5.22 32.37 -9.77
N PRO C 242 3.93 32.05 -9.67
CA PRO C 242 3.41 30.83 -10.30
C PRO C 242 3.45 30.93 -11.82
N LEU C 243 3.16 29.80 -12.47
CA LEU C 243 3.14 29.77 -13.93
C LEU C 243 1.80 30.25 -14.48
N MET C 244 0.70 29.90 -13.83
CA MET C 244 -0.63 30.32 -14.27
C MET C 244 -1.40 30.86 -13.07
N LEU C 245 -2.01 32.03 -13.24
CA LEU C 245 -2.76 32.67 -12.18
C LEU C 245 -4.25 32.59 -12.48
N TYR C 246 -5.05 32.50 -11.42
CA TYR C 246 -6.49 32.45 -11.54
C TYR C 246 -7.03 33.86 -11.75
N ASN C 247 -7.89 34.02 -12.76
CA ASN C 247 -8.46 35.32 -13.09
C ASN C 247 -9.83 35.42 -12.41
N PRO C 248 -9.98 36.26 -11.38
CA PRO C 248 -11.28 36.30 -10.68
C PRO C 248 -12.43 36.79 -11.56
N THR C 249 -12.18 37.75 -12.45
CA THR C 249 -13.25 38.26 -13.31
C THR C 249 -13.60 37.25 -14.39
N THR C 250 -12.60 36.62 -15.00
CA THR C 250 -12.84 35.62 -16.03
C THR C 250 -13.31 34.30 -15.45
N TYR C 251 -13.00 34.03 -14.18
CA TYR C 251 -13.30 32.77 -13.51
C TYR C 251 -12.60 31.59 -14.17
N GLN C 252 -11.49 31.85 -14.86
CA GLN C 252 -10.71 30.83 -15.53
C GLN C 252 -9.24 31.01 -15.16
N MET C 253 -8.44 29.98 -15.42
CA MET C 253 -7.00 30.06 -15.20
C MET C 253 -6.33 30.62 -16.44
N ASP C 254 -5.52 31.67 -16.25
CA ASP C 254 -4.79 32.32 -17.33
C ASP C 254 -3.30 32.13 -17.12
N VAL C 255 -2.54 32.23 -18.21
CA VAL C 255 -1.10 32.09 -18.13
C VAL C 255 -0.51 33.34 -17.48
N ASN C 256 0.49 33.15 -16.62
CA ASN C 256 1.13 34.25 -15.93
C ASN C 256 2.39 34.66 -16.68
N PRO C 257 2.46 35.89 -17.22
CA PRO C 257 3.70 36.34 -17.84
C PRO C 257 4.78 36.60 -16.81
N GLU C 258 6.02 36.35 -17.20
CA GLU C 258 7.19 36.54 -16.33
C GLU C 258 7.06 35.72 -15.05
N GLY C 259 6.67 34.46 -15.21
CA GLY C 259 6.61 33.52 -14.10
C GLY C 259 7.81 32.60 -14.12
N LYS C 260 8.44 32.46 -12.97
CA LYS C 260 9.70 31.72 -12.84
C LYS C 260 9.45 30.38 -12.18
N TYR C 261 10.19 29.36 -12.62
CA TYR C 261 10.16 28.07 -11.94
C TYR C 261 10.87 28.17 -10.60
N SER C 262 10.57 27.24 -9.70
CA SER C 262 11.11 27.27 -8.35
C SER C 262 11.99 26.04 -8.13
N PHE C 263 13.30 26.25 -8.03
CA PHE C 263 14.25 25.17 -7.77
C PHE C 263 14.94 25.47 -6.45
N GLY C 264 14.70 24.61 -5.46
CA GLY C 264 15.25 24.85 -4.13
C GLY C 264 14.69 26.14 -3.56
N VAL C 265 15.57 27.11 -3.32
CA VAL C 265 15.16 28.42 -2.82
C VAL C 265 15.54 29.48 -3.85
N THR C 266 15.53 29.12 -5.13
CA THR C 266 15.90 30.02 -6.21
C THR C 266 14.84 29.99 -7.31
N CYS C 267 14.32 31.16 -7.69
CA CYS C 267 13.53 31.27 -8.92
C CYS C 267 14.47 31.14 -10.12
N VAL C 268 14.34 30.05 -10.84
CA VAL C 268 15.13 29.82 -12.05
C VAL C 268 14.23 29.99 -13.27
N LYS C 269 14.87 30.22 -14.41
CA LYS C 269 14.13 30.35 -15.66
C LYS C 269 13.56 29.01 -16.09
N LYS C 270 14.41 27.97 -16.14
CA LYS C 270 13.98 26.62 -16.48
C LYS C 270 14.80 25.63 -15.67
N CYS C 271 14.20 24.48 -15.36
CA CYS C 271 14.84 23.51 -14.50
C CYS C 271 16.09 22.92 -15.17
N PRO C 272 17.07 22.52 -14.37
CA PRO C 272 18.22 21.78 -14.92
C PRO C 272 17.84 20.36 -15.30
N ARG C 273 18.79 19.67 -15.90
CA ARG C 273 18.56 18.31 -16.35
C ARG C 273 18.44 17.36 -15.16
N ASN C 274 17.89 16.17 -15.43
CA ASN C 274 17.68 15.10 -14.46
C ASN C 274 16.71 15.49 -13.35
N TYR C 275 15.97 16.59 -13.54
CA TYR C 275 14.90 17.00 -12.64
C TYR C 275 13.62 17.13 -13.45
N VAL C 276 12.55 16.50 -12.98
CA VAL C 276 11.28 16.55 -13.68
C VAL C 276 10.51 17.78 -13.19
N VAL C 277 9.70 18.35 -14.09
CA VAL C 277 9.10 19.67 -13.88
C VAL C 277 7.61 19.50 -13.67
N THR C 278 7.14 19.83 -12.47
CA THR C 278 5.71 19.77 -12.18
C THR C 278 4.94 20.80 -13.00
N ASP C 279 3.68 20.47 -13.32
CA ASP C 279 2.83 21.43 -14.01
C ASP C 279 2.55 22.66 -13.16
N HIS C 280 2.68 22.55 -11.84
CA HIS C 280 2.46 23.69 -10.95
C HIS C 280 3.60 24.70 -11.00
N GLY C 281 4.74 24.34 -11.60
CA GLY C 281 5.90 25.21 -11.65
C GLY C 281 7.03 24.80 -10.76
N SER C 282 6.79 23.90 -9.80
CA SER C 282 7.85 23.42 -8.94
C SER C 282 8.80 22.51 -9.71
N CYS C 283 9.96 22.25 -9.12
CA CYS C 283 11.04 21.53 -9.79
C CYS C 283 11.37 20.32 -8.93
N VAL C 284 10.75 19.19 -9.26
CA VAL C 284 10.68 18.03 -8.38
C VAL C 284 11.66 16.95 -8.84
N ARG C 285 12.20 16.21 -7.88
CA ARG C 285 13.11 15.11 -8.17
C ARG C 285 12.35 13.82 -8.48
N ALA C 286 11.37 13.48 -7.65
CA ALA C 286 10.57 12.27 -7.83
C ALA C 286 9.10 12.65 -7.71
N CYS C 287 8.33 12.33 -8.74
CA CYS C 287 6.91 12.67 -8.79
C CYS C 287 6.15 12.06 -7.62
N GLY C 288 5.77 12.89 -6.65
CA GLY C 288 5.02 12.40 -5.52
C GLY C 288 3.55 12.17 -5.84
N ALA C 289 2.94 11.30 -5.05
CA ALA C 289 1.51 10.95 -5.16
C ALA C 289 1.29 10.36 -6.55
N ASP C 290 0.29 10.81 -7.31
CA ASP C 290 -0.06 10.22 -8.60
C ASP C 290 0.53 11.08 -9.72
N SER C 291 1.58 10.58 -10.35
CA SER C 291 2.23 11.23 -11.48
C SER C 291 3.21 10.24 -12.10
N TYR C 292 3.89 10.66 -13.16
CA TYR C 292 4.76 9.77 -13.90
C TYR C 292 5.97 10.52 -14.42
N GLU C 293 7.14 9.91 -14.26
CA GLU C 293 8.38 10.43 -14.84
C GLU C 293 8.38 10.18 -16.35
N MET C 294 8.23 11.25 -17.13
CA MET C 294 8.25 11.15 -18.58
C MET C 294 8.67 12.50 -19.15
N GLU C 295 9.04 12.50 -20.43
CA GLU C 295 9.60 13.68 -21.07
C GLU C 295 8.81 14.02 -22.35
N GLU C 296 7.53 14.31 -22.17
CA GLU C 296 6.72 14.80 -23.29
C GLU C 296 7.04 16.26 -23.56
N ASP C 297 6.99 16.63 -24.85
CA ASP C 297 7.46 17.93 -25.34
C ASP C 297 8.96 18.09 -25.19
N GLY C 298 9.70 16.98 -25.16
CA GLY C 298 11.14 17.02 -25.03
C GLY C 298 11.66 17.35 -23.65
N VAL C 299 10.79 17.74 -22.72
CA VAL C 299 11.19 18.09 -21.35
C VAL C 299 10.33 17.29 -20.38
N ARG C 300 10.92 16.98 -19.24
CA ARG C 300 10.22 16.20 -18.22
C ARG C 300 9.07 17.03 -17.63
N LYS C 301 7.87 16.43 -17.60
CA LYS C 301 6.66 17.19 -17.31
C LYS C 301 5.87 16.71 -16.09
N CYS C 302 6.10 15.48 -15.61
CA CYS C 302 5.45 14.97 -14.40
C CYS C 302 3.94 15.16 -14.45
N LYS C 303 3.33 14.68 -15.53
CA LYS C 303 1.88 14.79 -15.66
C LYS C 303 1.18 13.88 -14.66
N LYS C 304 0.05 14.35 -14.12
CA LYS C 304 -0.70 13.57 -13.16
C LYS C 304 -1.23 12.30 -13.81
N CYS C 305 -1.23 11.22 -13.03
CA CYS C 305 -1.51 9.87 -13.51
C CYS C 305 -3.03 9.68 -13.42
N GLU C 306 -3.73 9.93 -14.53
CA GLU C 306 -5.18 9.76 -14.51
C GLU C 306 -5.57 8.32 -14.22
N GLY C 307 -4.85 7.38 -14.84
CA GLY C 307 -4.98 5.98 -14.50
C GLY C 307 -3.70 5.47 -13.88
N PRO C 308 -3.71 4.24 -13.36
CA PRO C 308 -2.49 3.69 -12.78
C PRO C 308 -1.43 3.41 -13.83
N CYS C 309 -0.59 4.42 -14.10
CA CYS C 309 0.42 4.29 -15.15
C CYS C 309 1.48 3.27 -14.76
N ARG C 310 1.89 3.28 -13.50
CA ARG C 310 2.82 2.31 -12.93
C ARG C 310 2.60 2.30 -11.42
N LYS C 311 3.43 1.52 -10.71
CA LYS C 311 3.37 1.44 -9.26
C LYS C 311 4.71 1.89 -8.70
N VAL C 312 4.67 2.79 -7.71
CA VAL C 312 5.87 3.42 -7.18
C VAL C 312 6.09 2.95 -5.74
N CYS C 313 7.36 2.90 -5.34
CA CYS C 313 7.74 2.53 -3.99
C CYS C 313 9.16 3.02 -3.73
N ASN C 314 9.45 3.30 -2.46
CA ASN C 314 10.67 4.02 -2.09
C ASN C 314 11.90 3.12 -2.21
N GLY C 315 13.06 3.75 -2.02
CA GLY C 315 14.34 3.07 -2.11
C GLY C 315 15.12 3.12 -0.81
N ILE C 316 16.27 2.45 -0.82
CA ILE C 316 17.10 2.33 0.36
C ILE C 316 17.70 3.69 0.70
N GLY C 317 17.44 4.16 1.92
CA GLY C 317 17.91 5.46 2.35
C GLY C 317 16.94 6.60 2.13
N ILE C 318 15.69 6.31 1.77
CA ILE C 318 14.70 7.34 1.47
C ILE C 318 13.35 6.89 2.01
N GLY C 319 12.70 7.76 2.79
CA GLY C 319 11.34 7.54 3.23
C GLY C 319 11.15 6.38 4.19
N GLU C 320 10.31 5.42 3.80
CA GLU C 320 10.03 4.25 4.63
C GLU C 320 11.22 3.31 4.76
N PHE C 321 12.33 3.60 4.07
CA PHE C 321 13.53 2.79 4.13
C PHE C 321 14.74 3.67 4.40
N LYS C 322 14.53 4.80 5.09
CA LYS C 322 15.55 5.84 5.17
C LYS C 322 16.79 5.39 5.91
N ASP C 323 16.64 4.53 6.91
CA ASP C 323 17.77 4.08 7.72
C ASP C 323 18.07 2.60 7.52
N SER C 324 17.42 1.95 6.57
CA SER C 324 17.79 0.58 6.21
C SER C 324 19.09 0.58 5.42
N LEU C 325 19.97 -0.36 5.74
CA LEU C 325 21.27 -0.41 5.08
C LEU C 325 21.19 -1.06 3.70
N SER C 326 20.33 -2.06 3.54
CA SER C 326 20.23 -2.78 2.28
C SER C 326 18.85 -3.46 2.23
N ILE C 327 18.56 -4.09 1.09
CA ILE C 327 17.34 -4.86 0.94
C ILE C 327 17.43 -6.07 1.86
N ASN C 328 16.54 -6.13 2.86
CA ASN C 328 16.57 -7.22 3.83
C ASN C 328 15.19 -7.84 3.95
N ALA C 329 15.15 -9.01 4.60
CA ALA C 329 13.93 -9.82 4.61
C ALA C 329 12.74 -9.07 5.20
N THR C 330 12.98 -8.15 6.12
CA THR C 330 11.89 -7.42 6.76
C THR C 330 11.28 -6.38 5.82
N ASN C 331 12.07 -5.78 4.94
CA ASN C 331 11.56 -4.78 4.00
C ASN C 331 11.45 -5.29 2.57
N ILE C 332 11.81 -6.55 2.31
CA ILE C 332 11.77 -7.06 0.95
C ILE C 332 10.34 -7.33 0.49
N LYS C 333 9.40 -7.51 1.42
CA LYS C 333 8.04 -7.85 1.03
C LYS C 333 7.31 -6.67 0.41
N HIS C 334 7.71 -5.44 0.74
CA HIS C 334 7.04 -4.25 0.25
C HIS C 334 7.37 -3.92 -1.20
N PHE C 335 8.26 -4.68 -1.84
CA PHE C 335 8.68 -4.40 -3.21
C PHE C 335 7.96 -5.27 -4.23
N LYS C 336 6.85 -5.90 -3.83
CA LYS C 336 6.09 -6.72 -4.76
C LYS C 336 5.37 -5.86 -5.78
N ASN C 337 5.41 -6.29 -7.04
CA ASN C 337 4.72 -5.63 -8.15
C ASN C 337 5.22 -4.21 -8.42
N CYS C 338 6.28 -3.78 -7.73
CA CYS C 338 6.90 -2.50 -8.06
C CYS C 338 7.58 -2.57 -9.42
N THR C 339 7.31 -1.57 -10.26
CA THR C 339 8.03 -1.41 -11.51
C THR C 339 9.02 -0.25 -11.49
N SER C 340 8.84 0.71 -10.59
CA SER C 340 9.72 1.87 -10.47
C SER C 340 10.18 1.97 -9.03
N ILE C 341 11.49 2.18 -8.84
CA ILE C 341 12.07 2.33 -7.52
C ILE C 341 12.55 3.78 -7.40
N SER C 342 11.80 4.60 -6.67
CA SER C 342 12.24 5.96 -6.39
C SER C 342 13.38 5.93 -5.39
N GLY C 343 14.54 6.41 -5.79
CA GLY C 343 15.70 6.43 -4.94
C GLY C 343 16.68 5.31 -5.24
N ASP C 344 17.58 5.07 -4.30
CA ASP C 344 18.68 4.15 -4.48
C ASP C 344 18.29 2.73 -4.08
N LEU C 345 19.00 1.76 -4.66
CA LEU C 345 18.91 0.36 -4.27
C LEU C 345 20.29 -0.15 -3.88
N HIS C 346 20.35 -0.79 -2.72
CA HIS C 346 21.60 -1.29 -2.15
C HIS C 346 21.47 -2.80 -1.95
N ILE C 347 22.43 -3.54 -2.49
CA ILE C 347 22.55 -4.98 -2.27
C ILE C 347 23.92 -5.20 -1.62
N LEU C 348 23.91 -5.63 -0.36
CA LEU C 348 25.14 -5.73 0.41
C LEU C 348 25.34 -7.14 0.92
N PRO C 349 26.61 -7.57 1.09
CA PRO C 349 26.85 -8.91 1.62
C PRO C 349 26.34 -9.11 3.04
N VAL C 350 26.31 -8.04 3.84
CA VAL C 350 25.90 -8.17 5.23
C VAL C 350 24.41 -8.45 5.36
N ALA C 351 23.62 -8.15 4.33
CA ALA C 351 22.19 -8.42 4.39
C ALA C 351 21.93 -9.92 4.44
N PHE C 352 22.62 -10.69 3.60
CA PHE C 352 22.43 -12.14 3.56
C PHE C 352 22.75 -12.77 4.92
N ARG C 353 23.69 -12.19 5.66
CA ARG C 353 24.03 -12.74 6.97
C ARG C 353 22.96 -12.42 8.00
N GLY C 354 22.45 -11.20 7.98
CA GLY C 354 21.53 -10.73 9.00
C GLY C 354 22.24 -9.96 10.09
N ASP C 355 21.52 -9.04 10.71
CA ASP C 355 22.09 -8.17 11.73
C ASP C 355 21.40 -8.43 13.07
N SER C 356 22.18 -8.25 14.15
CA SER C 356 21.71 -8.60 15.49
C SER C 356 20.99 -7.45 16.18
N PHE C 357 21.45 -6.21 15.99
CA PHE C 357 20.78 -5.07 16.63
C PHE C 357 19.34 -4.94 16.16
N THR C 358 19.14 -4.80 14.84
CA THR C 358 17.84 -4.53 14.27
C THR C 358 17.05 -5.81 13.96
N HIS C 359 17.53 -6.97 14.42
CA HIS C 359 16.78 -8.23 14.35
C HIS C 359 16.39 -8.56 12.90
N THR C 360 17.39 -8.55 12.02
CA THR C 360 17.12 -8.81 10.61
C THR C 360 17.40 -10.27 10.27
N PRO C 361 16.45 -10.98 9.66
CA PRO C 361 16.68 -12.37 9.29
C PRO C 361 17.58 -12.47 8.07
N PRO C 362 18.22 -13.62 7.85
CA PRO C 362 19.01 -13.80 6.64
C PRO C 362 18.13 -13.80 5.39
N LEU C 363 18.70 -13.32 4.29
CA LEU C 363 17.96 -13.21 3.05
C LEU C 363 17.89 -14.56 2.34
N ASP C 364 16.84 -14.71 1.52
CA ASP C 364 16.65 -15.90 0.71
C ASP C 364 16.76 -15.55 -0.76
N PRO C 365 17.55 -16.30 -1.54
CA PRO C 365 17.67 -15.96 -2.97
C PRO C 365 16.36 -16.04 -3.73
N GLN C 366 15.45 -16.93 -3.34
CA GLN C 366 14.15 -17.00 -4.00
C GLN C 366 13.34 -15.73 -3.78
N GLU C 367 13.50 -15.09 -2.61
CA GLU C 367 12.78 -13.85 -2.36
C GLU C 367 13.32 -12.71 -3.22
N LEU C 368 14.58 -12.79 -3.64
CA LEU C 368 15.15 -11.74 -4.48
C LEU C 368 14.57 -11.74 -5.89
N ASP C 369 13.89 -12.82 -6.29
CA ASP C 369 13.27 -12.88 -7.61
C ASP C 369 12.10 -11.92 -7.76
N ILE C 370 11.65 -11.29 -6.67
CA ILE C 370 10.56 -10.32 -6.74
C ILE C 370 10.98 -9.11 -7.56
N LEU C 371 12.27 -8.75 -7.53
CA LEU C 371 12.78 -7.57 -8.20
C LEU C 371 12.68 -7.64 -9.72
N LYS C 372 12.25 -8.78 -10.30
CA LYS C 372 12.09 -8.87 -11.74
C LYS C 372 11.01 -7.92 -12.26
N THR C 373 10.04 -7.56 -11.41
CA THR C 373 8.99 -6.63 -11.84
C THR C 373 9.53 -5.23 -12.09
N VAL C 374 10.64 -4.87 -11.44
CA VAL C 374 11.18 -3.52 -11.55
C VAL C 374 11.67 -3.27 -12.96
N LYS C 375 11.31 -2.10 -13.51
CA LYS C 375 11.74 -1.70 -14.83
C LYS C 375 12.60 -0.43 -14.84
N GLU C 376 12.56 0.38 -13.79
CA GLU C 376 13.29 1.63 -13.75
C GLU C 376 13.70 1.95 -12.33
N ILE C 377 14.93 2.45 -12.17
CA ILE C 377 15.45 2.91 -10.89
C ILE C 377 15.86 4.36 -11.04
N THR C 378 15.24 5.24 -10.25
CA THR C 378 15.57 6.66 -10.33
C THR C 378 16.95 6.93 -9.74
N GLY C 379 17.30 6.24 -8.66
CA GLY C 379 18.59 6.42 -8.03
C GLY C 379 19.68 5.56 -8.64
N PHE C 380 20.53 4.99 -7.80
CA PHE C 380 21.64 4.17 -8.26
C PHE C 380 21.46 2.72 -7.80
N LEU C 381 21.93 1.80 -8.65
CA LEU C 381 21.89 0.36 -8.37
C LEU C 381 23.28 -0.06 -7.90
N LEU C 382 23.41 -0.28 -6.59
CA LEU C 382 24.63 -0.81 -6.00
C LEU C 382 24.44 -2.28 -5.69
N ILE C 383 25.33 -3.12 -6.20
CA ILE C 383 25.27 -4.57 -6.02
C ILE C 383 26.64 -4.99 -5.51
N GLN C 384 26.79 -5.08 -4.19
CA GLN C 384 28.03 -5.52 -3.58
C GLN C 384 28.08 -7.03 -3.37
N ALA C 385 27.00 -7.75 -3.71
CA ALA C 385 26.96 -9.19 -3.56
C ALA C 385 25.81 -9.74 -4.39
N TRP C 386 25.93 -11.01 -4.75
CA TRP C 386 24.90 -11.73 -5.48
C TRP C 386 25.02 -13.20 -5.11
N PRO C 387 23.90 -13.93 -5.04
CA PRO C 387 23.95 -15.31 -4.54
C PRO C 387 24.92 -16.20 -5.33
N GLU C 388 25.48 -17.17 -4.61
CA GLU C 388 26.44 -18.07 -5.24
C GLU C 388 25.75 -19.10 -6.13
N ASN C 389 24.54 -19.52 -5.78
CA ASN C 389 23.81 -20.45 -6.62
C ASN C 389 23.46 -19.84 -7.97
N ARG C 390 23.19 -18.54 -7.99
CA ARG C 390 22.86 -17.86 -9.24
C ARG C 390 24.10 -17.70 -10.11
N THR C 391 23.86 -17.57 -11.41
CA THR C 391 24.92 -17.34 -12.39
C THR C 391 24.77 -16.03 -13.12
N ASP C 392 23.70 -15.28 -12.86
CA ASP C 392 23.45 -14.02 -13.56
C ASP C 392 22.57 -13.14 -12.69
N LEU C 393 22.41 -11.89 -13.14
CA LEU C 393 21.52 -10.93 -12.46
C LEU C 393 20.10 -11.10 -12.99
N HIS C 394 19.51 -12.26 -12.67
CA HIS C 394 18.17 -12.56 -13.14
C HIS C 394 17.11 -11.72 -12.46
N ALA C 395 17.43 -11.12 -11.31
CA ALA C 395 16.46 -10.26 -10.64
C ALA C 395 16.28 -8.93 -11.36
N PHE C 396 17.32 -8.47 -12.06
CA PHE C 396 17.28 -7.23 -12.82
C PHE C 396 17.22 -7.52 -14.33
N GLU C 397 16.47 -8.56 -14.70
CA GLU C 397 16.40 -8.97 -16.10
C GLU C 397 15.57 -7.99 -16.93
N ASN C 398 14.55 -7.38 -16.33
CA ASN C 398 13.64 -6.49 -17.06
C ASN C 398 13.89 -5.01 -16.74
N LEU C 399 15.01 -4.70 -16.09
CA LEU C 399 15.35 -3.30 -15.84
C LEU C 399 15.80 -2.63 -17.13
N GLU C 400 15.22 -1.48 -17.43
CA GLU C 400 15.48 -0.77 -18.67
C GLU C 400 16.20 0.56 -18.50
N ILE C 401 15.85 1.33 -17.47
CA ILE C 401 16.38 2.68 -17.28
C ILE C 401 16.94 2.82 -15.88
N ILE C 402 18.11 3.43 -15.76
CA ILE C 402 18.68 3.83 -14.48
C ILE C 402 18.93 5.34 -14.56
N ARG C 403 18.11 6.12 -13.85
CA ARG C 403 18.16 7.56 -13.97
C ARG C 403 19.37 8.15 -13.27
N GLY C 404 19.76 7.59 -12.12
CA GLY C 404 20.92 8.09 -11.40
C GLY C 404 20.78 9.50 -10.88
N ARG C 405 19.55 9.90 -10.53
CA ARG C 405 19.37 11.20 -9.88
C ARG C 405 20.12 11.27 -8.57
N THR C 406 20.12 10.15 -7.83
CA THR C 406 20.96 9.99 -6.65
C THR C 406 22.13 9.08 -7.01
N LYS C 407 23.32 9.44 -6.57
CA LYS C 407 24.54 8.71 -6.92
C LYS C 407 25.32 8.37 -5.68
N GLN C 408 25.80 7.13 -5.60
CA GLN C 408 26.67 6.71 -4.51
C GLN C 408 28.00 7.46 -4.60
N HIS C 409 28.39 8.09 -3.48
CA HIS C 409 29.56 8.95 -3.42
C HIS C 409 29.50 10.10 -4.44
N GLY C 410 28.30 10.44 -4.91
CA GLY C 410 28.12 11.46 -5.91
C GLY C 410 28.74 11.19 -7.25
N GLN C 411 29.11 9.94 -7.55
CA GLN C 411 29.83 9.63 -8.79
C GLN C 411 29.35 8.37 -9.51
N PHE C 412 28.67 7.45 -8.86
CA PHE C 412 28.35 6.16 -9.44
C PHE C 412 26.85 5.94 -9.50
N SER C 413 26.39 5.37 -10.60
CA SER C 413 24.99 5.00 -10.79
C SER C 413 24.76 3.51 -10.87
N LEU C 414 25.76 2.74 -11.29
CA LEU C 414 25.68 1.29 -11.33
C LEU C 414 27.01 0.72 -10.86
N ALA C 415 26.98 0.00 -9.75
CA ALA C 415 28.17 -0.65 -9.20
C ALA C 415 27.88 -2.13 -9.03
N VAL C 416 28.83 -2.97 -9.44
CA VAL C 416 28.70 -4.43 -9.38
C VAL C 416 30.07 -4.94 -8.91
N VAL C 417 30.20 -5.20 -7.61
CA VAL C 417 31.50 -5.48 -7.00
C VAL C 417 31.39 -6.71 -6.13
N SER C 418 32.35 -7.64 -6.30
CA SER C 418 32.59 -8.76 -5.39
C SER C 418 31.32 -9.61 -5.21
N LEU C 419 31.02 -10.37 -6.25
CA LEU C 419 29.83 -11.21 -6.25
C LEU C 419 30.02 -12.38 -7.21
N ASN C 420 29.39 -13.49 -6.87
CA ASN C 420 29.78 -14.81 -7.36
C ASN C 420 28.84 -15.30 -8.46
N ILE C 421 28.82 -14.58 -9.59
CA ILE C 421 28.05 -14.98 -10.76
C ILE C 421 28.91 -14.75 -12.01
N THR C 422 28.41 -15.25 -13.14
CA THR C 422 29.20 -15.34 -14.37
C THR C 422 28.79 -14.36 -15.46
N SER C 423 27.57 -13.83 -15.44
CA SER C 423 27.10 -12.97 -16.51
C SER C 423 26.23 -11.86 -15.96
N LEU C 424 26.27 -10.70 -16.62
CA LEU C 424 25.45 -9.57 -16.19
C LEU C 424 23.97 -9.84 -16.48
N GLY C 425 23.64 -10.17 -17.72
CA GLY C 425 22.27 -10.42 -18.08
C GLY C 425 21.39 -9.18 -18.10
N LEU C 426 21.97 -8.01 -18.29
CA LEU C 426 21.21 -6.76 -18.35
C LEU C 426 20.73 -6.49 -19.77
N ARG C 427 19.97 -7.45 -20.30
CA ARG C 427 19.53 -7.38 -21.68
C ARG C 427 18.55 -6.23 -21.90
N SER C 428 17.67 -5.98 -20.93
CA SER C 428 16.65 -4.96 -21.07
C SER C 428 17.18 -3.54 -20.86
N LEU C 429 18.37 -3.39 -20.28
CA LEU C 429 18.91 -2.06 -20.02
C LEU C 429 19.13 -1.30 -21.33
N LYS C 430 18.59 -0.09 -21.39
CA LYS C 430 18.65 0.72 -22.60
C LYS C 430 19.23 2.11 -22.41
N GLU C 431 19.23 2.66 -21.19
CA GLU C 431 19.72 4.02 -20.99
C GLU C 431 20.14 4.19 -19.53
N ILE C 432 21.20 4.97 -19.34
CA ILE C 432 21.66 5.41 -18.03
C ILE C 432 21.75 6.93 -18.09
N SER C 433 20.90 7.62 -17.34
CA SER C 433 20.78 9.07 -17.50
C SER C 433 22.00 9.79 -16.93
N ASP C 434 22.49 9.36 -15.78
CA ASP C 434 23.61 10.04 -15.12
C ASP C 434 24.34 9.04 -14.23
N GLY C 435 25.62 9.30 -14.01
CA GLY C 435 26.44 8.48 -13.14
C GLY C 435 27.45 7.64 -13.90
N ASP C 436 28.39 7.08 -13.15
CA ASP C 436 29.44 6.23 -13.69
C ASP C 436 29.23 4.78 -13.26
N VAL C 437 29.84 3.88 -14.00
CA VAL C 437 29.68 2.44 -13.79
C VAL C 437 31.03 1.86 -13.38
N ILE C 438 31.02 1.00 -12.37
CA ILE C 438 32.22 0.30 -11.91
C ILE C 438 31.86 -1.15 -11.65
N ILE C 439 32.71 -2.06 -12.12
CA ILE C 439 32.53 -3.50 -11.95
C ILE C 439 33.90 -4.12 -11.68
N SER C 440 34.04 -4.77 -10.53
CA SER C 440 35.32 -5.37 -10.16
C SER C 440 35.10 -6.43 -9.10
N GLY C 441 36.10 -7.28 -8.91
CA GLY C 441 36.05 -8.29 -7.87
C GLY C 441 35.11 -9.44 -8.10
N ASN C 442 34.49 -9.53 -9.27
CA ASN C 442 33.56 -10.61 -9.59
C ASN C 442 34.37 -11.75 -10.19
N LYS C 443 34.65 -12.78 -9.37
CA LYS C 443 35.60 -13.81 -9.75
C LYS C 443 35.12 -14.66 -10.93
N ASN C 444 33.84 -14.59 -11.29
CA ASN C 444 33.29 -15.49 -12.30
C ASN C 444 32.72 -14.80 -13.53
N LEU C 445 32.61 -13.47 -13.53
CA LEU C 445 31.77 -12.76 -14.49
C LEU C 445 32.56 -12.38 -15.74
N CYS C 446 32.00 -12.70 -16.91
CA CYS C 446 32.56 -12.34 -18.21
C CYS C 446 31.56 -11.57 -19.06
N TYR C 447 32.06 -11.13 -20.20
CA TYR C 447 31.39 -10.41 -21.27
C TYR C 447 31.05 -8.96 -20.97
N ALA C 448 31.22 -8.48 -19.73
CA ALA C 448 30.85 -7.11 -19.40
C ALA C 448 31.52 -6.10 -20.34
N ASN C 449 32.77 -6.36 -20.72
CA ASN C 449 33.55 -5.45 -21.55
C ASN C 449 32.98 -5.25 -22.96
N THR C 450 32.07 -6.11 -23.40
CA THR C 450 31.64 -6.06 -24.80
C THR C 450 30.68 -4.91 -25.07
N ILE C 451 29.85 -4.54 -24.10
CA ILE C 451 28.84 -3.50 -24.31
C ILE C 451 29.51 -2.14 -24.47
N ASN C 452 29.02 -1.36 -25.44
CA ASN C 452 29.45 0.03 -25.60
C ASN C 452 28.60 0.88 -24.67
N TRP C 453 29.12 1.14 -23.47
CA TRP C 453 28.35 1.85 -22.46
C TRP C 453 28.16 3.33 -22.80
N LYS C 454 28.98 3.88 -23.70
CA LYS C 454 28.88 5.30 -24.01
C LYS C 454 27.55 5.65 -24.65
N LYS C 455 26.98 4.73 -25.44
CA LYS C 455 25.67 4.99 -26.04
C LYS C 455 24.58 5.05 -24.98
N LEU C 456 24.70 4.26 -23.91
CA LEU C 456 23.69 4.28 -22.86
C LEU C 456 23.78 5.55 -22.02
N PHE C 457 24.97 6.13 -21.90
CA PHE C 457 25.17 7.29 -21.05
C PHE C 457 24.50 8.52 -21.65
N GLY C 458 23.99 9.39 -20.77
CA GLY C 458 23.29 10.59 -21.20
C GLY C 458 24.09 11.85 -21.04
N THR C 459 24.45 12.19 -19.80
CA THR C 459 25.29 13.34 -19.55
C THR C 459 26.69 13.11 -20.13
N SER C 460 27.38 14.20 -20.43
CA SER C 460 28.64 14.11 -21.15
C SER C 460 29.69 13.35 -20.36
N GLY C 461 29.84 13.67 -19.08
CA GLY C 461 30.87 13.05 -18.26
C GLY C 461 30.43 11.78 -17.57
N GLN C 462 30.46 10.66 -18.29
CA GLN C 462 30.13 9.35 -17.73
C GLN C 462 31.15 8.34 -18.23
N LYS C 463 31.75 7.59 -17.31
CA LYS C 463 32.85 6.69 -17.61
C LYS C 463 32.59 5.31 -17.03
N THR C 464 33.30 4.33 -17.57
CA THR C 464 33.20 2.94 -17.13
C THR C 464 34.54 2.50 -16.54
N LYS C 465 34.46 1.67 -15.50
CA LYS C 465 35.64 1.11 -14.82
C LYS C 465 35.34 -0.36 -14.55
N ILE C 466 35.55 -1.19 -15.57
CA ILE C 466 35.35 -2.63 -15.46
C ILE C 466 36.73 -3.28 -15.53
N ILE C 467 37.18 -3.83 -14.41
CA ILE C 467 38.50 -4.42 -14.29
C ILE C 467 38.46 -5.42 -13.14
N SER C 468 39.49 -6.25 -13.01
CA SER C 468 39.63 -7.17 -11.87
C SER C 468 38.45 -8.14 -11.77
N ASN C 469 37.99 -8.62 -12.91
CA ASN C 469 36.96 -9.66 -12.96
C ASN C 469 37.60 -10.97 -13.42
N ARG C 470 36.74 -11.95 -13.74
CA ARG C 470 37.22 -13.30 -14.06
C ARG C 470 38.36 -13.29 -15.07
N GLY C 471 38.14 -12.67 -16.21
CA GLY C 471 39.10 -12.68 -17.31
C GLY C 471 38.36 -12.97 -18.59
N GLU C 472 38.90 -12.48 -19.70
CA GLU C 472 38.24 -12.55 -20.99
C GLU C 472 38.74 -13.69 -21.86
N ASN C 473 40.04 -14.00 -21.84
CA ASN C 473 40.54 -15.11 -22.63
C ASN C 473 40.10 -16.45 -22.06
N SER C 474 39.86 -16.53 -20.74
CA SER C 474 39.33 -17.75 -20.16
C SER C 474 37.95 -18.06 -20.73
N CYS C 475 37.07 -17.07 -20.76
CA CYS C 475 35.75 -17.30 -21.33
C CYS C 475 35.83 -17.44 -22.85
N LYS C 476 36.85 -16.89 -23.51
CA LYS C 476 37.10 -17.27 -24.90
C LYS C 476 37.42 -18.76 -25.01
N ALA C 477 38.14 -19.30 -24.04
CA ALA C 477 38.59 -20.68 -24.06
C ALA C 477 37.61 -21.65 -23.41
N THR C 478 36.47 -21.18 -22.93
CA THR C 478 35.45 -22.07 -22.38
C THR C 478 34.13 -21.87 -23.13
N GLY C 479 34.22 -21.65 -24.44
CA GLY C 479 33.06 -21.53 -25.30
C GLY C 479 32.15 -20.38 -24.93
N GLN C 480 32.71 -19.28 -24.42
CA GLN C 480 31.92 -18.16 -23.91
C GLN C 480 32.41 -16.82 -24.46
N VAL C 481 31.88 -16.43 -25.63
CA VAL C 481 32.09 -15.09 -26.20
C VAL C 481 30.75 -14.57 -26.71
N CYS C 482 30.62 -13.24 -26.77
CA CYS C 482 29.44 -12.63 -27.35
C CYS C 482 29.26 -13.09 -28.80
N HIS C 483 28.06 -13.59 -29.10
CA HIS C 483 27.87 -14.48 -30.24
C HIS C 483 28.06 -13.75 -31.57
N ALA C 484 28.40 -14.52 -32.60
CA ALA C 484 28.75 -13.96 -33.90
C ALA C 484 27.56 -13.36 -34.64
N LEU C 485 26.32 -13.75 -34.28
CA LEU C 485 25.14 -13.23 -34.95
C LEU C 485 24.71 -11.87 -34.39
N CYS C 486 25.60 -11.13 -33.74
CA CYS C 486 25.30 -9.80 -33.24
C CYS C 486 26.28 -8.79 -33.79
N SER C 487 25.79 -7.57 -34.00
CA SER C 487 26.54 -6.43 -34.50
C SER C 487 27.58 -6.01 -33.47
N PRO C 488 28.45 -5.00 -33.77
CA PRO C 488 29.34 -4.50 -32.72
C PRO C 488 28.60 -3.79 -31.60
N GLU C 489 27.65 -4.51 -30.98
CA GLU C 489 26.92 -4.03 -29.83
C GLU C 489 27.14 -4.92 -28.60
N GLY C 490 27.95 -5.98 -28.72
CA GLY C 490 28.22 -6.83 -27.59
C GLY C 490 27.02 -7.68 -27.22
N CYS C 491 27.01 -8.09 -25.95
CA CYS C 491 25.97 -8.96 -25.41
C CYS C 491 26.11 -8.97 -23.89
N TRP C 492 25.12 -9.58 -23.24
CA TRP C 492 25.11 -9.69 -21.79
C TRP C 492 25.22 -11.12 -21.29
N GLY C 493 25.06 -12.11 -22.17
CA GLY C 493 25.14 -13.49 -21.78
C GLY C 493 25.42 -14.41 -22.95
N PRO C 494 25.58 -15.71 -22.68
CA PRO C 494 25.87 -16.64 -23.77
C PRO C 494 24.70 -16.87 -24.71
N GLU C 495 23.47 -16.82 -24.20
CA GLU C 495 22.32 -17.09 -25.04
C GLU C 495 22.12 -15.99 -26.08
N PRO C 496 21.59 -16.33 -27.25
CA PRO C 496 21.32 -15.29 -28.27
C PRO C 496 20.30 -14.26 -27.84
N ARG C 497 19.37 -14.63 -26.95
CA ARG C 497 18.39 -13.65 -26.48
C ARG C 497 19.08 -12.54 -25.68
N ASP C 498 20.08 -12.89 -24.88
CA ASP C 498 20.85 -11.88 -24.19
C ASP C 498 21.67 -11.05 -25.17
N CYS C 499 21.99 -11.61 -26.34
CA CYS C 499 22.87 -10.95 -27.28
C CYS C 499 22.12 -9.87 -28.04
N VAL C 500 22.70 -8.68 -28.10
CA VAL C 500 22.02 -7.51 -28.63
C VAL C 500 22.09 -7.54 -30.16
N SER C 501 20.93 -7.59 -30.80
CA SER C 501 20.81 -7.63 -32.26
C SER C 501 21.60 -8.79 -32.86
N GLU D 3 22.94 -25.43 2.69
CA GLU D 3 22.40 -25.89 3.97
C GLU D 3 23.45 -26.61 4.79
N LYS D 4 23.04 -27.68 5.47
CA LYS D 4 23.94 -28.48 6.30
C LYS D 4 24.07 -29.87 5.70
N LYS D 5 25.31 -30.37 5.66
CA LYS D 5 25.56 -31.70 5.13
C LYS D 5 24.96 -32.76 6.05
N VAL D 6 24.38 -33.79 5.44
CA VAL D 6 23.68 -34.83 6.18
C VAL D 6 24.22 -36.20 5.77
N CYS D 7 24.23 -37.12 6.74
CA CYS D 7 24.59 -38.51 6.50
C CYS D 7 23.56 -39.41 7.15
N GLN D 8 23.39 -40.61 6.57
CA GLN D 8 22.33 -41.50 7.02
C GLN D 8 22.58 -42.03 8.42
N GLY D 9 23.79 -42.50 8.69
CA GLY D 9 24.15 -43.04 9.98
C GLY D 9 24.30 -44.55 9.94
N THR D 10 24.64 -45.10 11.10
CA THR D 10 24.91 -46.53 11.24
C THR D 10 24.03 -47.12 12.34
N SER D 11 23.46 -48.28 12.07
CA SER D 11 22.63 -49.00 13.03
C SER D 11 23.10 -50.45 13.21
N ASN D 12 24.39 -50.69 12.96
CA ASN D 12 24.92 -52.05 13.01
C ASN D 12 25.20 -52.53 14.43
N LYS D 13 25.06 -51.67 15.42
CA LYS D 13 25.24 -52.02 16.85
C LYS D 13 26.68 -52.54 17.03
N LEU D 14 26.89 -53.71 17.61
CA LEU D 14 28.21 -54.21 17.92
C LEU D 14 28.82 -55.03 16.78
N THR D 15 28.24 -54.98 15.59
CA THR D 15 28.80 -55.69 14.46
C THR D 15 30.04 -54.99 13.93
N GLN D 16 31.09 -55.76 13.65
CA GLN D 16 32.33 -55.24 13.10
C GLN D 16 32.40 -55.58 11.62
N LEU D 17 32.68 -54.57 10.80
CA LEU D 17 32.71 -54.73 9.34
C LEU D 17 34.12 -55.11 8.92
N GLY D 18 34.34 -56.40 8.68
CA GLY D 18 35.64 -56.88 8.27
C GLY D 18 36.71 -56.62 9.33
N THR D 19 37.91 -56.32 8.86
CA THR D 19 39.01 -56.01 9.76
C THR D 19 38.84 -54.61 10.34
N PHE D 20 39.67 -54.30 11.34
CA PHE D 20 39.57 -53.01 12.01
C PHE D 20 39.90 -51.87 11.05
N GLU D 21 40.86 -52.08 10.14
CA GLU D 21 41.18 -51.07 9.16
C GLU D 21 40.00 -50.81 8.23
N ASP D 22 39.37 -51.88 7.74
CA ASP D 22 38.22 -51.72 6.85
C ASP D 22 37.05 -51.07 7.57
N HIS D 23 36.82 -51.44 8.82
CA HIS D 23 35.79 -50.78 9.62
C HIS D 23 36.08 -49.29 9.77
N PHE D 24 37.36 -48.94 9.98
CA PHE D 24 37.71 -47.54 10.10
C PHE D 24 37.49 -46.78 8.80
N LEU D 25 37.88 -47.38 7.67
CA LEU D 25 37.65 -46.72 6.38
C LEU D 25 36.17 -46.54 6.09
N SER D 26 35.34 -47.54 6.42
CA SER D 26 33.90 -47.40 6.23
C SER D 26 33.34 -46.31 7.13
N LEU D 27 33.76 -46.27 8.40
CA LEU D 27 33.33 -45.22 9.31
C LEU D 27 33.71 -43.84 8.79
N GLN D 28 34.94 -43.71 8.29
CA GLN D 28 35.41 -42.45 7.75
C GLN D 28 34.56 -42.02 6.55
N ARG D 29 34.37 -42.93 5.60
CA ARG D 29 33.56 -42.62 4.43
C ARG D 29 32.15 -42.21 4.82
N MET D 30 31.58 -42.87 5.83
CA MET D 30 30.20 -42.60 6.20
C MET D 30 30.06 -41.25 6.90
N PHE D 31 30.81 -41.05 7.97
CA PHE D 31 30.68 -39.85 8.80
C PHE D 31 31.60 -38.73 8.35
N ASN D 32 32.15 -38.82 7.15
CA ASN D 32 32.92 -37.74 6.57
C ASN D 32 32.06 -36.50 6.37
N ASN D 33 32.56 -35.34 6.81
CA ASN D 33 31.95 -34.05 6.55
C ASN D 33 30.47 -34.01 6.91
N CYS D 34 30.01 -34.94 7.75
CA CYS D 34 28.60 -35.08 8.06
C CYS D 34 28.27 -34.17 9.25
N GLU D 35 27.58 -33.06 8.97
CA GLU D 35 27.23 -32.12 10.03
C GLU D 35 25.99 -32.56 10.78
N VAL D 36 25.09 -33.30 10.13
CA VAL D 36 23.85 -33.78 10.75
C VAL D 36 23.71 -35.26 10.45
N VAL D 37 23.64 -36.07 11.50
CA VAL D 37 23.44 -37.51 11.36
C VAL D 37 21.93 -37.76 11.36
N LEU D 38 21.40 -38.22 10.22
CA LEU D 38 19.97 -38.44 10.12
C LEU D 38 19.52 -39.61 11.00
N GLY D 39 20.31 -40.68 11.04
CA GLY D 39 19.95 -41.84 11.85
C GLY D 39 20.74 -41.94 13.14
N ASN D 40 21.53 -42.99 13.28
CA ASN D 40 22.27 -43.25 14.50
C ASN D 40 23.76 -43.14 14.25
N LEU D 41 24.50 -42.74 15.28
CA LEU D 41 25.94 -42.61 15.23
C LEU D 41 26.57 -43.71 16.07
N GLU D 42 27.53 -44.43 15.48
CA GLU D 42 28.19 -45.55 16.16
C GLU D 42 29.69 -45.48 15.90
N ILE D 43 30.47 -45.37 16.96
CA ILE D 43 31.92 -45.39 16.90
C ILE D 43 32.37 -46.66 17.62
N THR D 44 32.73 -47.67 16.83
CA THR D 44 33.07 -48.98 17.37
C THR D 44 34.28 -49.54 16.62
N TYR D 45 35.08 -50.33 17.36
CA TYR D 45 36.18 -51.12 16.78
C TYR D 45 37.20 -50.24 16.07
N VAL D 46 37.58 -49.13 16.69
CA VAL D 46 38.64 -48.28 16.18
C VAL D 46 39.86 -48.46 17.07
N GLN D 47 40.96 -48.92 16.46
CA GLN D 47 42.18 -49.22 17.21
C GLN D 47 43.00 -47.95 17.40
N ARG D 48 43.98 -48.03 18.29
CA ARG D 48 44.82 -46.89 18.61
C ARG D 48 45.60 -46.42 17.39
N ASN D 49 46.10 -45.19 17.47
CA ASN D 49 46.84 -44.51 16.42
C ASN D 49 45.97 -44.21 15.19
N TYR D 50 44.65 -44.27 15.32
CA TYR D 50 43.74 -43.92 14.23
C TYR D 50 43.10 -42.58 14.53
N ASP D 51 43.25 -41.63 13.62
CA ASP D 51 42.74 -40.28 13.82
C ASP D 51 41.27 -40.20 13.45
N LEU D 52 40.47 -39.63 14.35
CA LEU D 52 39.04 -39.47 14.12
C LEU D 52 38.68 -37.98 14.01
N SER D 53 39.45 -37.23 13.23
CA SER D 53 39.26 -35.79 13.13
C SER D 53 37.94 -35.45 12.43
N PHE D 54 37.52 -36.26 11.46
CA PHE D 54 36.27 -35.99 10.75
C PHE D 54 35.08 -35.91 11.70
N LEU D 55 35.10 -36.68 12.79
CA LEU D 55 34.03 -36.64 13.77
C LEU D 55 33.79 -35.24 14.33
N LYS D 56 34.78 -34.34 14.21
CA LYS D 56 34.60 -32.98 14.69
C LYS D 56 33.55 -32.22 13.91
N THR D 57 33.25 -32.61 12.68
CA THR D 57 32.28 -31.88 11.88
C THR D 57 30.84 -32.14 12.30
N ILE D 58 30.58 -33.24 13.01
CA ILE D 58 29.23 -33.57 13.42
C ILE D 58 28.74 -32.56 14.46
N GLN D 59 27.53 -32.05 14.25
CA GLN D 59 26.95 -31.07 15.17
C GLN D 59 25.65 -31.51 15.80
N GLU D 60 25.01 -32.57 15.30
CA GLU D 60 23.75 -33.05 15.86
C GLU D 60 23.43 -34.42 15.28
N VAL D 61 22.85 -35.29 16.12
CA VAL D 61 22.53 -36.66 15.75
C VAL D 61 21.07 -36.91 16.09
N ALA D 62 20.31 -37.40 15.10
CA ALA D 62 18.89 -37.71 15.28
C ALA D 62 18.70 -39.20 15.54
N GLY D 63 19.26 -39.66 16.66
CA GLY D 63 19.20 -41.07 17.00
C GLY D 63 20.10 -41.34 18.19
N TYR D 64 20.32 -42.62 18.45
CA TYR D 64 21.19 -43.00 19.56
C TYR D 64 22.66 -42.94 19.12
N VAL D 65 23.50 -42.55 20.06
CA VAL D 65 24.95 -42.48 19.87
C VAL D 65 25.58 -43.57 20.72
N LEU D 66 26.33 -44.45 20.07
CA LEU D 66 27.00 -45.56 20.73
C LEU D 66 28.50 -45.43 20.49
N ILE D 67 29.28 -45.58 21.56
CA ILE D 67 30.73 -45.54 21.50
C ILE D 67 31.22 -46.76 22.27
N ALA D 68 31.76 -47.74 21.55
CA ALA D 68 32.08 -49.01 22.21
C ALA D 68 33.30 -49.66 21.59
N LEU D 69 34.03 -50.40 22.43
CA LEU D 69 35.15 -51.23 21.99
C LEU D 69 36.18 -50.42 21.21
N ASN D 70 36.54 -49.26 21.75
CA ASN D 70 37.47 -48.34 21.11
C ASN D 70 38.72 -48.23 21.97
N THR D 71 39.88 -48.43 21.34
CA THR D 71 41.16 -48.27 22.00
C THR D 71 41.84 -46.95 21.67
N VAL D 72 41.18 -46.09 20.87
CA VAL D 72 41.75 -44.79 20.57
C VAL D 72 41.83 -43.95 21.85
N GLU D 73 42.78 -43.02 21.86
CA GLU D 73 42.97 -42.19 23.05
C GLU D 73 41.87 -41.14 23.19
N ARG D 74 41.53 -40.47 22.08
CA ARG D 74 40.58 -39.37 22.13
C ARG D 74 39.60 -39.47 20.97
N ILE D 75 38.37 -39.01 21.22
CA ILE D 75 37.33 -38.96 20.20
C ILE D 75 36.76 -37.55 20.18
N PRO D 76 36.94 -36.79 19.09
CA PRO D 76 36.48 -35.40 19.07
C PRO D 76 35.00 -35.25 18.74
N LEU D 77 34.16 -35.13 19.75
CA LEU D 77 32.75 -34.80 19.55
C LEU D 77 32.50 -33.39 20.06
N GLU D 78 33.36 -32.45 19.64
CA GLU D 78 33.35 -31.11 20.21
C GLU D 78 32.11 -30.33 19.78
N ASN D 79 31.87 -30.24 18.48
CA ASN D 79 30.82 -29.38 17.94
C ASN D 79 29.42 -29.95 18.12
N LEU D 80 29.28 -31.21 18.52
CA LEU D 80 27.96 -31.82 18.63
C LEU D 80 27.17 -31.13 19.74
N GLN D 81 25.94 -30.72 19.41
CA GLN D 81 25.15 -29.89 20.30
C GLN D 81 23.89 -30.54 20.84
N ILE D 82 23.23 -31.40 20.07
CA ILE D 82 21.97 -32.01 20.48
C ILE D 82 21.91 -33.45 20.01
N ILE D 83 21.25 -34.29 20.80
CA ILE D 83 20.94 -35.66 20.44
C ILE D 83 19.43 -35.82 20.53
N ARG D 84 18.77 -35.97 19.37
CA ARG D 84 17.32 -36.06 19.36
C ARG D 84 16.83 -37.32 20.06
N GLY D 85 17.59 -38.41 19.98
CA GLY D 85 17.18 -39.66 20.60
C GLY D 85 15.92 -40.25 20.01
N ASN D 86 15.73 -40.14 18.70
CA ASN D 86 14.53 -40.68 18.06
C ASN D 86 14.47 -42.20 18.20
N MET D 87 15.62 -42.86 18.26
CA MET D 87 15.70 -44.30 18.46
C MET D 87 16.58 -44.56 19.68
N TYR D 88 16.03 -45.24 20.68
CA TYR D 88 16.79 -45.56 21.87
C TYR D 88 17.71 -46.74 21.63
N TYR D 89 18.72 -46.85 22.48
CA TYR D 89 19.61 -48.00 22.52
C TYR D 89 19.37 -48.76 23.81
N GLU D 90 19.14 -50.07 23.69
CA GLU D 90 18.75 -50.92 24.82
C GLU D 90 17.44 -50.43 25.45
N ASN D 91 16.61 -49.77 24.65
CA ASN D 91 15.24 -49.34 24.97
C ASN D 91 15.17 -48.18 25.95
N SER D 92 16.28 -47.60 26.38
CA SER D 92 16.19 -46.56 27.40
C SER D 92 17.29 -45.50 27.31
N TYR D 93 18.40 -45.83 26.66
CA TYR D 93 19.56 -44.95 26.64
C TYR D 93 19.76 -44.35 25.25
N ALA D 94 19.85 -43.02 25.20
CA ALA D 94 20.13 -42.34 23.95
C ALA D 94 21.63 -42.25 23.66
N LEU D 95 22.46 -42.23 24.70
CA LEU D 95 23.90 -42.18 24.55
C LEU D 95 24.53 -43.28 25.39
N ALA D 96 25.52 -43.98 24.83
CA ALA D 96 26.17 -45.08 25.52
C ALA D 96 27.66 -45.09 25.21
N VAL D 97 28.46 -45.34 26.24
CA VAL D 97 29.90 -45.50 26.12
C VAL D 97 30.26 -46.77 26.89
N LEU D 98 30.62 -47.83 26.18
CA LEU D 98 30.71 -49.16 26.76
C LEU D 98 32.02 -49.83 26.37
N SER D 99 32.79 -50.25 27.38
CA SER D 99 33.93 -51.14 27.22
C SER D 99 34.95 -50.60 26.20
N ASN D 100 35.42 -49.39 26.46
CA ASN D 100 36.44 -48.78 25.62
C ASN D 100 37.83 -49.03 26.22
N TYR D 101 38.24 -50.30 26.16
CA TYR D 101 39.52 -50.71 26.72
C TYR D 101 40.01 -51.93 25.96
N ASP D 102 41.31 -52.17 26.05
CA ASP D 102 41.96 -53.32 25.43
C ASP D 102 42.60 -54.19 26.51
N ALA D 103 43.46 -55.11 26.08
CA ALA D 103 44.16 -55.98 27.03
C ALA D 103 45.13 -55.17 27.90
N ASN D 104 45.77 -54.16 27.32
CA ASN D 104 46.65 -53.29 28.08
C ASN D 104 45.91 -52.36 29.02
N LYS D 105 44.58 -52.42 29.04
CA LYS D 105 43.70 -51.60 29.87
C LYS D 105 43.82 -50.11 29.58
N THR D 106 44.44 -49.74 28.46
CA THR D 106 44.58 -48.35 28.06
C THR D 106 43.77 -48.14 26.78
N GLY D 107 42.59 -47.53 26.91
CA GLY D 107 41.73 -47.30 25.78
C GLY D 107 41.34 -45.84 25.61
N LEU D 108 40.04 -45.55 25.74
CA LEU D 108 39.55 -44.19 25.59
C LEU D 108 39.78 -43.42 26.90
N LYS D 109 40.51 -42.32 26.81
CA LYS D 109 40.77 -41.45 27.95
C LYS D 109 40.17 -40.06 27.80
N GLU D 110 40.02 -39.57 26.58
CA GLU D 110 39.50 -38.23 26.32
C GLU D 110 38.26 -38.34 25.45
N LEU D 111 37.16 -37.74 25.90
CA LEU D 111 35.91 -37.68 25.14
C LEU D 111 35.35 -36.27 25.24
N PRO D 112 35.98 -35.31 24.56
CA PRO D 112 35.53 -33.92 24.65
C PRO D 112 34.22 -33.72 23.89
N MET D 113 33.19 -33.30 24.63
CA MET D 113 31.89 -32.95 24.06
C MET D 113 31.47 -31.59 24.62
N ARG D 114 32.21 -30.56 24.20
CA ARG D 114 32.10 -29.24 24.82
C ARG D 114 30.73 -28.62 24.58
N ASN D 115 30.21 -28.73 23.37
CA ASN D 115 28.99 -28.04 22.98
C ASN D 115 27.74 -28.90 23.12
N LEU D 116 27.84 -30.04 23.79
CA LEU D 116 26.68 -30.92 24.01
C LEU D 116 25.92 -30.42 25.23
N GLN D 117 24.85 -29.65 25.00
CA GLN D 117 24.05 -29.12 26.10
C GLN D 117 22.68 -29.77 26.25
N GLU D 118 22.16 -30.40 25.20
CA GLU D 118 20.76 -30.81 25.19
C GLU D 118 20.60 -32.21 24.64
N ILE D 119 19.74 -33.00 25.29
CA ILE D 119 19.29 -34.29 24.79
C ILE D 119 17.77 -34.31 24.92
N LEU D 120 17.08 -34.48 23.78
CA LEU D 120 15.62 -34.39 23.79
C LEU D 120 15.00 -35.59 24.49
N HIS D 121 15.43 -36.80 24.14
CA HIS D 121 14.84 -38.01 24.69
C HIS D 121 15.94 -39.02 24.99
N GLY D 122 15.69 -39.86 25.98
CA GLY D 122 16.58 -40.95 26.33
C GLY D 122 17.49 -40.61 27.50
N ALA D 123 18.15 -41.64 28.00
CA ALA D 123 19.10 -41.54 29.09
C ALA D 123 20.51 -41.84 28.59
N VAL D 124 21.46 -41.93 29.51
CA VAL D 124 22.86 -42.18 29.19
C VAL D 124 23.35 -43.33 30.06
N ARG D 125 24.28 -44.11 29.51
CA ARG D 125 24.83 -45.26 30.22
C ARG D 125 26.30 -45.42 29.88
N PHE D 126 27.12 -45.63 30.90
CA PHE D 126 28.54 -45.90 30.74
C PHE D 126 28.87 -47.23 31.38
N SER D 127 29.92 -47.89 30.87
CA SER D 127 30.34 -49.19 31.40
C SER D 127 31.75 -49.56 30.97
N ASN D 128 32.57 -49.99 31.92
CA ASN D 128 33.93 -50.48 31.66
C ASN D 128 34.75 -49.46 30.85
N ASN D 129 34.84 -48.24 31.39
CA ASN D 129 35.63 -47.17 30.81
C ASN D 129 36.76 -46.83 31.75
N PRO D 130 37.89 -47.55 31.70
CA PRO D 130 38.93 -47.40 32.71
C PRO D 130 39.69 -46.08 32.63
N ALA D 131 40.25 -45.76 31.47
CA ALA D 131 41.10 -44.60 31.32
C ALA D 131 40.32 -43.30 31.14
N LEU D 132 38.99 -43.35 31.10
CA LEU D 132 38.20 -42.16 30.80
C LEU D 132 38.36 -41.11 31.89
N CYS D 133 38.66 -39.88 31.47
CA CYS D 133 38.98 -38.79 32.37
C CYS D 133 37.98 -37.66 32.23
N ASN D 134 37.87 -36.86 33.29
CA ASN D 134 37.07 -35.63 33.32
C ASN D 134 35.58 -35.87 33.12
N VAL D 135 35.16 -37.13 33.03
CA VAL D 135 33.75 -37.41 32.75
C VAL D 135 32.94 -37.56 34.04
N GLU D 136 33.58 -37.97 35.13
CA GLU D 136 32.89 -38.05 36.42
C GLU D 136 32.45 -36.67 36.91
N SER D 137 33.08 -35.59 36.43
CA SER D 137 32.76 -34.24 36.86
C SER D 137 31.46 -33.72 36.24
N ILE D 138 30.82 -34.47 35.34
CA ILE D 138 29.68 -33.97 34.60
C ILE D 138 28.48 -33.85 35.53
N GLN D 139 27.80 -32.70 35.47
CA GLN D 139 26.49 -32.52 36.09
C GLN D 139 25.46 -32.75 34.98
N TRP D 140 24.99 -34.00 34.87
CA TRP D 140 24.16 -34.41 33.75
C TRP D 140 22.76 -33.79 33.77
N ARG D 141 22.41 -33.06 34.84
CA ARG D 141 21.07 -32.48 34.92
C ARG D 141 20.85 -31.44 33.82
N ASP D 142 21.92 -30.81 33.33
CA ASP D 142 21.79 -29.79 32.30
C ASP D 142 21.45 -30.38 30.94
N ILE D 143 21.86 -31.63 30.70
CA ILE D 143 21.75 -32.23 29.37
C ILE D 143 20.57 -33.19 29.28
N VAL D 144 20.50 -34.17 30.18
CA VAL D 144 19.46 -35.18 30.09
C VAL D 144 18.11 -34.60 30.47
N SER D 145 17.06 -35.05 29.78
CA SER D 145 15.71 -34.62 30.10
C SER D 145 15.32 -35.09 31.49
N SER D 146 14.44 -34.31 32.14
CA SER D 146 14.05 -34.61 33.51
C SER D 146 13.25 -35.91 33.60
N ASP D 147 12.41 -36.17 32.61
CA ASP D 147 11.59 -37.39 32.63
C ASP D 147 12.46 -38.63 32.49
N PHE D 148 13.50 -38.55 31.67
CA PHE D 148 14.40 -39.68 31.42
C PHE D 148 15.51 -39.78 32.46
N LEU D 149 15.44 -38.98 33.53
CA LEU D 149 16.46 -39.03 34.57
C LEU D 149 16.33 -40.29 35.42
N SER D 150 15.12 -40.87 35.48
CA SER D 150 14.90 -42.03 36.34
C SER D 150 15.57 -43.28 35.78
N ASN D 151 15.38 -43.54 34.48
CA ASN D 151 15.96 -44.73 33.85
C ASN D 151 17.46 -44.63 33.65
N MET D 152 18.09 -43.50 34.00
CA MET D 152 19.49 -43.31 33.68
C MET D 152 20.37 -44.04 34.67
N SER D 153 21.29 -44.86 34.16
CA SER D 153 22.20 -45.64 35.00
C SER D 153 23.57 -45.66 34.34
N MET D 154 24.60 -45.35 35.12
CA MET D 154 25.96 -45.29 34.61
C MET D 154 26.93 -45.41 35.77
N ASP D 155 28.16 -45.83 35.46
CA ASP D 155 29.20 -46.03 36.45
C ASP D 155 30.50 -45.36 36.00
N PHE D 156 31.28 -44.89 36.97
CA PHE D 156 32.49 -44.13 36.68
C PHE D 156 33.57 -44.50 37.68
N GLN D 157 34.68 -43.76 37.62
CA GLN D 157 35.78 -43.86 38.57
C GLN D 157 36.33 -45.29 38.63
N ASN D 158 36.76 -45.79 37.48
CA ASN D 158 37.29 -47.14 37.34
C ASN D 158 38.80 -47.08 37.16
N HIS D 159 39.52 -47.77 38.05
CA HIS D 159 40.98 -47.90 37.98
C HIS D 159 41.71 -46.58 38.15
N LEU D 160 42.99 -46.56 37.82
CA LEU D 160 43.83 -45.37 37.93
C LEU D 160 44.38 -45.02 36.57
N GLY D 161 44.23 -43.76 36.16
CA GLY D 161 44.72 -43.32 34.88
C GLY D 161 45.44 -41.99 34.91
N SER D 162 46.31 -41.80 35.90
CA SER D 162 47.04 -40.55 36.09
C SER D 162 46.09 -39.36 36.12
N CYS D 163 45.78 -38.84 34.92
CA CYS D 163 44.64 -37.97 34.61
C CYS D 163 45.03 -36.51 34.43
N GLN D 164 44.24 -35.80 33.62
CA GLN D 164 44.42 -34.37 33.35
C GLN D 164 43.37 -33.62 34.14
N LYS D 165 43.78 -32.98 35.24
CA LYS D 165 42.84 -32.20 36.03
C LYS D 165 42.30 -31.02 35.23
N CYS D 166 41.04 -30.67 35.49
CA CYS D 166 40.37 -29.65 34.70
C CYS D 166 40.68 -28.25 35.22
N ASP D 167 40.39 -27.26 34.38
CA ASP D 167 40.71 -25.89 34.71
C ASP D 167 39.75 -25.37 35.80
N PRO D 168 40.24 -24.62 36.79
CA PRO D 168 39.41 -24.28 37.95
C PRO D 168 38.33 -23.24 37.69
N SER D 169 38.18 -22.74 36.46
CA SER D 169 37.18 -21.72 36.17
C SER D 169 35.91 -22.30 35.58
N CYS D 170 35.64 -23.59 35.82
CA CYS D 170 34.43 -24.20 35.30
C CYS D 170 33.32 -24.15 36.36
N PRO D 171 32.07 -23.93 35.95
CA PRO D 171 30.98 -23.90 36.94
C PRO D 171 30.74 -25.29 37.53
N ASN D 172 30.64 -25.35 38.86
CA ASN D 172 30.54 -26.60 39.63
C ASN D 172 31.75 -27.50 39.45
N GLY D 173 32.80 -27.03 38.79
CA GLY D 173 33.90 -27.87 38.42
C GLY D 173 33.63 -28.81 37.26
N SER D 174 32.41 -28.78 36.71
CA SER D 174 32.05 -29.69 35.62
C SER D 174 32.82 -29.34 34.35
N CYS D 175 33.26 -30.37 33.64
CA CYS D 175 34.11 -30.20 32.47
C CYS D 175 34.05 -31.45 31.62
N TRP D 176 34.37 -31.29 30.34
CA TRP D 176 34.53 -32.42 29.44
C TRP D 176 35.99 -32.80 29.24
N GLY D 177 36.90 -31.84 29.36
CA GLY D 177 38.31 -32.12 29.25
C GLY D 177 39.12 -31.01 29.89
N ALA D 178 40.43 -31.10 29.72
CA ALA D 178 41.31 -30.09 30.30
C ALA D 178 41.27 -28.80 29.50
N GLY D 179 41.35 -27.68 30.21
CA GLY D 179 41.35 -26.38 29.60
C GLY D 179 40.04 -25.64 29.81
N GLU D 180 40.13 -24.30 29.83
CA GLU D 180 38.93 -23.48 29.94
C GLU D 180 38.01 -23.64 28.74
N GLU D 181 38.55 -24.02 27.58
CA GLU D 181 37.73 -24.32 26.41
C GLU D 181 36.87 -25.57 26.60
N ASN D 182 37.16 -26.39 27.61
CA ASN D 182 36.44 -27.63 27.83
C ASN D 182 35.58 -27.60 29.09
N CYS D 183 35.42 -26.45 29.73
CA CYS D 183 34.47 -26.34 30.83
C CYS D 183 33.06 -26.65 30.35
N GLN D 184 32.16 -26.85 31.31
CA GLN D 184 30.79 -27.17 30.99
C GLN D 184 30.11 -25.97 30.33
N LYS D 185 29.03 -26.25 29.60
CA LYS D 185 28.19 -25.22 29.00
C LYS D 185 26.78 -25.41 29.57
N LEU D 186 26.47 -24.66 30.62
CA LEU D 186 25.24 -24.85 31.37
C LEU D 186 24.10 -24.04 30.76
N THR D 187 22.98 -24.72 30.48
CA THR D 187 21.81 -24.06 29.91
C THR D 187 20.51 -24.52 30.56
N LYS D 188 20.54 -25.10 31.76
CA LYS D 188 19.30 -25.56 32.38
C LYS D 188 19.26 -25.31 33.88
N ILE D 189 20.17 -25.94 34.64
CA ILE D 189 20.16 -25.73 36.09
C ILE D 189 20.56 -24.31 36.45
N ILE D 190 21.20 -23.59 35.53
CA ILE D 190 21.57 -22.19 35.77
C ILE D 190 20.40 -21.26 35.51
N CYS D 191 19.39 -21.70 34.77
CA CYS D 191 18.30 -20.83 34.35
C CYS D 191 17.48 -20.38 35.56
N ALA D 192 16.82 -19.23 35.40
CA ALA D 192 16.11 -18.58 36.48
C ALA D 192 14.63 -18.96 36.49
N GLN D 193 13.93 -18.53 37.53
CA GLN D 193 12.55 -18.93 37.78
C GLN D 193 11.55 -18.08 36.99
N GLN D 194 11.97 -17.58 35.83
CA GLN D 194 11.08 -16.97 34.87
C GLN D 194 11.30 -17.53 33.48
N CYS D 195 12.26 -18.43 33.32
CA CYS D 195 12.90 -18.73 32.04
C CYS D 195 12.40 -20.09 31.59
N SER D 196 11.40 -20.09 30.70
CA SER D 196 10.69 -21.33 30.35
C SER D 196 11.62 -22.37 29.74
N GLY D 197 12.42 -21.96 28.76
CA GLY D 197 13.34 -22.84 28.10
C GLY D 197 14.75 -22.73 28.63
N ARG D 198 15.71 -23.13 27.80
CA ARG D 198 17.12 -22.95 28.15
C ARG D 198 17.45 -21.46 28.25
N CYS D 199 18.65 -21.17 28.72
CA CYS D 199 19.05 -19.79 28.99
C CYS D 199 20.49 -19.57 28.57
N ARG D 200 20.76 -18.36 28.08
CA ARG D 200 22.13 -17.96 27.80
C ARG D 200 22.88 -17.57 29.07
N GLY D 201 22.16 -17.05 30.06
CA GLY D 201 22.77 -16.68 31.34
C GLY D 201 21.81 -16.84 32.50
N LYS D 202 22.09 -16.15 33.60
CA LYS D 202 21.23 -16.21 34.78
C LYS D 202 20.11 -15.19 34.76
N SER D 203 20.35 -14.02 34.16
CA SER D 203 19.35 -12.97 34.14
C SER D 203 18.12 -13.40 33.33
N PRO D 204 16.93 -12.94 33.71
CA PRO D 204 15.74 -13.27 32.91
C PRO D 204 15.77 -12.70 31.51
N SER D 205 16.50 -11.59 31.30
CA SER D 205 16.69 -11.08 29.95
C SER D 205 17.62 -11.99 29.15
N ASP D 206 18.49 -12.73 29.83
CA ASP D 206 19.40 -13.67 29.16
C ASP D 206 18.75 -15.05 29.06
N CYS D 207 17.66 -15.11 28.29
CA CYS D 207 16.95 -16.36 28.06
C CYS D 207 16.73 -16.67 26.58
N CYS D 208 15.99 -17.75 26.34
CA CYS D 208 15.77 -18.28 25.00
C CYS D 208 14.28 -18.31 24.69
N HIS D 209 13.97 -18.44 23.41
CA HIS D 209 12.60 -18.59 22.96
C HIS D 209 12.09 -19.97 23.34
N ASN D 210 10.77 -20.13 23.34
CA ASN D 210 10.17 -21.37 23.83
C ASN D 210 10.56 -22.58 22.98
N GLN D 211 11.02 -22.35 21.74
CA GLN D 211 11.36 -23.43 20.82
C GLN D 211 12.86 -23.68 20.72
N CYS D 212 13.68 -22.92 21.44
CA CYS D 212 15.11 -23.20 21.47
C CYS D 212 15.37 -24.54 22.14
N ALA D 213 16.56 -25.08 21.91
CA ALA D 213 16.92 -26.39 22.46
C ALA D 213 18.25 -26.33 23.20
N ALA D 214 19.36 -26.42 22.46
CA ALA D 214 20.67 -26.45 23.10
C ALA D 214 21.00 -25.10 23.75
N GLY D 215 20.64 -24.01 23.11
CA GLY D 215 20.91 -22.70 23.67
C GLY D 215 20.37 -21.62 22.76
N CYS D 216 20.88 -20.40 22.94
CA CYS D 216 20.46 -19.28 22.11
C CYS D 216 21.44 -18.14 22.26
N THR D 217 21.50 -17.29 21.23
CA THR D 217 22.28 -16.06 21.27
C THR D 217 21.46 -14.90 21.80
N GLY D 218 20.21 -14.78 21.36
CA GLY D 218 19.31 -13.76 21.84
C GLY D 218 17.94 -14.33 22.13
N PRO D 219 17.01 -13.47 22.60
CA PRO D 219 15.67 -13.96 22.93
C PRO D 219 14.75 -14.14 21.74
N ARG D 220 15.16 -13.76 20.54
CA ARG D 220 14.31 -13.93 19.36
C ARG D 220 14.25 -15.40 18.96
N GLU D 221 13.16 -15.76 18.28
CA GLU D 221 12.95 -17.16 17.90
C GLU D 221 13.91 -17.62 16.81
N SER D 222 14.54 -16.69 16.09
CA SER D 222 15.53 -17.03 15.08
C SER D 222 16.95 -17.02 15.64
N ASP D 223 17.10 -17.02 16.96
CA ASP D 223 18.40 -16.95 17.61
C ASP D 223 18.80 -18.26 18.27
N CYS D 224 18.02 -19.32 18.08
CA CYS D 224 18.30 -20.58 18.76
C CYS D 224 19.51 -21.28 18.15
N LEU D 225 20.34 -21.87 19.00
CA LEU D 225 21.43 -22.70 18.50
C LEU D 225 20.89 -23.93 17.80
N VAL D 226 19.87 -24.57 18.37
CA VAL D 226 19.18 -25.70 17.76
C VAL D 226 17.68 -25.52 17.99
N CYS D 227 16.89 -25.79 16.95
CA CYS D 227 15.44 -25.76 17.06
C CYS D 227 14.95 -27.10 17.58
N ARG D 228 14.06 -27.06 18.58
CA ARG D 228 13.59 -28.30 19.20
C ARG D 228 12.62 -29.05 18.29
N LYS D 229 11.73 -28.34 17.61
CA LYS D 229 10.71 -28.96 16.77
C LYS D 229 11.10 -28.97 15.30
N PHE D 230 11.28 -27.79 14.70
CA PHE D 230 11.61 -27.67 13.29
C PHE D 230 12.36 -26.36 13.07
N ARG D 231 13.20 -26.34 12.03
CA ARG D 231 13.98 -25.17 11.66
C ARG D 231 13.57 -24.71 10.27
N ASP D 232 12.81 -23.61 10.21
CA ASP D 232 12.50 -22.95 8.95
C ASP D 232 13.59 -21.92 8.71
N GLU D 233 14.58 -22.28 7.88
CA GLU D 233 15.79 -21.48 7.72
C GLU D 233 16.44 -21.23 9.08
N ALA D 234 16.55 -19.95 9.47
CA ALA D 234 17.04 -19.60 10.79
C ALA D 234 15.97 -19.62 11.86
N THR D 235 14.72 -19.32 11.49
CA THR D 235 13.64 -19.28 12.46
C THR D 235 13.31 -20.69 12.96
N CYS D 236 12.89 -20.78 14.21
CA CYS D 236 12.36 -22.02 14.75
C CYS D 236 10.84 -22.05 14.61
N LYS D 237 10.32 -23.18 14.15
CA LYS D 237 8.90 -23.39 13.99
C LYS D 237 8.52 -24.76 14.55
N ASP D 238 7.29 -24.85 15.07
CA ASP D 238 6.83 -26.14 15.58
C ASP D 238 6.32 -27.03 14.45
N THR D 239 5.30 -26.57 13.73
CA THR D 239 4.83 -27.25 12.53
C THR D 239 5.47 -26.61 11.31
N CYS D 240 5.69 -27.43 10.29
CA CYS D 240 6.35 -26.88 9.11
C CYS D 240 5.31 -26.19 8.23
N PRO D 241 5.63 -25.03 7.67
CA PRO D 241 4.64 -24.27 6.89
C PRO D 241 4.09 -25.10 5.75
N PRO D 242 2.76 -25.18 5.64
CA PRO D 242 2.16 -26.03 4.60
C PRO D 242 2.35 -25.44 3.21
N LEU D 243 2.17 -26.31 2.21
CA LEU D 243 2.22 -25.89 0.82
C LEU D 243 0.87 -25.40 0.32
N MET D 244 -0.22 -25.82 0.94
CA MET D 244 -1.56 -25.32 0.64
C MET D 244 -2.14 -24.69 1.89
N LEU D 245 -2.93 -23.65 1.70
CA LEU D 245 -3.55 -22.91 2.80
C LEU D 245 -5.04 -22.82 2.56
N TYR D 246 -5.83 -23.26 3.52
CA TYR D 246 -7.27 -23.15 3.43
C TYR D 246 -7.70 -21.72 3.75
N ASN D 247 -8.61 -21.17 2.93
CA ASN D 247 -9.10 -19.82 3.14
C ASN D 247 -10.45 -19.90 3.82
N PRO D 248 -10.59 -19.45 5.07
CA PRO D 248 -11.89 -19.52 5.74
C PRO D 248 -12.97 -18.71 5.05
N THR D 249 -12.62 -17.57 4.44
CA THR D 249 -13.62 -16.73 3.78
C THR D 249 -14.02 -17.31 2.43
N THR D 250 -13.06 -17.79 1.65
CA THR D 250 -13.32 -18.28 0.31
C THR D 250 -13.75 -19.75 0.29
N TYR D 251 -13.44 -20.50 1.35
CA TYR D 251 -13.73 -21.94 1.43
C TYR D 251 -13.03 -22.70 0.31
N GLN D 252 -11.78 -22.33 0.04
CA GLN D 252 -10.99 -22.96 -1.01
C GLN D 252 -9.55 -23.12 -0.54
N MET D 253 -8.87 -24.09 -1.11
CA MET D 253 -7.45 -24.29 -0.86
C MET D 253 -6.65 -23.46 -1.85
N ASP D 254 -5.68 -22.70 -1.34
CA ASP D 254 -4.87 -21.80 -2.14
C ASP D 254 -3.40 -22.18 -2.03
N VAL D 255 -2.61 -21.72 -3.00
CA VAL D 255 -1.17 -21.91 -2.93
C VAL D 255 -0.61 -21.06 -1.80
N ASN D 256 0.25 -21.67 -0.98
CA ASN D 256 0.82 -20.98 0.16
C ASN D 256 2.21 -20.48 -0.18
N PRO D 257 2.46 -19.18 -0.15
CA PRO D 257 3.84 -18.69 -0.31
C PRO D 257 4.70 -19.11 0.87
N GLU D 258 5.99 -19.31 0.60
CA GLU D 258 6.97 -19.73 1.60
C GLU D 258 6.63 -21.07 2.22
N GLY D 259 5.85 -21.90 1.51
CA GLY D 259 5.59 -23.26 1.98
C GLY D 259 6.78 -24.16 1.68
N LYS D 260 7.08 -25.05 2.63
CA LYS D 260 8.30 -25.82 2.58
C LYS D 260 8.04 -27.26 3.01
N TYR D 261 8.85 -28.17 2.46
CA TYR D 261 8.79 -29.59 2.76
C TYR D 261 9.41 -29.89 4.11
N SER D 262 8.98 -30.99 4.71
CA SER D 262 9.47 -31.44 6.02
C SER D 262 10.48 -32.55 5.80
N PHE D 263 11.77 -32.21 5.82
CA PHE D 263 12.85 -33.18 5.70
C PHE D 263 13.56 -33.25 7.03
N GLY D 264 13.40 -34.37 7.73
CA GLY D 264 13.97 -34.48 9.07
C GLY D 264 13.32 -33.46 9.99
N VAL D 265 14.15 -32.66 10.64
CA VAL D 265 13.67 -31.55 11.47
C VAL D 265 13.90 -30.21 10.77
N THR D 266 14.03 -30.21 9.45
CA THR D 266 14.30 -29.00 8.69
C THR D 266 13.23 -28.80 7.63
N CYS D 267 12.78 -27.55 7.50
CA CYS D 267 11.88 -27.17 6.42
C CYS D 267 12.71 -26.72 5.22
N VAL D 268 12.59 -27.46 4.13
CA VAL D 268 13.41 -27.24 2.95
C VAL D 268 12.55 -26.70 1.81
N LYS D 269 13.09 -25.76 1.05
CA LYS D 269 12.35 -25.21 -0.09
C LYS D 269 12.11 -26.27 -1.15
N LYS D 270 13.13 -27.10 -1.41
CA LYS D 270 13.01 -28.19 -2.37
C LYS D 270 13.67 -29.43 -1.79
N CYS D 271 13.14 -30.60 -2.18
CA CYS D 271 13.71 -31.84 -1.71
C CYS D 271 15.06 -32.11 -2.36
N PRO D 272 15.99 -32.72 -1.62
CA PRO D 272 17.29 -33.08 -2.21
C PRO D 272 17.16 -34.20 -3.22
N ARG D 273 18.27 -34.54 -3.87
CA ARG D 273 18.24 -35.55 -4.93
C ARG D 273 17.88 -36.92 -4.36
N ASN D 274 17.06 -37.65 -5.12
CA ASN D 274 16.67 -39.03 -4.78
C ASN D 274 15.89 -39.09 -3.46
N TYR D 275 14.95 -38.16 -3.29
CA TYR D 275 14.06 -38.17 -2.13
C TYR D 275 12.65 -37.80 -2.59
N VAL D 276 11.67 -38.58 -2.12
CA VAL D 276 10.31 -38.45 -2.63
C VAL D 276 9.60 -37.29 -1.95
N VAL D 277 8.56 -36.78 -2.61
CA VAL D 277 7.76 -35.66 -2.13
C VAL D 277 6.35 -36.17 -1.90
N THR D 278 5.94 -36.25 -0.64
CA THR D 278 4.61 -36.75 -0.33
C THR D 278 3.55 -35.73 -0.72
N ASP D 279 2.29 -36.18 -0.70
CA ASP D 279 1.19 -35.33 -1.13
C ASP D 279 0.93 -34.20 -0.12
N HIS D 280 1.10 -34.49 1.17
CA HIS D 280 0.91 -33.45 2.18
C HIS D 280 2.10 -32.52 2.31
N GLY D 281 3.19 -32.79 1.60
CA GLY D 281 4.34 -31.91 1.57
C GLY D 281 5.58 -32.45 2.26
N SER D 282 5.44 -33.47 3.10
CA SER D 282 6.60 -34.01 3.80
C SER D 282 7.56 -34.66 2.82
N CYS D 283 8.86 -34.44 3.06
CA CYS D 283 9.92 -34.97 2.21
C CYS D 283 10.45 -36.25 2.85
N VAL D 284 10.14 -37.39 2.24
CA VAL D 284 10.51 -38.70 2.77
C VAL D 284 11.52 -39.33 1.83
N ARG D 285 12.36 -40.20 2.38
CA ARG D 285 13.30 -40.95 1.56
C ARG D 285 12.59 -42.04 0.76
N ALA D 286 11.60 -42.69 1.36
CA ALA D 286 10.84 -43.74 0.68
C ALA D 286 9.48 -43.90 1.35
N CYS D 287 8.43 -43.95 0.53
CA CYS D 287 7.06 -44.04 0.99
C CYS D 287 6.42 -45.33 0.51
N GLY D 288 5.75 -46.04 1.41
CA GLY D 288 5.10 -47.29 1.06
C GLY D 288 3.78 -47.50 1.76
N ALA D 289 3.28 -46.45 2.41
CA ALA D 289 2.06 -46.56 3.19
C ALA D 289 0.86 -46.87 2.31
N ASP D 290 0.72 -46.16 1.20
CA ASP D 290 -0.43 -46.38 0.32
C ASP D 290 -0.14 -45.96 -1.12
N SER D 291 1.12 -45.77 -1.50
CA SER D 291 1.42 -45.04 -2.72
C SER D 291 2.71 -45.56 -3.34
N TYR D 292 2.76 -45.55 -4.67
CA TYR D 292 3.97 -45.94 -5.39
C TYR D 292 4.71 -44.68 -5.84
N GLU D 293 5.77 -44.87 -6.63
CA GLU D 293 6.65 -43.78 -7.05
C GLU D 293 6.49 -43.54 -8.55
N MET D 294 5.95 -42.38 -8.91
CA MET D 294 5.92 -41.90 -10.28
C MET D 294 6.72 -40.62 -10.39
N GLU D 295 7.51 -40.52 -11.46
CA GLU D 295 8.35 -39.33 -11.70
C GLU D 295 7.56 -38.29 -12.50
N GLU D 296 6.59 -37.69 -11.83
CA GLU D 296 5.79 -36.63 -12.43
C GLU D 296 6.52 -35.30 -12.28
N ASP D 297 6.87 -34.69 -13.42
CA ASP D 297 7.58 -33.41 -13.45
C ASP D 297 8.92 -33.50 -12.71
N GLY D 298 9.65 -34.58 -12.96
CA GLY D 298 10.97 -34.74 -12.38
C GLY D 298 10.98 -35.55 -11.09
N VAL D 299 10.99 -34.86 -9.96
CA VAL D 299 11.03 -35.54 -8.67
C VAL D 299 9.76 -36.38 -8.49
N ARG D 300 9.92 -37.54 -7.86
CA ARG D 300 8.80 -38.44 -7.66
C ARG D 300 7.90 -37.94 -6.55
N LYS D 301 6.60 -38.18 -6.72
CA LYS D 301 5.59 -37.52 -5.91
C LYS D 301 4.79 -38.46 -5.00
N CYS D 302 5.23 -39.71 -4.80
CA CYS D 302 4.51 -40.66 -3.95
C CYS D 302 3.04 -40.80 -4.39
N LYS D 303 2.83 -41.06 -5.67
CA LYS D 303 1.47 -41.18 -6.21
C LYS D 303 0.79 -42.46 -5.75
N LYS D 304 -0.53 -42.41 -5.65
CA LYS D 304 -1.28 -43.47 -4.98
C LYS D 304 -1.10 -44.81 -5.67
N CYS D 305 -0.89 -45.85 -4.86
CA CYS D 305 -0.71 -47.21 -5.36
C CYS D 305 -1.94 -47.68 -6.12
N GLU D 306 -1.94 -47.44 -7.43
CA GLU D 306 -3.02 -47.91 -8.30
C GLU D 306 -2.42 -48.25 -9.65
N GLY D 307 -3.18 -49.00 -10.44
CA GLY D 307 -2.73 -49.44 -11.73
C GLY D 307 -1.63 -50.48 -11.63
N PRO D 308 -0.40 -50.11 -12.01
CA PRO D 308 0.72 -51.06 -11.88
C PRO D 308 0.98 -51.49 -10.45
N CYS D 309 0.87 -50.58 -9.50
CA CYS D 309 1.06 -50.92 -8.10
C CYS D 309 -0.22 -51.51 -7.52
N ARG D 310 -0.07 -52.59 -6.77
CA ARG D 310 -1.22 -53.23 -6.12
C ARG D 310 -0.93 -53.47 -4.65
N LYS D 311 0.15 -54.20 -4.36
CA LYS D 311 0.54 -54.52 -2.98
C LYS D 311 2.04 -54.31 -2.83
N VAL D 312 2.42 -53.24 -2.14
CA VAL D 312 3.81 -52.99 -1.79
C VAL D 312 4.14 -53.76 -0.52
N CYS D 313 5.39 -54.20 -0.41
CA CYS D 313 5.79 -55.09 0.68
C CYS D 313 7.11 -54.64 1.27
N ASN D 314 7.17 -54.61 2.60
CA ASN D 314 8.40 -54.34 3.32
C ASN D 314 9.41 -55.47 3.09
N GLY D 315 10.67 -55.19 3.44
CA GLY D 315 11.76 -56.10 3.21
C GLY D 315 12.24 -56.78 4.48
N ILE D 316 13.39 -57.45 4.35
CA ILE D 316 13.98 -58.18 5.45
C ILE D 316 14.64 -57.20 6.42
N GLY D 317 14.39 -57.39 7.71
CA GLY D 317 14.81 -56.44 8.70
C GLY D 317 13.86 -55.28 8.89
N ILE D 318 12.69 -55.31 8.25
CA ILE D 318 11.76 -54.20 8.25
C ILE D 318 10.34 -54.72 8.49
N GLY D 319 9.62 -54.04 9.37
CA GLY D 319 8.19 -54.32 9.52
C GLY D 319 7.93 -55.68 10.15
N GLU D 320 7.04 -56.44 9.51
CA GLU D 320 6.71 -57.79 10.00
C GLU D 320 7.95 -58.68 10.02
N PHE D 321 8.92 -58.39 9.16
CA PHE D 321 10.18 -59.13 9.09
C PHE D 321 11.25 -58.44 9.92
N LYS D 322 10.90 -58.07 11.15
CA LYS D 322 11.69 -57.10 11.91
C LYS D 322 13.13 -57.53 12.09
N ASP D 323 13.35 -58.78 12.53
CA ASP D 323 14.69 -59.26 12.83
C ASP D 323 15.05 -60.50 12.02
N SER D 324 14.35 -60.76 10.93
CA SER D 324 14.68 -61.90 10.08
C SER D 324 16.04 -61.70 9.42
N LEU D 325 16.76 -62.81 9.25
CA LEU D 325 18.06 -62.75 8.59
C LEU D 325 17.92 -62.81 7.07
N SER D 326 16.94 -63.57 6.58
CA SER D 326 16.74 -63.74 5.14
C SER D 326 15.30 -64.17 4.90
N ILE D 327 14.93 -64.22 3.62
CA ILE D 327 13.63 -64.76 3.23
C ILE D 327 13.57 -66.23 3.61
N ASN D 328 12.69 -66.56 4.54
CA ASN D 328 12.52 -67.95 4.94
C ASN D 328 11.06 -68.36 4.84
N ALA D 329 10.82 -69.67 4.94
CA ALA D 329 9.50 -70.22 4.67
C ALA D 329 8.44 -69.67 5.62
N THR D 330 8.82 -69.40 6.86
CA THR D 330 7.86 -68.85 7.81
C THR D 330 7.35 -67.49 7.38
N ASN D 331 8.19 -66.70 6.72
CA ASN D 331 7.85 -65.34 6.34
C ASN D 331 7.59 -65.15 4.86
N ILE D 332 7.82 -66.17 4.03
CA ILE D 332 7.62 -66.02 2.59
C ILE D 332 6.13 -65.91 2.27
N LYS D 333 5.26 -66.47 3.11
CA LYS D 333 3.83 -66.39 2.86
C LYS D 333 3.32 -64.96 2.96
N HIS D 334 3.94 -64.15 3.83
CA HIS D 334 3.58 -62.74 3.90
C HIS D 334 3.93 -62.00 2.62
N PHE D 335 4.90 -62.50 1.85
CA PHE D 335 5.26 -61.94 0.54
C PHE D 335 4.31 -62.49 -0.51
N LYS D 336 3.05 -62.05 -0.43
CA LYS D 336 2.01 -62.52 -1.34
C LYS D 336 1.66 -61.43 -2.35
N ASN D 337 1.87 -61.73 -3.63
CA ASN D 337 1.51 -60.84 -4.73
C ASN D 337 2.11 -59.45 -4.53
N CYS D 338 3.40 -59.43 -4.19
CA CYS D 338 4.10 -58.19 -3.90
C CYS D 338 4.53 -57.53 -5.20
N THR D 339 3.89 -56.42 -5.55
CA THR D 339 4.27 -55.70 -6.77
C THR D 339 5.60 -54.99 -6.62
N SER D 340 5.91 -54.51 -5.41
CA SER D 340 7.15 -53.80 -5.15
C SER D 340 7.65 -54.16 -3.76
N ILE D 341 8.96 -54.01 -3.58
CA ILE D 341 9.62 -54.28 -2.30
C ILE D 341 10.16 -52.95 -1.78
N SER D 342 9.50 -52.41 -0.75
CA SER D 342 9.94 -51.16 -0.15
C SER D 342 11.22 -51.31 0.66
N GLY D 343 11.68 -52.53 0.89
CA GLY D 343 12.88 -52.76 1.66
C GLY D 343 13.97 -53.47 0.88
N ASP D 344 14.70 -54.34 1.57
CA ASP D 344 15.84 -55.06 1.00
C ASP D 344 15.55 -56.54 1.00
N LEU D 345 15.94 -57.22 -0.08
CA LEU D 345 15.77 -58.65 -0.21
C LEU D 345 17.10 -59.35 0.03
N HIS D 346 17.11 -60.29 0.97
CA HIS D 346 18.27 -61.12 1.28
C HIS D 346 17.94 -62.58 1.01
N ILE D 347 18.80 -63.25 0.25
CA ILE D 347 18.64 -64.67 -0.04
C ILE D 347 19.98 -65.33 0.32
N LEU D 348 20.12 -65.76 1.57
CA LEU D 348 21.32 -66.36 2.12
C LEU D 348 21.18 -67.87 2.20
N PRO D 349 22.29 -68.60 2.31
CA PRO D 349 22.20 -70.06 2.49
C PRO D 349 21.55 -70.49 3.79
N VAL D 350 21.32 -69.57 4.72
CA VAL D 350 20.72 -69.94 6.00
C VAL D 350 19.30 -70.45 5.82
N ALA D 351 18.55 -69.83 4.92
CA ALA D 351 17.16 -70.25 4.70
C ALA D 351 17.09 -71.66 4.12
N PHE D 352 17.94 -71.96 3.14
CA PHE D 352 17.94 -73.29 2.55
C PHE D 352 18.46 -74.32 3.54
N ARG D 353 19.48 -73.96 4.33
CA ARG D 353 20.01 -74.88 5.33
C ARG D 353 19.10 -74.99 6.55
N GLY D 354 18.33 -73.95 6.84
CA GLY D 354 17.48 -73.98 8.02
C GLY D 354 18.19 -73.45 9.25
N ASP D 355 17.43 -72.86 10.16
CA ASP D 355 17.94 -72.30 11.39
C ASP D 355 17.29 -72.98 12.58
N SER D 356 18.09 -73.66 13.40
CA SER D 356 17.58 -74.27 14.62
C SER D 356 17.22 -73.23 15.67
N PHE D 357 17.82 -72.03 15.60
CA PHE D 357 17.68 -71.05 16.66
C PHE D 357 16.34 -70.33 16.65
N THR D 358 15.67 -70.25 15.51
CA THR D 358 14.39 -69.57 15.40
C THR D 358 13.39 -70.45 14.66
N HIS D 359 13.43 -71.76 14.94
CA HIS D 359 12.53 -72.78 14.39
C HIS D 359 12.22 -72.51 12.92
N THR D 360 13.27 -72.59 12.10
CA THR D 360 13.15 -72.26 10.68
C THR D 360 13.16 -73.52 9.84
N PRO D 361 12.08 -73.83 9.12
CA PRO D 361 12.09 -74.96 8.21
C PRO D 361 12.86 -74.62 6.94
N PRO D 362 13.37 -75.63 6.23
CA PRO D 362 14.10 -75.34 4.99
C PRO D 362 13.18 -74.77 3.91
N LEU D 363 13.76 -73.90 3.09
CA LEU D 363 13.00 -73.25 2.03
C LEU D 363 12.68 -74.23 0.91
N ASP D 364 11.53 -74.03 0.27
CA ASP D 364 11.08 -74.85 -0.84
C ASP D 364 11.29 -74.14 -2.16
N PRO D 365 11.81 -74.84 -3.18
CA PRO D 365 12.07 -74.18 -4.47
C PRO D 365 10.82 -73.55 -5.09
N GLN D 366 9.74 -74.32 -5.21
CA GLN D 366 8.53 -73.82 -5.87
C GLN D 366 8.02 -72.54 -5.22
N GLU D 367 8.13 -72.44 -3.89
CA GLU D 367 7.66 -71.25 -3.19
C GLU D 367 8.30 -69.98 -3.73
N LEU D 368 9.56 -70.07 -4.18
CA LEU D 368 10.26 -68.89 -4.68
C LEU D 368 9.50 -68.22 -5.82
N ASP D 369 8.69 -68.99 -6.55
CA ASP D 369 7.92 -68.43 -7.65
C ASP D 369 7.03 -67.26 -7.21
N ILE D 370 6.69 -67.18 -5.92
CA ILE D 370 5.85 -66.10 -5.44
C ILE D 370 6.52 -64.74 -5.64
N LEU D 371 7.84 -64.70 -5.78
CA LEU D 371 8.53 -63.45 -6.00
C LEU D 371 8.55 -63.04 -7.47
N LYS D 372 7.83 -63.75 -8.33
CA LYS D 372 7.74 -63.36 -9.73
C LYS D 372 7.00 -62.03 -9.90
N THR D 373 6.08 -61.71 -8.99
CA THR D 373 5.26 -60.51 -9.12
C THR D 373 6.04 -59.23 -8.90
N VAL D 374 7.21 -59.30 -8.28
CA VAL D 374 7.98 -58.09 -7.96
C VAL D 374 8.44 -57.43 -9.24
N LYS D 375 8.16 -56.13 -9.37
CA LYS D 375 8.59 -55.34 -10.50
C LYS D 375 9.76 -54.42 -10.18
N GLU D 376 9.80 -53.87 -8.96
CA GLU D 376 10.86 -52.96 -8.57
C GLU D 376 11.24 -53.24 -7.11
N ILE D 377 12.47 -52.87 -6.76
CA ILE D 377 12.99 -52.97 -5.40
C ILE D 377 13.48 -51.60 -4.99
N THR D 378 12.85 -51.02 -3.96
CA THR D 378 13.25 -49.70 -3.50
C THR D 378 14.65 -49.72 -2.89
N GLY D 379 15.00 -50.81 -2.21
CA GLY D 379 16.30 -50.97 -1.60
C GLY D 379 17.25 -51.79 -2.46
N PHE D 380 18.22 -52.42 -1.81
CA PHE D 380 19.19 -53.24 -2.52
C PHE D 380 18.74 -54.70 -2.56
N LEU D 381 19.39 -55.48 -3.43
CA LEU D 381 19.10 -56.89 -3.61
C LEU D 381 20.37 -57.71 -3.39
N LEU D 382 20.28 -58.70 -2.51
CA LEU D 382 21.43 -59.50 -2.10
C LEU D 382 21.07 -60.97 -2.25
N ILE D 383 21.80 -61.69 -3.10
CA ILE D 383 21.57 -63.10 -3.35
C ILE D 383 22.89 -63.84 -3.17
N GLN D 384 22.95 -64.67 -2.12
CA GLN D 384 24.11 -65.48 -1.80
C GLN D 384 23.86 -66.97 -1.96
N ALA D 385 22.62 -67.39 -2.17
CA ALA D 385 22.27 -68.79 -2.31
C ALA D 385 21.16 -68.97 -3.32
N TRP D 386 21.11 -70.16 -3.91
CA TRP D 386 20.11 -70.55 -4.88
C TRP D 386 20.21 -72.05 -5.08
N PRO D 387 19.12 -72.74 -5.37
CA PRO D 387 19.19 -74.19 -5.59
C PRO D 387 20.19 -74.53 -6.69
N GLU D 388 21.02 -75.54 -6.42
CA GLU D 388 22.06 -75.93 -7.37
C GLU D 388 21.46 -76.44 -8.67
N ASN D 389 20.32 -77.13 -8.61
CA ASN D 389 19.68 -77.62 -9.82
C ASN D 389 19.12 -76.47 -10.67
N ARG D 390 18.60 -75.44 -10.02
CA ARG D 390 18.11 -74.28 -10.74
C ARG D 390 19.27 -73.52 -11.36
N THR D 391 19.05 -72.99 -12.56
CA THR D 391 20.09 -72.34 -13.33
C THR D 391 19.84 -70.86 -13.60
N ASP D 392 18.72 -70.31 -13.11
CA ASP D 392 18.40 -68.92 -13.40
C ASP D 392 17.61 -68.34 -12.23
N LEU D 393 17.67 -67.01 -12.11
CA LEU D 393 16.86 -66.27 -11.15
C LEU D 393 15.48 -66.03 -11.75
N HIS D 394 14.69 -67.10 -11.77
CA HIS D 394 13.37 -67.06 -12.39
C HIS D 394 12.48 -65.99 -11.75
N ALA D 395 12.41 -66.00 -10.41
CA ALA D 395 11.54 -65.06 -9.71
C ALA D 395 11.89 -63.61 -10.02
N PHE D 396 13.15 -63.33 -10.34
CA PHE D 396 13.59 -61.98 -10.64
C PHE D 396 13.72 -61.72 -12.14
N GLU D 397 13.06 -62.52 -12.97
CA GLU D 397 13.06 -62.23 -14.41
C GLU D 397 12.26 -60.96 -14.71
N ASN D 398 11.16 -60.75 -14.00
CA ASN D 398 10.25 -59.64 -14.28
C ASN D 398 10.68 -58.32 -13.61
N LEU D 399 11.74 -58.33 -12.81
CA LEU D 399 12.21 -57.11 -12.17
C LEU D 399 12.62 -56.07 -13.22
N GLU D 400 12.22 -54.82 -12.97
CA GLU D 400 12.44 -53.73 -13.90
C GLU D 400 13.50 -52.75 -13.44
N ILE D 401 13.45 -52.33 -12.18
CA ILE D 401 14.37 -51.32 -11.66
C ILE D 401 14.72 -51.66 -10.21
N ILE D 402 15.93 -51.26 -9.81
CA ILE D 402 16.39 -51.38 -8.44
C ILE D 402 16.80 -50.00 -7.97
N ARG D 403 15.99 -49.40 -7.10
CA ARG D 403 16.25 -48.03 -6.67
C ARG D 403 17.50 -47.95 -5.80
N GLY D 404 17.67 -48.89 -4.88
CA GLY D 404 18.84 -48.91 -4.03
C GLY D 404 18.93 -47.71 -3.11
N ARG D 405 17.81 -47.36 -2.46
CA ARG D 405 17.84 -46.30 -1.46
C ARG D 405 18.79 -46.65 -0.32
N THR D 406 18.81 -47.91 0.09
CA THR D 406 19.75 -48.43 1.06
C THR D 406 20.70 -49.42 0.37
N LYS D 407 21.86 -49.63 0.97
CA LYS D 407 22.90 -50.44 0.37
C LYS D 407 23.48 -51.44 1.36
N GLN D 408 23.79 -52.63 0.87
CA GLN D 408 24.55 -53.61 1.64
C GLN D 408 25.93 -53.03 1.97
N HIS D 409 26.30 -53.09 3.26
CA HIS D 409 27.48 -52.46 3.79
C HIS D 409 27.51 -50.95 3.55
N GLY D 410 26.38 -50.36 3.15
CA GLY D 410 26.35 -48.98 2.75
C GLY D 410 27.02 -48.67 1.43
N GLN D 411 27.38 -49.69 0.66
CA GLN D 411 28.14 -49.48 -0.58
C GLN D 411 27.66 -50.30 -1.76
N PHE D 412 26.91 -51.38 -1.57
CA PHE D 412 26.53 -52.29 -2.64
C PHE D 412 25.03 -52.29 -2.84
N SER D 413 24.59 -52.29 -4.11
CA SER D 413 23.18 -52.34 -4.46
C SER D 413 22.73 -53.72 -4.93
N LEU D 414 23.50 -54.36 -5.80
CA LEU D 414 23.19 -55.69 -6.29
C LEU D 414 24.33 -56.63 -5.94
N ALA D 415 23.99 -57.77 -5.34
CA ALA D 415 24.98 -58.77 -4.99
C ALA D 415 24.51 -60.12 -5.51
N VAL D 416 25.34 -60.75 -6.35
CA VAL D 416 25.10 -62.11 -6.84
C VAL D 416 26.38 -62.89 -6.60
N VAL D 417 26.43 -63.61 -5.48
CA VAL D 417 27.68 -64.25 -5.06
C VAL D 417 27.41 -65.71 -4.72
N SER D 418 28.27 -66.60 -5.24
CA SER D 418 28.27 -68.02 -4.90
C SER D 418 26.93 -68.68 -5.21
N LEU D 419 26.45 -68.45 -6.44
CA LEU D 419 25.23 -69.05 -6.93
C LEU D 419 25.56 -70.18 -7.90
N ASN D 420 24.94 -71.33 -7.69
CA ASN D 420 25.10 -72.47 -8.59
C ASN D 420 24.09 -72.37 -9.75
N ILE D 421 24.18 -71.25 -10.47
CA ILE D 421 23.29 -70.98 -11.59
C ILE D 421 24.15 -70.65 -12.81
N THR D 422 23.58 -70.89 -13.99
CA THR D 422 24.30 -70.66 -15.24
C THR D 422 23.91 -69.36 -15.94
N SER D 423 22.77 -68.77 -15.60
CA SER D 423 22.31 -67.55 -16.23
C SER D 423 21.75 -66.61 -15.16
N LEU D 424 21.82 -65.31 -15.45
CA LEU D 424 21.33 -64.31 -14.50
C LEU D 424 19.81 -64.33 -14.41
N GLY D 425 19.13 -64.44 -15.55
CA GLY D 425 17.68 -64.44 -15.56
C GLY D 425 17.08 -63.14 -15.07
N LEU D 426 17.42 -62.04 -15.74
CA LEU D 426 16.94 -60.70 -15.37
C LEU D 426 16.49 -59.99 -16.64
N ARG D 427 15.47 -60.54 -17.30
CA ARG D 427 15.14 -60.09 -18.66
C ARG D 427 14.59 -58.67 -18.67
N SER D 428 13.78 -58.30 -17.69
CA SER D 428 13.11 -57.01 -17.69
C SER D 428 13.91 -55.91 -17.01
N LEU D 429 15.09 -56.22 -16.49
CA LEU D 429 15.89 -55.22 -15.79
C LEU D 429 16.31 -54.11 -16.74
N LYS D 430 16.15 -52.87 -16.31
CA LYS D 430 16.40 -51.73 -17.19
C LYS D 430 17.25 -50.65 -16.54
N GLU D 431 17.09 -50.41 -15.23
CA GLU D 431 17.78 -49.30 -14.59
C GLU D 431 18.09 -49.66 -13.14
N ILE D 432 19.16 -49.07 -12.62
CA ILE D 432 19.53 -49.15 -11.22
C ILE D 432 19.81 -47.73 -10.75
N SER D 433 19.03 -47.25 -9.78
CA SER D 433 19.08 -45.84 -9.43
C SER D 433 20.36 -45.49 -8.69
N ASP D 434 20.67 -46.18 -7.60
CA ASP D 434 21.82 -45.81 -6.78
C ASP D 434 22.39 -47.02 -6.07
N GLY D 435 23.70 -47.20 -6.15
CA GLY D 435 24.38 -48.25 -5.41
C GLY D 435 25.64 -48.73 -6.15
N ASP D 436 25.86 -50.04 -6.09
CA ASP D 436 27.00 -50.69 -6.74
C ASP D 436 26.67 -52.17 -6.92
N VAL D 437 27.21 -52.75 -8.00
CA VAL D 437 26.84 -54.10 -8.43
C VAL D 437 28.07 -55.00 -8.38
N ILE D 438 27.93 -56.15 -7.73
CA ILE D 438 28.97 -57.17 -7.66
C ILE D 438 28.36 -58.52 -8.02
N ILE D 439 29.01 -59.24 -8.92
CA ILE D 439 28.59 -60.58 -9.31
C ILE D 439 29.86 -61.41 -9.41
N SER D 440 30.04 -62.35 -8.48
CA SER D 440 31.31 -63.05 -8.40
C SER D 440 31.16 -64.38 -7.69
N GLY D 441 32.13 -65.26 -7.94
CA GLY D 441 32.16 -66.56 -7.30
C GLY D 441 31.15 -67.55 -7.83
N ASN D 442 30.87 -67.50 -9.14
CA ASN D 442 29.83 -68.33 -9.76
C ASN D 442 30.48 -69.22 -10.81
N LYS D 443 30.92 -70.41 -10.39
CA LYS D 443 31.63 -71.32 -11.29
C LYS D 443 30.75 -71.88 -12.39
N ASN D 444 29.44 -71.64 -12.35
CA ASN D 444 28.53 -72.10 -13.41
C ASN D 444 28.04 -70.97 -14.30
N LEU D 445 28.17 -69.71 -13.88
CA LEU D 445 27.48 -68.61 -14.54
C LEU D 445 28.21 -68.18 -15.81
N CYS D 446 27.43 -67.99 -16.88
CA CYS D 446 27.91 -67.33 -18.09
C CYS D 446 26.94 -66.19 -18.38
N TYR D 447 27.00 -65.67 -19.61
CA TYR D 447 26.01 -64.74 -20.18
C TYR D 447 25.94 -63.40 -19.45
N ALA D 448 26.88 -63.11 -18.55
CA ALA D 448 26.83 -61.87 -17.80
C ALA D 448 27.89 -60.85 -18.21
N ASN D 449 28.94 -61.28 -18.92
CA ASN D 449 30.00 -60.36 -19.30
C ASN D 449 29.54 -59.37 -20.36
N THR D 450 28.68 -59.81 -21.28
CA THR D 450 28.31 -58.98 -22.41
C THR D 450 27.41 -57.81 -22.02
N ILE D 451 26.64 -57.96 -20.94
CA ILE D 451 25.68 -56.92 -20.57
C ILE D 451 26.42 -55.65 -20.17
N ASN D 452 25.96 -54.52 -20.71
CA ASN D 452 26.52 -53.21 -20.37
C ASN D 452 25.74 -52.66 -19.18
N TRP D 453 26.35 -52.70 -18.00
CA TRP D 453 25.70 -52.23 -16.79
C TRP D 453 25.71 -50.71 -16.67
N LYS D 454 26.49 -50.01 -17.51
CA LYS D 454 26.54 -48.56 -17.43
C LYS D 454 25.22 -47.92 -17.84
N LYS D 455 24.52 -48.52 -18.80
CA LYS D 455 23.22 -47.97 -19.21
C LYS D 455 22.20 -48.07 -18.08
N LEU D 456 22.24 -49.17 -17.33
CA LEU D 456 21.35 -49.29 -16.16
C LEU D 456 21.73 -48.29 -15.08
N PHE D 457 22.99 -47.87 -15.04
CA PHE D 457 23.47 -47.01 -13.97
C PHE D 457 22.84 -45.63 -14.07
N GLY D 458 22.40 -45.11 -12.92
CA GLY D 458 21.64 -43.86 -12.90
C GLY D 458 22.29 -42.73 -12.15
N THR D 459 23.34 -43.01 -11.38
CA THR D 459 24.10 -41.98 -10.67
C THR D 459 25.57 -42.10 -11.02
N SER D 460 26.32 -41.04 -10.71
CA SER D 460 27.72 -40.96 -11.13
C SER D 460 28.59 -41.95 -10.36
N GLY D 461 28.39 -42.06 -9.06
CA GLY D 461 29.24 -42.92 -8.24
C GLY D 461 28.82 -44.37 -8.26
N GLN D 462 29.02 -45.05 -9.38
CA GLN D 462 28.64 -46.45 -9.52
C GLN D 462 29.69 -47.21 -10.31
N LYS D 463 29.91 -48.46 -9.92
CA LYS D 463 30.89 -49.34 -10.56
C LYS D 463 30.42 -50.78 -10.39
N THR D 464 30.86 -51.64 -11.30
CA THR D 464 30.46 -53.04 -11.29
C THR D 464 31.68 -53.95 -11.22
N LYS D 465 31.47 -55.12 -10.61
CA LYS D 465 32.52 -56.12 -10.46
C LYS D 465 32.05 -57.45 -11.06
N ILE D 466 32.79 -57.94 -12.05
CA ILE D 466 32.51 -59.21 -12.70
C ILE D 466 33.81 -60.02 -12.68
N ILE D 467 33.95 -60.89 -11.68
CA ILE D 467 35.13 -61.74 -11.53
C ILE D 467 34.69 -63.11 -11.02
N SER D 468 35.61 -64.07 -11.10
CA SER D 468 35.45 -65.40 -10.49
C SER D 468 34.21 -66.12 -10.98
N ASN D 469 33.75 -65.81 -12.19
CA ASN D 469 32.68 -66.55 -12.83
C ASN D 469 33.28 -67.52 -13.85
N ARG D 470 32.44 -68.31 -14.49
CA ARG D 470 32.92 -69.26 -15.48
C ARG D 470 33.64 -68.52 -16.61
N GLY D 471 34.74 -69.10 -17.08
CA GLY D 471 35.60 -68.40 -18.01
C GLY D 471 34.87 -68.07 -19.30
N GLU D 472 35.15 -66.87 -19.82
CA GLU D 472 34.58 -66.44 -21.09
C GLU D 472 34.91 -67.43 -22.20
N ASN D 473 36.19 -67.82 -22.29
CA ASN D 473 36.59 -68.80 -23.29
C ASN D 473 35.87 -70.13 -23.10
N SER D 474 35.55 -70.50 -21.85
CA SER D 474 34.86 -71.77 -21.62
C SER D 474 33.42 -71.71 -22.13
N CYS D 475 32.69 -70.64 -21.78
CA CYS D 475 31.34 -70.46 -22.28
C CYS D 475 31.32 -70.44 -23.80
N LYS D 476 32.33 -69.83 -24.42
CA LYS D 476 32.40 -69.86 -25.88
C LYS D 476 32.79 -71.25 -26.39
N ALA D 477 33.52 -72.02 -25.60
CA ALA D 477 33.97 -73.34 -26.02
C ALA D 477 32.88 -74.39 -25.95
N THR D 478 31.87 -74.20 -25.12
CA THR D 478 30.74 -75.12 -25.07
C THR D 478 29.51 -74.58 -25.80
N GLY D 479 29.71 -73.66 -26.75
CA GLY D 479 28.61 -73.11 -27.53
C GLY D 479 27.58 -72.39 -26.70
N GLN D 480 28.03 -71.47 -25.83
CA GLN D 480 27.16 -70.77 -24.90
C GLN D 480 27.54 -69.28 -24.92
N VAL D 481 26.98 -68.56 -25.89
CA VAL D 481 27.20 -67.13 -26.07
C VAL D 481 25.82 -66.49 -26.23
N CYS D 482 25.76 -65.16 -26.12
CA CYS D 482 24.55 -64.43 -26.46
C CYS D 482 24.04 -64.89 -27.82
N HIS D 483 22.72 -65.00 -27.94
CA HIS D 483 22.13 -65.61 -29.13
C HIS D 483 22.49 -64.80 -30.37
N ALA D 484 22.36 -65.46 -31.53
CA ALA D 484 22.93 -64.93 -32.77
C ALA D 484 22.41 -63.54 -33.10
N LEU D 485 21.10 -63.34 -33.00
CA LEU D 485 20.51 -62.05 -33.35
C LEU D 485 20.40 -61.12 -32.14
N CYS D 486 21.42 -61.07 -31.28
CA CYS D 486 21.47 -60.16 -30.15
C CYS D 486 22.60 -59.16 -30.31
N SER D 487 22.27 -57.89 -30.12
CA SER D 487 23.19 -56.76 -30.19
C SER D 487 23.94 -56.62 -28.87
N PRO D 488 25.14 -55.98 -28.86
CA PRO D 488 25.93 -55.91 -27.63
C PRO D 488 25.21 -55.36 -26.40
N GLU D 489 23.99 -54.86 -26.58
CA GLU D 489 23.22 -54.27 -25.48
C GLU D 489 23.03 -55.23 -24.31
N GLY D 490 23.28 -56.52 -24.51
CA GLY D 490 23.25 -57.49 -23.44
C GLY D 490 22.31 -58.64 -23.72
N CYS D 491 22.47 -59.68 -22.90
CA CYS D 491 21.59 -60.84 -22.91
C CYS D 491 21.74 -61.56 -21.58
N TRP D 492 20.63 -62.05 -21.03
CA TRP D 492 20.62 -62.70 -19.73
C TRP D 492 20.53 -64.22 -19.83
N GLY D 493 20.60 -64.77 -21.04
CA GLY D 493 20.53 -66.20 -21.23
C GLY D 493 20.80 -66.59 -22.67
N PRO D 494 21.03 -67.89 -22.89
CA PRO D 494 21.30 -68.37 -24.26
C PRO D 494 20.07 -68.27 -25.16
N GLU D 495 18.87 -68.40 -24.61
CA GLU D 495 17.67 -68.34 -25.42
C GLU D 495 17.45 -66.94 -25.96
N PRO D 496 16.80 -66.82 -27.12
CA PRO D 496 16.54 -65.47 -27.68
C PRO D 496 15.61 -64.63 -26.83
N ARG D 497 14.79 -65.25 -25.98
CA ARG D 497 13.90 -64.47 -25.11
C ARG D 497 14.70 -63.63 -24.12
N ASP D 498 15.77 -64.19 -23.58
CA ASP D 498 16.65 -63.47 -22.66
C ASP D 498 17.68 -62.69 -23.49
N CYS D 499 17.23 -61.56 -24.03
CA CYS D 499 18.07 -60.76 -24.90
C CYS D 499 17.78 -59.29 -24.69
N VAL D 500 18.74 -58.45 -25.06
CA VAL D 500 18.59 -57.01 -24.95
C VAL D 500 19.22 -56.32 -26.15
N VAL E 1 -25.76 21.44 6.42
CA VAL E 1 -26.73 20.38 6.17
C VAL E 1 -26.00 19.14 5.64
N SER E 2 -26.32 17.98 6.21
CA SER E 2 -25.61 16.75 5.87
C SER E 2 -26.04 16.21 4.51
N ILE E 3 -27.31 16.32 4.17
CA ILE E 3 -27.88 15.72 2.96
C ILE E 3 -28.11 16.81 1.93
N THR E 4 -27.66 16.57 0.70
CA THR E 4 -27.91 17.49 -0.41
C THR E 4 -28.54 16.72 -1.57
N LYS E 5 -29.28 17.44 -2.40
CA LYS E 5 -29.88 16.84 -3.58
C LYS E 5 -28.79 16.48 -4.60
N CYS E 6 -28.79 15.22 -5.04
CA CYS E 6 -27.84 14.79 -6.06
C CYS E 6 -28.13 15.48 -7.38
N SER E 7 -27.06 15.73 -8.14
CA SER E 7 -27.21 16.26 -9.48
C SER E 7 -27.91 15.24 -10.37
N SER E 8 -28.52 15.74 -11.46
CA SER E 8 -29.36 14.89 -12.29
C SER E 8 -28.57 13.80 -13.00
N ASP E 9 -27.24 13.91 -13.02
CA ASP E 9 -26.43 12.85 -13.63
C ASP E 9 -26.57 11.55 -12.85
N MET E 10 -26.76 11.64 -11.52
CA MET E 10 -27.05 10.47 -10.70
C MET E 10 -28.56 10.29 -10.60
N ASN E 11 -29.14 9.83 -11.71
CA ASN E 11 -30.59 9.67 -11.84
C ASN E 11 -31.03 8.24 -11.55
N GLY E 12 -30.47 7.28 -12.30
CA GLY E 12 -30.79 5.88 -12.13
C GLY E 12 -29.86 5.11 -11.23
N TYR E 13 -28.92 5.79 -10.57
CA TYR E 13 -27.99 5.11 -9.67
C TYR E 13 -28.72 4.36 -8.57
N CYS E 14 -29.69 5.02 -7.94
CA CYS E 14 -30.51 4.40 -6.92
C CYS E 14 -31.64 3.64 -7.60
N LEU E 15 -31.55 2.31 -7.60
CA LEU E 15 -32.57 1.51 -8.29
C LEU E 15 -33.91 1.54 -7.56
N HIS E 16 -33.88 1.45 -6.23
CA HIS E 16 -35.08 1.50 -5.41
C HIS E 16 -34.88 2.56 -4.32
N GLY E 17 -34.78 3.82 -4.74
CA GLY E 17 -34.58 4.89 -3.81
C GLY E 17 -34.23 6.18 -4.52
N GLN E 18 -33.75 7.14 -3.73
CA GLN E 18 -33.38 8.45 -4.25
C GLN E 18 -31.95 8.79 -3.85
N CYS E 19 -31.21 9.39 -4.78
CA CYS E 19 -29.81 9.71 -4.51
C CYS E 19 -29.70 10.83 -3.49
N ILE E 20 -28.71 10.72 -2.60
CA ILE E 20 -28.41 11.73 -1.61
C ILE E 20 -26.92 12.02 -1.67
N TYR E 21 -26.56 13.28 -1.41
CA TYR E 21 -25.17 13.73 -1.42
C TYR E 21 -24.72 13.96 0.01
N LEU E 22 -23.68 13.25 0.42
CA LEU E 22 -23.02 13.48 1.69
C LEU E 22 -21.86 14.44 1.46
N VAL E 23 -21.94 15.62 2.08
CA VAL E 23 -20.96 16.67 1.84
C VAL E 23 -19.67 16.38 2.58
N ASP E 24 -19.74 15.79 3.76
CA ASP E 24 -18.53 15.45 4.50
C ASP E 24 -17.73 14.38 3.77
N MET E 25 -18.41 13.34 3.28
CA MET E 25 -17.76 12.34 2.44
C MET E 25 -17.66 12.79 0.99
N SER E 26 -18.41 13.81 0.60
CA SER E 26 -18.44 14.31 -0.78
C SER E 26 -18.76 13.19 -1.76
N GLN E 27 -19.79 12.40 -1.43
CA GLN E 27 -20.08 11.21 -2.23
C GLN E 27 -21.59 11.01 -2.34
N ASN E 28 -21.98 10.23 -3.35
CA ASN E 28 -23.37 9.93 -3.63
C ASN E 28 -23.74 8.58 -3.03
N TYR E 29 -24.85 8.56 -2.29
CA TYR E 29 -25.38 7.32 -1.75
C TYR E 29 -26.89 7.28 -1.99
N CYS E 30 -27.58 6.32 -1.40
CA CYS E 30 -28.99 6.11 -1.68
C CYS E 30 -29.83 6.26 -0.41
N ARG E 31 -31.08 6.65 -0.61
CA ARG E 31 -32.15 6.52 0.36
C ARG E 31 -33.08 5.44 -0.18
N CYS E 32 -33.03 4.27 0.43
CA CYS E 32 -33.73 3.10 -0.09
C CYS E 32 -35.21 3.16 0.22
N GLU E 33 -36.03 2.68 -0.72
CA GLU E 33 -37.42 2.43 -0.41
C GLU E 33 -37.51 1.31 0.62
N VAL E 34 -38.61 1.29 1.37
CA VAL E 34 -38.74 0.36 2.49
C VAL E 34 -38.66 -1.07 1.99
N GLY E 35 -37.86 -1.89 2.67
CA GLY E 35 -37.70 -3.28 2.34
C GLY E 35 -36.51 -3.61 1.45
N TYR E 36 -35.86 -2.60 0.87
CA TYR E 36 -34.76 -2.82 -0.06
C TYR E 36 -33.43 -2.52 0.62
N THR E 37 -32.45 -3.39 0.39
CA THR E 37 -31.13 -3.27 1.01
C THR E 37 -30.06 -3.21 -0.08
N GLY E 38 -28.88 -2.77 0.32
CA GLY E 38 -27.76 -2.60 -0.57
C GLY E 38 -27.38 -1.15 -0.77
N VAL E 39 -26.21 -0.95 -1.36
CA VAL E 39 -25.72 0.40 -1.62
C VAL E 39 -26.63 1.12 -2.60
N ARG E 40 -27.00 0.46 -3.69
CA ARG E 40 -27.93 1.00 -4.67
C ARG E 40 -29.34 0.48 -4.47
N CYS E 41 -29.64 -0.11 -3.31
CA CYS E 41 -30.94 -0.72 -3.03
C CYS E 41 -31.26 -1.81 -4.05
N GLU E 42 -30.23 -2.57 -4.44
CA GLU E 42 -30.38 -3.48 -5.57
C GLU E 42 -31.18 -4.72 -5.19
N HIS E 43 -30.94 -5.27 -4.00
CA HIS E 43 -31.59 -6.51 -3.57
C HIS E 43 -32.69 -6.20 -2.57
N PHE E 44 -33.77 -6.97 -2.65
CA PHE E 44 -34.87 -6.85 -1.70
C PHE E 44 -34.52 -7.61 -0.43
N PHE E 45 -34.53 -6.92 0.71
CA PHE E 45 -34.28 -7.57 1.99
C PHE E 45 -35.35 -8.62 2.25
N LEU E 46 -34.94 -9.88 2.26
CA LEU E 46 -35.88 -10.99 2.30
C LEU E 46 -36.35 -11.22 3.74
N THR E 47 -37.65 -11.05 3.96
CA THR E 47 -38.22 -11.31 5.27
C THR E 47 -38.09 -12.79 5.63
N VAL E 48 -37.96 -13.07 6.92
CA VAL E 48 -37.73 -14.43 7.41
C VAL E 48 -38.88 -15.35 7.03
N SER F 2 -29.18 71.38 -20.08
CA SER F 2 -28.21 70.33 -20.34
C SER F 2 -28.87 69.14 -21.04
N ILE F 3 -30.12 68.88 -20.69
CA ILE F 3 -30.89 67.80 -21.30
C ILE F 3 -31.69 68.39 -22.46
N THR F 4 -31.41 67.92 -23.68
CA THR F 4 -32.12 68.35 -24.86
C THR F 4 -32.69 67.14 -25.59
N LYS F 5 -33.41 67.39 -26.67
CA LYS F 5 -33.99 66.30 -27.45
C LYS F 5 -32.95 65.71 -28.39
N CYS F 6 -33.06 64.39 -28.61
CA CYS F 6 -32.20 63.73 -29.58
C CYS F 6 -32.51 64.22 -30.99
N SER F 7 -31.60 63.90 -31.91
CA SER F 7 -31.83 64.16 -33.32
C SER F 7 -32.75 63.11 -33.90
N SER F 8 -33.32 63.43 -35.07
CA SER F 8 -34.16 62.46 -35.77
C SER F 8 -33.36 61.25 -36.25
N ASP F 9 -32.04 61.40 -36.39
CA ASP F 9 -31.19 60.27 -36.73
C ASP F 9 -31.27 59.17 -35.68
N MET F 10 -31.57 59.53 -34.44
CA MET F 10 -31.68 58.57 -33.34
C MET F 10 -33.12 58.03 -33.28
N ASN F 11 -33.47 57.30 -34.34
CA ASN F 11 -34.80 56.70 -34.45
C ASN F 11 -34.78 55.34 -33.75
N GLY F 12 -35.43 55.26 -32.59
CA GLY F 12 -35.49 54.01 -31.86
C GLY F 12 -34.16 53.49 -31.37
N TYR F 13 -33.23 54.38 -31.01
CA TYR F 13 -31.98 53.92 -30.41
C TYR F 13 -32.24 53.21 -29.09
N CYS F 14 -33.19 53.70 -28.31
CA CYS F 14 -33.62 53.05 -27.08
C CYS F 14 -34.71 52.04 -27.39
N LEU F 15 -34.59 50.85 -26.83
CA LEU F 15 -35.53 49.78 -27.15
C LEU F 15 -36.88 50.02 -26.47
N HIS F 16 -36.87 50.31 -25.17
CA HIS F 16 -38.08 50.60 -24.41
C HIS F 16 -37.90 51.89 -23.62
N GLY F 17 -37.69 52.99 -24.34
CA GLY F 17 -37.51 54.27 -23.69
C GLY F 17 -37.37 55.37 -24.71
N GLN F 18 -37.43 56.60 -24.22
CA GLN F 18 -37.27 57.79 -25.03
C GLN F 18 -35.79 58.13 -25.18
N CYS F 19 -35.48 59.03 -26.11
CA CYS F 19 -34.11 59.44 -26.39
C CYS F 19 -33.87 60.84 -25.83
N ILE F 20 -32.69 61.03 -25.22
CA ILE F 20 -32.28 62.33 -24.69
C ILE F 20 -30.85 62.61 -25.14
N TYR F 21 -30.51 63.89 -25.23
CA TYR F 21 -29.17 64.31 -25.59
C TYR F 21 -28.56 65.10 -24.45
N LEU F 22 -27.29 64.81 -24.14
CA LEU F 22 -26.53 65.55 -23.14
C LEU F 22 -25.42 66.31 -23.84
N VAL F 23 -25.42 67.63 -23.66
CA VAL F 23 -24.54 68.51 -24.41
C VAL F 23 -23.14 68.56 -23.78
N ASP F 24 -23.05 68.50 -22.45
CA ASP F 24 -21.74 68.50 -21.81
C ASP F 24 -20.96 67.25 -22.18
N MET F 25 -21.61 66.10 -22.12
CA MET F 25 -20.99 64.86 -22.58
C MET F 25 -21.03 64.72 -24.10
N SER F 26 -21.84 65.53 -24.78
CA SER F 26 -21.98 65.49 -26.23
C SER F 26 -22.37 64.09 -26.70
N GLN F 27 -23.30 63.46 -25.98
CA GLN F 27 -23.70 62.10 -26.29
C GLN F 27 -25.21 61.96 -26.22
N ASN F 28 -25.69 60.80 -26.66
CA ASN F 28 -27.11 60.49 -26.66
C ASN F 28 -27.36 59.32 -25.70
N TYR F 29 -28.27 59.53 -24.76
CA TYR F 29 -28.63 58.50 -23.79
C TYR F 29 -30.14 58.28 -23.79
N CYS F 30 -30.63 57.50 -22.85
CA CYS F 30 -32.01 57.06 -22.88
C CYS F 30 -32.75 57.44 -21.60
N ARG F 31 -34.07 57.52 -21.73
CA ARG F 31 -35.01 57.70 -20.62
C ARG F 31 -35.92 56.47 -20.66
N CYS F 32 -35.53 55.43 -19.93
CA CYS F 32 -36.25 54.16 -20.02
C CYS F 32 -37.62 54.24 -19.39
N GLU F 33 -38.57 53.53 -19.98
CA GLU F 33 -39.86 53.34 -19.35
C GLU F 33 -39.68 52.66 -17.99
N VAL F 34 -40.59 52.94 -17.06
CA VAL F 34 -40.47 52.42 -15.72
C VAL F 34 -40.45 50.89 -15.76
N GLY F 35 -39.52 50.30 -15.03
CA GLY F 35 -39.34 48.86 -15.01
C GLY F 35 -38.31 48.33 -15.99
N TYR F 36 -37.74 49.18 -16.84
CA TYR F 36 -36.74 48.77 -17.82
C TYR F 36 -35.42 49.44 -17.50
N THR F 37 -34.33 48.68 -17.64
CA THR F 37 -32.99 49.16 -17.31
C THR F 37 -32.04 48.89 -18.45
N GLY F 38 -30.82 49.39 -18.31
CA GLY F 38 -29.80 49.28 -19.33
C GLY F 38 -29.56 50.62 -20.03
N VAL F 39 -28.37 50.73 -20.63
CA VAL F 39 -28.01 51.96 -21.33
C VAL F 39 -28.96 52.23 -22.50
N ARG F 40 -29.43 51.17 -23.15
CA ARG F 40 -30.39 51.28 -24.23
C ARG F 40 -31.77 50.75 -23.84
N CYS F 41 -32.02 50.61 -22.54
CA CYS F 41 -33.29 50.08 -22.03
C CYS F 41 -33.58 48.70 -22.61
N GLU F 42 -32.55 47.86 -22.68
CA GLU F 42 -32.68 46.57 -23.33
C GLU F 42 -33.25 45.50 -22.41
N HIS F 43 -32.93 45.56 -21.12
CA HIS F 43 -33.28 44.49 -20.18
C HIS F 43 -34.39 44.97 -19.25
N PHE F 44 -35.43 44.14 -19.12
CA PHE F 44 -36.49 44.39 -18.15
C PHE F 44 -35.98 44.13 -16.74
N PHE F 45 -36.09 45.12 -15.87
CA PHE F 45 -35.56 44.99 -14.52
C PHE F 45 -36.36 43.97 -13.72
N LEU F 46 -35.64 43.10 -13.02
CA LEU F 46 -36.27 42.08 -12.19
C LEU F 46 -35.69 42.12 -10.78
N ILE G 3 40.66 9.68 23.46
CA ILE G 3 39.46 8.98 23.04
C ILE G 3 39.47 7.57 23.60
N THR G 4 38.34 7.14 24.16
CA THR G 4 38.23 5.83 24.78
C THR G 4 37.71 4.79 23.79
N LYS G 5 37.64 3.55 24.23
CA LYS G 5 37.16 2.43 23.42
C LYS G 5 35.69 2.16 23.72
N CYS G 6 35.05 1.38 22.85
CA CYS G 6 33.64 1.11 22.98
C CYS G 6 33.38 0.06 24.06
N SER G 7 32.12 0.02 24.51
CA SER G 7 31.66 -0.95 25.48
C SER G 7 31.10 -2.18 24.76
N SER G 8 30.58 -3.12 25.54
CA SER G 8 30.08 -4.37 24.97
C SER G 8 28.76 -4.19 24.23
N ASP G 9 27.99 -3.14 24.55
CA ASP G 9 26.68 -2.97 23.94
C ASP G 9 26.79 -2.67 22.45
N MET G 10 27.77 -1.85 22.06
CA MET G 10 27.93 -1.42 20.68
C MET G 10 28.85 -2.32 19.86
N ASN G 11 29.20 -3.50 20.38
CA ASN G 11 30.20 -4.33 19.72
C ASN G 11 29.69 -4.88 18.39
N GLY G 12 28.42 -5.31 18.34
CA GLY G 12 27.88 -5.87 17.12
C GLY G 12 27.61 -4.86 16.03
N TYR G 13 27.59 -3.57 16.37
CA TYR G 13 27.29 -2.52 15.39
C TYR G 13 28.29 -2.52 14.25
N CYS G 14 29.57 -2.34 14.59
CA CYS G 14 30.61 -2.30 13.58
C CYS G 14 30.79 -3.67 12.94
N LEU G 15 30.87 -3.68 11.61
CA LEU G 15 31.02 -4.92 10.85
C LEU G 15 32.45 -5.06 10.33
N HIS G 16 32.86 -4.24 9.37
CA HIS G 16 34.24 -4.21 8.88
C HIS G 16 35.00 -3.01 9.44
N GLY G 17 34.86 -2.77 10.73
CA GLY G 17 35.56 -1.67 11.38
C GLY G 17 35.62 -1.89 12.88
N GLN G 18 36.50 -1.14 13.52
CA GLN G 18 36.67 -1.19 14.97
C GLN G 18 35.84 -0.09 15.61
N CYS G 19 35.06 -0.46 16.63
CA CYS G 19 34.23 0.53 17.32
C CYS G 19 35.11 1.45 18.15
N ILE G 20 34.76 2.74 18.13
CA ILE G 20 35.49 3.76 18.88
C ILE G 20 34.47 4.74 19.43
N TYR G 21 34.42 4.86 20.76
CA TYR G 21 33.52 5.82 21.42
C TYR G 21 34.31 7.08 21.74
N LEU G 22 33.86 8.20 21.18
CA LEU G 22 34.46 9.50 21.43
C LEU G 22 33.69 10.18 22.56
N VAL G 23 34.40 10.51 23.63
CA VAL G 23 33.78 11.08 24.82
C VAL G 23 33.42 12.54 24.60
N ASP G 24 34.27 13.29 23.91
CA ASP G 24 33.94 14.68 23.59
C ASP G 24 32.82 14.75 22.57
N MET G 25 32.84 13.88 21.57
CA MET G 25 31.71 13.75 20.66
C MET G 25 30.53 13.06 21.31
N SER G 26 30.76 12.28 22.36
CA SER G 26 29.73 11.48 23.01
C SER G 26 29.04 10.57 22.00
N GLN G 27 29.83 9.97 21.11
CA GLN G 27 29.27 9.22 19.99
C GLN G 27 30.10 7.98 19.73
N ASN G 28 29.59 7.12 18.86
CA ASN G 28 30.24 5.87 18.50
C ASN G 28 30.45 5.82 16.99
N TYR G 29 31.69 5.56 16.56
CA TYR G 29 32.00 5.49 15.14
C TYR G 29 32.88 4.29 14.86
N CYS G 30 32.72 3.71 13.68
CA CYS G 30 33.46 2.53 13.26
C CYS G 30 34.65 2.98 12.41
N ARG G 31 35.85 2.91 12.97
CA ARG G 31 37.06 3.09 12.18
C ARG G 31 37.12 1.94 11.17
N CYS G 32 36.82 2.23 9.90
CA CYS G 32 36.64 1.18 8.91
C CYS G 32 37.97 0.71 8.34
N GLU G 33 37.99 -0.56 7.94
CA GLU G 33 39.16 -1.14 7.30
C GLU G 33 39.41 -0.47 5.95
N VAL G 34 40.64 -0.61 5.47
CA VAL G 34 40.98 -0.06 4.16
C VAL G 34 40.15 -0.75 3.10
N GLY G 35 39.62 0.05 2.16
CA GLY G 35 38.68 -0.46 1.18
C GLY G 35 37.25 -0.59 1.67
N TYR G 36 36.96 -0.16 2.90
CA TYR G 36 35.63 -0.21 3.47
C TYR G 36 35.24 1.16 3.98
N THR G 37 33.95 1.47 3.87
CA THR G 37 33.44 2.77 4.32
C THR G 37 31.96 2.65 4.63
N GLY G 38 31.49 3.56 5.47
CA GLY G 38 30.10 3.62 5.88
C GLY G 38 29.97 3.80 7.37
N VAL G 39 28.71 3.90 7.82
CA VAL G 39 28.44 4.04 9.24
C VAL G 39 28.81 2.75 9.98
N ARG G 40 28.58 1.60 9.36
CA ARG G 40 28.98 0.31 9.91
C ARG G 40 29.97 -0.40 8.98
N CYS G 41 30.62 0.36 8.10
CA CYS G 41 31.62 -0.16 7.16
C CYS G 41 31.01 -1.22 6.24
N GLU G 42 29.74 -1.04 5.88
CA GLU G 42 29.06 -2.03 5.02
C GLU G 42 29.47 -1.89 3.56
N HIS G 43 29.74 -0.66 3.10
CA HIS G 43 30.08 -0.42 1.71
C HIS G 43 31.56 -0.60 1.47
N PHE G 44 31.91 -0.80 0.20
CA PHE G 44 33.30 -0.81 -0.25
C PHE G 44 33.63 0.55 -0.84
N PHE G 45 34.76 1.12 -0.44
CA PHE G 45 35.19 2.37 -1.04
C PHE G 45 35.59 2.15 -2.49
N LEU G 46 35.09 3.00 -3.38
CA LEU G 46 35.27 2.83 -4.81
C LEU G 46 36.23 3.89 -5.32
N THR G 47 37.31 3.46 -5.97
CA THR G 47 38.32 4.35 -6.52
C THR G 47 38.44 4.13 -8.01
N VAL G 48 38.42 5.22 -8.77
CA VAL G 48 38.54 5.16 -10.22
C VAL G 48 39.99 5.33 -10.64
N SER H 2 33.60 -59.71 28.97
CA SER H 2 34.72 -60.07 28.12
C SER H 2 34.54 -61.48 27.53
N ILE H 3 35.63 -62.03 26.99
CA ILE H 3 35.54 -63.28 26.23
C ILE H 3 35.17 -64.43 27.15
N THR H 4 34.12 -65.16 26.78
CA THR H 4 33.67 -66.34 27.51
C THR H 4 32.80 -67.16 26.57
N LYS H 5 32.95 -68.49 26.63
CA LYS H 5 32.19 -69.37 25.77
C LYS H 5 30.69 -69.23 26.03
N CYS H 6 29.91 -69.48 24.99
CA CYS H 6 28.46 -69.31 25.06
C CYS H 6 27.80 -70.57 25.59
N SER H 7 26.56 -70.41 26.06
CA SER H 7 25.84 -71.47 26.74
C SER H 7 25.56 -72.64 25.79
N SER H 8 25.13 -73.76 26.38
CA SER H 8 24.68 -74.91 25.61
C SER H 8 23.40 -74.62 24.83
N ASP H 9 22.81 -73.44 25.00
CA ASP H 9 21.71 -72.98 24.16
C ASP H 9 22.22 -72.15 22.99
N MET H 10 23.20 -71.28 23.23
CA MET H 10 23.80 -70.46 22.18
C MET H 10 24.87 -71.20 21.39
N ASN H 11 24.90 -72.53 21.45
CA ASN H 11 25.59 -73.30 20.44
C ASN H 11 24.69 -73.43 19.21
N GLY H 12 25.26 -73.25 18.03
CA GLY H 12 24.44 -73.10 16.86
C GLY H 12 23.73 -71.77 16.76
N TYR H 13 24.43 -70.68 17.08
CA TYR H 13 23.94 -69.33 16.87
C TYR H 13 24.75 -68.58 15.82
N CYS H 14 26.08 -68.66 15.90
CA CYS H 14 26.97 -68.07 14.91
C CYS H 14 27.17 -69.07 13.78
N LEU H 15 27.06 -68.60 12.54
CA LEU H 15 27.18 -69.49 11.40
C LEU H 15 28.63 -69.88 11.14
N HIS H 16 29.55 -68.91 11.16
CA HIS H 16 30.95 -69.16 10.85
C HIS H 16 31.92 -68.58 11.87
N GLY H 17 31.44 -68.18 13.04
CA GLY H 17 32.30 -67.60 14.06
C GLY H 17 32.08 -68.25 15.41
N GLN H 18 32.96 -67.91 16.35
CA GLN H 18 32.83 -68.37 17.72
C GLN H 18 31.94 -67.42 18.50
N CYS H 19 31.07 -67.99 19.33
CA CYS H 19 30.16 -67.21 20.16
C CYS H 19 30.91 -66.84 21.45
N ILE H 20 31.43 -65.62 21.50
CA ILE H 20 32.11 -65.11 22.68
C ILE H 20 31.10 -64.29 23.47
N TYR H 21 30.54 -64.88 24.50
CA TYR H 21 29.59 -64.18 25.37
C TYR H 21 30.30 -63.07 26.13
N LEU H 22 29.91 -61.83 25.87
CA LEU H 22 30.50 -60.69 26.58
C LEU H 22 29.89 -60.61 27.98
N VAL H 23 30.72 -60.84 28.99
CA VAL H 23 30.24 -60.80 30.37
C VAL H 23 29.84 -59.37 30.75
N ASP H 24 30.69 -58.40 30.39
CA ASP H 24 30.39 -57.00 30.72
C ASP H 24 29.16 -56.50 29.99
N MET H 25 28.92 -56.97 28.77
CA MET H 25 27.74 -56.57 28.02
C MET H 25 26.52 -57.45 28.30
N SER H 26 26.73 -58.60 28.95
CA SER H 26 25.63 -59.52 29.28
C SER H 26 24.89 -59.96 28.03
N GLN H 27 25.61 -60.14 26.93
CA GLN H 27 25.02 -60.56 25.66
C GLN H 27 26.06 -61.33 24.86
N ASN H 28 25.58 -62.15 23.94
CA ASN H 28 26.45 -62.94 23.09
C ASN H 28 26.90 -62.12 21.89
N TYR H 29 28.03 -62.54 21.30
CA TYR H 29 28.58 -61.88 20.14
C TYR H 29 29.27 -62.91 19.27
N CYS H 30 29.20 -62.71 17.95
CA CYS H 30 29.77 -63.62 16.97
C CYS H 30 31.08 -63.05 16.46
N ARG H 31 32.20 -63.60 16.93
CA ARG H 31 33.52 -63.28 16.39
C ARG H 31 33.65 -64.02 15.07
N CYS H 32 33.24 -63.35 13.99
CA CYS H 32 33.03 -64.00 12.71
C CYS H 32 34.35 -64.43 12.08
N GLU H 33 34.25 -65.06 10.91
CA GLU H 33 35.37 -65.58 10.17
C GLU H 33 35.80 -64.59 9.09
N VAL H 34 36.97 -64.85 8.49
CA VAL H 34 37.45 -64.02 7.40
C VAL H 34 36.51 -64.16 6.21
N GLY H 35 36.06 -63.02 5.70
CA GLY H 35 35.12 -63.01 4.60
C GLY H 35 33.67 -63.20 4.98
N TYR H 36 33.36 -63.22 6.27
CA TYR H 36 31.99 -63.41 6.74
C TYR H 36 31.71 -62.36 7.81
N THR H 37 30.54 -61.72 7.71
CA THR H 37 30.16 -60.67 8.65
C THR H 37 28.67 -60.72 8.91
N GLY H 38 28.26 -60.17 10.04
CA GLY H 38 26.86 -60.13 10.42
C GLY H 38 26.61 -60.43 11.88
N VAL H 39 25.35 -60.34 12.30
CA VAL H 39 25.01 -60.66 13.68
C VAL H 39 25.27 -62.12 13.98
N ARG H 40 24.97 -63.00 13.02
CA ARG H 40 25.23 -64.43 13.14
C ARG H 40 26.17 -64.90 12.03
N CYS H 41 27.02 -64.01 11.53
CA CYS H 41 27.97 -64.31 10.46
C CYS H 41 27.24 -64.81 9.20
N GLU H 42 26.17 -64.12 8.84
CA GLU H 42 25.34 -64.57 7.74
C GLU H 42 25.78 -64.02 6.38
N HIS H 43 26.10 -62.73 6.30
CA HIS H 43 26.44 -62.11 5.04
C HIS H 43 27.91 -62.30 4.71
N PHE H 44 28.22 -62.33 3.42
CA PHE H 44 29.59 -62.38 2.93
C PHE H 44 30.12 -60.96 2.83
N PHE H 45 31.23 -60.68 3.51
CA PHE H 45 31.81 -59.34 3.49
C PHE H 45 32.36 -59.00 2.10
C1 NAG I . -23.40 -5.91 -16.37
C2 NAG I . -23.24 -5.19 -15.04
C3 NAG I . -21.86 -4.55 -14.98
C4 NAG I . -20.76 -5.57 -15.31
C5 NAG I . -21.10 -6.39 -16.55
C6 NAG I . -20.17 -7.58 -16.74
C7 NAG I . -25.20 -4.31 -13.88
C8 NAG I . -26.21 -3.19 -13.82
N2 NAG I . -24.28 -4.20 -14.84
O3 NAG I . -21.67 -4.01 -13.68
O4 NAG I . -19.54 -4.88 -15.57
O5 NAG I . -22.43 -6.93 -16.48
O6 NAG I . -20.20 -8.44 -15.61
O7 NAG I . -25.23 -5.25 -13.11
C1 NAG I . -18.73 -4.73 -14.39
C2 NAG I . -17.26 -4.78 -14.80
C3 NAG I . -16.37 -4.59 -13.57
C4 NAG I . -16.74 -3.31 -12.84
C5 NAG I . -18.23 -3.26 -12.54
C6 NAG I . -18.68 -1.93 -11.98
C7 NAG I . -16.86 -6.11 -16.82
C8 NAG I . -16.52 -7.46 -17.36
N2 NAG I . -16.95 -6.01 -15.49
O3 NAG I . -15.01 -4.55 -13.98
O4 NAG I . -16.03 -3.25 -11.60
O5 NAG I . -19.00 -3.48 -13.74
O6 NAG I . -18.54 -0.89 -12.95
O7 NAG I . -17.05 -5.13 -17.55
C1 BMA I . -15.10 -2.13 -11.61
C2 BMA I . -14.95 -1.60 -10.16
C3 BMA I . -13.90 -0.48 -10.13
C4 BMA I . -12.60 -0.90 -10.85
C5 BMA I . -12.90 -1.46 -12.26
C6 BMA I . -11.66 -2.01 -12.95
O2 BMA I . -14.50 -2.62 -9.29
O3 BMA I . -13.58 -0.08 -8.79
O4 BMA I . -11.74 0.23 -10.98
O5 BMA I . -13.84 -2.54 -12.13
O6 BMA I . -10.66 -1.00 -12.94
C1 MAN I . -14.74 0.42 -8.09
C2 MAN I . -14.42 1.85 -7.58
C3 MAN I . -13.37 1.79 -6.47
C4 MAN I . -13.74 0.76 -5.39
C5 MAN I . -14.03 -0.60 -6.04
C6 MAN I . -14.50 -1.66 -5.05
O2 MAN I . -15.57 2.46 -6.99
O3 MAN I . -13.16 3.06 -5.87
O4 MAN I . -12.68 0.62 -4.45
O5 MAN I . -15.06 -0.45 -7.03
O6 MAN I . -14.74 -2.86 -5.76
C1 NAG J . -26.36 41.18 -33.40
C2 NAG J . -26.02 42.18 -32.31
C3 NAG J . -24.74 42.92 -32.68
C4 NAG J . -23.63 41.94 -33.05
C5 NAG J . -24.10 40.80 -33.96
C6 NAG J . -23.10 39.68 -34.08
C7 NAG J . -27.36 43.69 -30.93
C8 NAG J . -28.53 44.63 -30.89
N2 NAG J . -27.12 43.12 -32.10
O3 NAG J . -24.36 43.73 -31.58
O4 NAG J . -22.60 42.65 -33.75
O5 NAG J . -25.33 40.22 -33.48
O6 NAG J . -22.82 39.10 -32.81
O7 NAG J . -26.68 43.47 -29.93
C1 NAG J . -21.60 43.20 -32.86
C2 NAG J . -20.25 43.15 -33.55
C3 NAG J . -19.17 43.72 -32.62
C4 NAG J . -19.57 45.10 -32.11
C5 NAG J . -21.01 45.14 -31.59
C6 NAG J . -21.51 46.53 -31.31
C7 NAG J . -19.93 41.40 -35.23
C8 NAG J . -19.56 39.97 -35.47
N2 NAG J . -19.91 41.80 -33.95
O3 NAG J . -17.94 43.79 -33.32
O4 NAG J . -18.71 45.45 -31.02
O5 NAG J . -21.92 44.56 -32.53
O6 NAG J . -22.30 47.02 -32.39
O7 NAG J . -20.24 42.15 -36.14
C1 BMA J . -17.77 46.48 -31.33
C2 BMA J . -17.13 46.89 -29.99
C3 BMA J . -16.00 47.92 -30.19
C4 BMA J . -15.05 47.49 -31.32
C5 BMA J . -15.80 47.07 -32.59
C6 BMA J . -14.85 46.51 -33.63
O2 BMA J . -16.55 45.77 -29.35
O3 BMA J . -15.23 48.11 -29.00
O4 BMA J . -14.17 48.57 -31.63
O5 BMA J . -16.77 46.06 -32.26
O6 BMA J . -15.57 46.16 -34.80
C1 MAN J . -15.77 49.15 -28.15
C2 MAN J . -15.99 48.48 -26.77
C3 MAN J . -16.74 49.40 -25.84
C4 MAN J . -18.10 49.80 -26.46
C5 MAN J . -17.93 50.43 -27.87
C6 MAN J . -17.65 51.94 -27.89
O2 MAN J . -14.75 48.20 -26.12
O3 MAN J . -15.98 50.55 -25.51
O4 MAN J . -18.94 48.67 -26.53
O5 MAN J . -16.96 49.73 -28.72
O6 MAN J . -16.42 52.21 -27.24
C1 MAN J . -14.79 45.22 -35.57
C2 MAN J . -15.59 43.88 -35.60
C3 MAN J . -14.83 42.80 -36.40
C4 MAN J . -13.30 42.98 -36.29
C5 MAN J . -12.95 43.69 -34.98
C6 MAN J . -11.45 43.78 -34.72
O2 MAN J . -16.84 44.04 -36.26
O3 MAN J . -15.23 42.80 -37.77
O4 MAN J . -12.67 41.70 -36.31
O5 MAN J . -13.47 45.05 -35.02
O6 MAN J . -11.24 43.96 -33.33
C1 NAG K . 16.17 -4.02 7.73
C2 NAG K . 16.94 -2.76 8.02
C3 NAG K . 16.54 -2.25 9.39
C4 NAG K . 15.02 -2.10 9.50
C5 NAG K . 14.23 -3.24 8.83
C6 NAG K . 12.80 -2.86 8.50
C7 NAG K . 19.11 -3.91 8.40
C8 NAG K . 20.58 -3.84 8.16
N2 NAG K . 18.39 -2.91 7.90
O3 NAG K . 17.17 -1.00 9.63
O4 NAG K . 14.65 -2.12 10.87
O5 NAG K . 14.81 -3.71 7.60
O6 NAG K . 12.06 -2.55 9.68
O7 NAG K . 18.61 -4.85 9.02
C1 NAG K . 14.37 -0.79 11.37
C2 NAG K . 14.06 -0.88 12.84
C3 NAG K . 13.72 0.51 13.37
C4 NAG K . 14.87 1.46 13.08
C5 NAG K . 15.33 1.40 11.63
C6 NAG K . 16.68 2.04 11.44
C7 NAG K . 13.04 -2.69 14.14
C8 NAG K . 11.86 -3.59 14.30
N2 NAG K . 12.99 -1.81 13.12
O3 NAG K . 13.48 0.43 14.77
O4 NAG K . 14.44 2.81 13.35
O5 NAG K . 15.50 0.05 11.17
O6 NAG K . 17.73 1.10 11.60
O7 NAG K . 14.00 -2.74 14.89
C1 BMA K . 15.06 3.28 14.56
C2 BMA K . 15.99 4.45 14.19
C3 BMA K . 16.54 5.12 15.46
C4 BMA K . 15.42 5.39 16.50
C5 BMA K . 14.57 4.13 16.72
C6 BMA K . 13.38 4.39 17.63
O2 BMA K . 15.28 5.45 13.47
O3 BMA K . 17.20 6.34 15.15
O4 BMA K . 16.01 5.79 17.73
O5 BMA K . 14.05 3.69 15.46
O6 BMA K . 12.52 5.31 16.98
C1 MAN K . 18.54 6.28 15.65
C2 MAN K . 18.74 7.52 16.59
C3 MAN K . 18.83 8.81 15.77
C4 MAN K . 19.83 8.67 14.62
C5 MAN K . 19.45 7.47 13.75
C6 MAN K . 20.41 7.25 12.60
O2 MAN K . 19.98 7.42 17.30
O3 MAN K . 19.15 9.92 16.59
O4 MAN K . 19.81 9.86 13.83
O5 MAN K . 19.47 6.29 14.57
O6 MAN K . 20.51 8.45 11.85
C1 NAG L . 15.57 22.15 22.47
C2 NAG L . 14.18 22.80 22.55
C3 NAG L . 13.14 22.10 21.65
C4 NAG L . 13.24 20.57 21.65
C5 NAG L . 14.68 20.08 21.83
C6 NAG L . 15.05 18.94 20.92
C7 NAG L . 13.69 22.00 24.86
C8 NAG L . 13.13 22.40 26.19
N2 NAG L . 13.69 22.95 23.92
O3 NAG L . 13.26 22.59 20.33
O4 NAG L . 12.39 20.01 22.64
O5 NAG L . 15.57 21.16 21.50
O6 NAG L . 16.33 18.41 21.25
O7 NAG L . 14.11 20.86 24.67
C1 NAG L . 11.91 18.70 22.21
C2 NAG L . 10.72 18.31 23.06
C3 NAG L . 10.24 16.92 22.65
C4 NAG L . 9.92 16.89 21.16
C5 NAG L . 11.11 17.41 20.34
C6 NAG L . 10.77 17.57 18.87
C7 NAG L . 10.47 19.19 25.33
C8 NAG L . 10.92 19.09 26.76
N2 NAG L . 11.04 18.34 24.48
O3 NAG L . 9.08 16.57 23.40
O4 NAG L . 9.62 15.57 20.75
O5 NAG L . 11.53 18.71 20.81
O6 NAG L . 9.65 18.42 18.69
O7 NAG L . 9.62 20.00 24.97
C1 NAG M . 12.67 -66.41 9.68
C2 NAG M . 13.67 -65.51 10.36
C3 NAG M . 13.27 -65.32 11.82
C4 NAG M . 11.81 -64.86 11.93
C5 NAG M . 10.87 -65.61 10.97
C6 NAG M . 9.54 -64.91 10.79
C7 NAG M . 15.46 -67.18 10.75
C8 NAG M . 16.90 -67.49 10.51
N2 NAG M . 15.03 -66.00 10.25
O3 NAG M . 14.13 -64.37 12.43
O4 NAG M . 11.36 -65.09 13.25
O5 NAG M . 11.42 -65.77 9.66
O6 NAG M . 9.71 -63.70 10.04
O7 NAG M . 14.71 -67.95 11.33
C1 NAG M . 11.41 -63.89 14.07
C2 NAG M . 10.30 -63.94 15.10
C3 NAG M . 10.31 -62.66 15.93
C4 NAG M . 11.68 -62.41 16.53
C5 NAG M . 12.81 -62.58 15.51
C6 NAG M . 14.18 -62.63 16.13
C7 NAG M . 8.40 -63.34 13.62
C8 NAG M . 7.05 -63.77 13.13
N2 NAG M . 8.99 -64.17 14.50
O3 NAG M . 9.35 -62.78 16.97
O4 NAG M . 11.75 -61.07 16.98
O5 NAG M . 12.67 -63.79 14.74
O6 NAG M . 15.20 -62.82 15.18
O7 NAG M . 8.94 -62.30 13.25
C1 BMA M . 11.66 -60.90 18.41
C2 BMA M . 13.04 -60.38 18.90
C3 BMA M . 12.96 -59.72 20.30
C4 BMA M . 11.72 -58.83 20.44
C5 BMA M . 10.47 -59.62 20.08
C6 BMA M . 9.21 -58.78 20.21
O2 BMA M . 13.56 -59.39 18.02
O3 BMA M . 14.11 -58.93 20.58
O4 BMA M . 11.61 -58.34 21.76
O5 BMA M . 10.58 -60.03 18.70
O6 BMA M . 8.10 -59.57 19.79
C1 MAN M . 15.22 -59.75 21.00
C2 MAN M . 14.94 -60.28 22.44
C3 MAN M . 15.09 -59.14 23.47
C4 MAN M . 16.42 -58.40 23.29
C5 MAN M . 16.51 -57.88 21.85
C6 MAN M . 17.81 -57.14 21.57
O2 MAN M . 15.90 -61.26 22.82
O3 MAN M . 14.97 -59.62 24.80
O4 MAN M . 16.49 -57.32 24.20
O5 MAN M . 16.43 -59.00 20.94
O6 MAN M . 18.88 -58.07 21.63
C1 NAG N . -33.52 -9.94 20.97
C2 NAG N . -35.03 -9.65 20.90
C3 NAG N . -35.68 -9.89 22.26
C4 NAG N . -35.36 -11.29 22.76
C5 NAG N . -33.85 -11.50 22.78
C6 NAG N . -33.45 -12.91 23.19
C7 NAG N . -35.98 -8.00 19.35
C8 NAG N . -36.13 -6.54 19.04
N2 NAG N . -35.27 -8.29 20.45
O3 NAG N . -37.09 -9.73 22.14
O4 NAG N . -35.88 -11.47 24.08
O5 NAG N . -33.31 -11.28 21.46
O6 NAG N . -34.28 -13.87 22.57
O7 NAG N . -36.46 -8.88 18.64
C1 NAG O . -33.16 49.18 3.77
C2 NAG O . -34.62 49.62 3.81
C3 NAG O . -35.11 49.70 5.24
C4 NAG O . -34.90 48.35 5.93
C5 NAG O . -33.45 47.90 5.81
C6 NAG O . -33.23 46.50 6.32
C7 NAG O . -35.57 51.03 2.04
C8 NAG O . -35.66 52.42 1.47
N2 NAG O . -34.80 50.90 3.13
O3 NAG O . -36.48 50.05 5.27
O4 NAG O . -35.25 48.47 7.31
O5 NAG O . -33.03 47.91 4.43
O6 NAG O . -31.85 46.23 6.55
O7 NAG O . -36.16 50.08 1.53
C1 NAG P . -2.87 56.46 -20.41
C2 NAG P . -3.44 55.63 -21.55
C3 NAG P . -2.45 54.54 -21.92
C4 NAG P . -1.08 55.13 -22.24
C5 NAG P . -0.62 56.05 -21.11
C6 NAG P . 0.64 56.81 -21.46
C7 NAG P . -5.87 55.39 -21.82
C8 NAG P . -7.10 54.69 -21.34
N2 NAG P . -4.73 55.06 -21.19
O3 NAG P . -2.94 53.81 -23.04
O4 NAG P . -0.13 54.09 -22.41
O5 NAG P . -1.63 57.03 -20.81
O6 NAG P . 0.39 57.78 -22.47
O7 NAG P . -5.89 56.23 -22.71
C1 NAG Q . 37.73 22.98 -9.46
C2 NAG Q . 38.61 21.85 -9.99
C3 NAG Q . 39.96 22.40 -10.41
C4 NAG Q . 39.78 23.52 -11.43
C5 NAG Q . 38.79 24.57 -10.90
C6 NAG Q . 38.42 25.60 -11.93
C7 NAG Q . 39.48 19.69 -9.20
C8 NAG Q . 39.54 18.72 -8.05
N2 NAG Q . 38.77 20.80 -8.98
O3 NAG Q . 40.74 21.35 -10.98
O4 NAG Q . 41.02 24.15 -11.68
O5 NAG Q . 37.57 23.95 -10.48
O6 NAG Q . 39.58 26.08 -12.63
O7 NAG Q . 40.04 19.47 -10.27
C1 NAG R . 35.93 -36.68 2.81
C2 NAG R . 37.04 -37.19 1.91
C3 NAG R . 38.11 -36.12 1.75
C4 NAG R . 37.48 -34.82 1.23
C5 NAG R . 36.28 -34.41 2.09
C6 NAG R . 35.50 -33.27 1.50
C7 NAG R . 38.43 -39.20 1.74
C8 NAG R . 38.94 -40.43 2.44
N2 NAG R . 37.63 -38.41 2.45
O3 NAG R . 39.11 -36.57 0.85
O4 NAG R . 38.44 -33.78 1.23
O5 NAG R . 35.36 -35.51 2.23
O6 NAG R . 36.33 -32.43 0.71
O7 NAG R . 38.74 -38.95 0.58
C1 NAG S . 12.18 -46.94 31.57
C2 NAG S . 11.98 -48.07 32.58
C3 NAG S . 10.57 -48.66 32.45
C4 NAG S . 9.52 -47.56 32.52
C5 NAG S . 9.83 -46.46 31.51
C6 NAG S . 8.90 -45.29 31.61
C7 NAG S . 13.79 -49.53 33.38
C8 NAG S . 14.77 -50.60 33.02
N2 NAG S . 12.98 -49.12 32.39
O3 NAG S . 10.36 -49.62 33.47
O4 NAG S . 8.24 -48.10 32.25
O5 NAG S . 11.15 -45.96 31.73
O6 NAG S . 9.35 -44.19 30.83
O7 NAG S . 13.73 -49.05 34.50
#